data_4OZS
# 
_entry.id   4OZS 
# 
_audit_conform.dict_name       mmcif_pdbx.dic 
_audit_conform.dict_version    5.397 
_audit_conform.dict_location   http://mmcif.pdb.org/dictionaries/ascii/mmcif_pdbx.dic 
# 
loop_
_database_2.database_id 
_database_2.database_code 
_database_2.pdbx_database_accession 
_database_2.pdbx_DOI 
PDB   4OZS         pdb_00004ozs 10.2210/pdb4ozs/pdb 
WWPDB D_1000200111 ?            ?                   
# 
loop_
_pdbx_audit_revision_history.ordinal 
_pdbx_audit_revision_history.data_content_type 
_pdbx_audit_revision_history.major_revision 
_pdbx_audit_revision_history.minor_revision 
_pdbx_audit_revision_history.revision_date 
1 'Structure model' 1 0 2015-04-22 
2 'Structure model' 1 1 2017-11-22 
3 'Structure model' 2 0 2018-08-22 
4 'Structure model' 2 1 2023-12-27 
5 'Structure model' 2 2 2024-10-30 
# 
_pdbx_audit_revision_details.ordinal             1 
_pdbx_audit_revision_details.revision_ordinal    1 
_pdbx_audit_revision_details.data_content_type   'Structure model' 
_pdbx_audit_revision_details.provider            repository 
_pdbx_audit_revision_details.type                'Initial release' 
_pdbx_audit_revision_details.description         ? 
_pdbx_audit_revision_details.details             ? 
# 
loop_
_pdbx_audit_revision_group.ordinal 
_pdbx_audit_revision_group.revision_ordinal 
_pdbx_audit_revision_group.data_content_type 
_pdbx_audit_revision_group.group 
1  2 'Structure model' Advisory                 
2  2 'Structure model' 'Data collection'        
3  2 'Structure model' 'Derived calculations'   
4  2 'Structure model' Other                    
5  2 'Structure model' 'Refinement description' 
6  2 'Structure model' 'Source and taxonomy'    
7  3 'Structure model' Advisory                 
8  3 'Structure model' 'Atomic model'           
9  3 'Structure model' 'Data collection'        
10 3 'Structure model' 'Derived calculations'   
11 3 'Structure model' 'Refinement description' 
12 4 'Structure model' 'Data collection'        
13 4 'Structure model' 'Database references'    
14 4 'Structure model' 'Derived calculations'   
15 5 'Structure model' 'Structure summary'      
# 
loop_
_pdbx_audit_revision_category.ordinal 
_pdbx_audit_revision_category.revision_ordinal 
_pdbx_audit_revision_category.data_content_type 
_pdbx_audit_revision_category.category 
1  2 'Structure model' diffrn_source               
2  2 'Structure model' entity_src_gen              
3  2 'Structure model' pdbx_database_status        
4  2 'Structure model' pdbx_struct_oper_list       
5  2 'Structure model' pdbx_validate_symm_contact  
6  2 'Structure model' software                    
7  3 'Structure model' atom_site                   
8  3 'Structure model' pdbx_nonpoly_scheme         
9  3 'Structure model' pdbx_struct_assembly        
10 3 'Structure model' pdbx_struct_assembly_gen    
11 3 'Structure model' pdbx_struct_assembly_prop   
12 3 'Structure model' pdbx_struct_oper_list       
13 3 'Structure model' pdbx_validate_close_contact 
14 3 'Structure model' pdbx_validate_symm_contact  
15 3 'Structure model' refine_hist                 
16 3 'Structure model' struct_conn                 
17 4 'Structure model' chem_comp_atom              
18 4 'Structure model' chem_comp_bond              
19 4 'Structure model' database_2                  
20 4 'Structure model' struct_conn                 
21 5 'Structure model' pdbx_entry_details          
22 5 'Structure model' pdbx_modification_feature   
# 
loop_
_pdbx_audit_revision_item.ordinal 
_pdbx_audit_revision_item.revision_ordinal 
_pdbx_audit_revision_item.data_content_type 
_pdbx_audit_revision_item.item 
1  2 'Structure model' '_diffrn_source.pdbx_synchrotron_site'        
2  2 'Structure model' '_entity_src_gen.pdbx_alt_source_flag'        
3  2 'Structure model' '_pdbx_database_status.pdb_format_compatible' 
4  2 'Structure model' '_pdbx_struct_oper_list.symmetry_operation'   
5  2 'Structure model' '_pdbx_validate_symm_contact.auth_atom_id_2'  
6  2 'Structure model' '_pdbx_validate_symm_contact.dist'            
7  2 'Structure model' '_software.classification'                    
8  3 'Structure model' '_atom_site.B_iso_or_equiv'                   
9  3 'Structure model' '_atom_site.Cartn_x'                          
10 3 'Structure model' '_atom_site.Cartn_y'                          
11 3 'Structure model' '_atom_site.Cartn_z'                          
12 3 'Structure model' '_pdbx_nonpoly_scheme.auth_seq_num'           
13 3 'Structure model' '_pdbx_struct_assembly.details'               
14 3 'Structure model' '_pdbx_struct_assembly.method_details'        
15 3 'Structure model' '_pdbx_struct_assembly.oligomeric_count'      
16 3 'Structure model' '_pdbx_struct_assembly.oligomeric_details'    
17 3 'Structure model' '_pdbx_struct_assembly_gen.oper_expression'   
18 3 'Structure model' '_pdbx_validate_close_contact.auth_seq_id_1'  
19 3 'Structure model' '_pdbx_validate_close_contact.auth_seq_id_2'  
20 3 'Structure model' '_refine_hist.number_atoms_solvent'           
21 3 'Structure model' '_refine_hist.number_atoms_total'             
22 3 'Structure model' '_refine_hist.pdbx_number_atoms_ligand'       
23 3 'Structure model' '_refine_hist.pdbx_number_atoms_nucleic_acid' 
24 3 'Structure model' '_refine_hist.pdbx_number_atoms_protein'      
25 4 'Structure model' '_database_2.pdbx_DOI'                        
26 4 'Structure model' '_database_2.pdbx_database_accession'         
27 4 'Structure model' '_struct_conn.pdbx_leaving_atom_flag'         
# 
_pdbx_database_status.status_code                     REL 
_pdbx_database_status.status_code_sf                  REL 
_pdbx_database_status.status_code_mr                  . 
_pdbx_database_status.entry_id                        4OZS 
_pdbx_database_status.recvd_initial_deposition_date   2014-02-19 
_pdbx_database_status.SG_entry                        N 
_pdbx_database_status.deposit_site                    RCSB 
_pdbx_database_status.process_site                    RCSB 
_pdbx_database_status.status_code_cs                  . 
_pdbx_database_status.methods_development_category    . 
_pdbx_database_status.pdb_format_compatible           Y 
_pdbx_database_status.status_code_nmr_data            ? 
# 
loop_
_audit_author.name 
_audit_author.pdbx_ordinal 
'Gully, B.S.' 1 
'Bond, C.S.'  2 
# 
_citation.abstract                  . 
_citation.abstract_id_CAS           . 
_citation.book_id_ISBN              . 
_citation.book_publisher            ? 
_citation.book_publisher_city       . 
_citation.book_title                . 
_citation.coordinate_linkage        . 
_citation.country                   US 
_citation.database_id_Medline       . 
_citation.details                   . 
_citation.id                        primary 
_citation.journal_abbrev            'Acta Crystallogr.,Sect.D' 
_citation.journal_id_ASTM           ABCRE6 
_citation.journal_id_CSD            ? 
_citation.journal_id_ISSN           1399-0047 
_citation.journal_full              . 
_citation.journal_issue             . 
_citation.journal_volume            71 
_citation.language                  . 
_citation.page_first                196 
_citation.page_last                 208 
_citation.title                     'The design and structural characterization of a synthetic pentatricopeptide repeat protein.' 
_citation.year                      2015 
_citation.database_id_CSD           . 
_citation.pdbx_database_id_DOI      10.1107/S1399004714024869 
_citation.pdbx_database_id_PubMed   25664731 
_citation.unpublished_flag          . 
# 
loop_
_citation_author.citation_id 
_citation_author.name 
_citation_author.ordinal 
_citation_author.identifier_ORCID 
primary 'Gully, B.S.'       1  ? 
primary 'Shah, K.R.'        2  ? 
primary 'Lee, M.'           3  ? 
primary 'Shearston, K.'     4  ? 
primary 'Smith, N.M.'       5  ? 
primary 'Sadowska, A.'      6  ? 
primary 'Blythe, A.J.'      7  ? 
primary 'Bernath-Levin, K.' 8  ? 
primary 'Stanley, W.A.'     9  ? 
primary 'Small, I.D.'       10 ? 
primary 'Bond, C.S.'        11 ? 
# 
loop_
_entity.id 
_entity.type 
_entity.src_method 
_entity.pdbx_description 
_entity.formula_weight 
_entity.pdbx_number_of_molecules 
_entity.pdbx_ec 
_entity.pdbx_mutation 
_entity.pdbx_fragment 
_entity.details 
1 polymer man 'Alpha solenoid protein' 19480.521 1  ? ? ? ? 
2 water   nat water                    18.015    45 ? ? ? ? 
# 
_entity_poly.entity_id                      1 
_entity_poly.type                           'polypeptide(L)' 
_entity_poly.nstd_linkage                   no 
_entity_poly.nstd_monomer                   no 
_entity_poly.pdbx_seq_one_letter_code       
;DVVTYNTLIDGLAKAGRLEEALQLFQEMKEKGVKPDVVTYNTLIDGLAKAGRLEEALQLFQEMKEKGVKPDVVTYNTLID
GLAKAGRLEEALQLFQEMKEKGVKPDVVTYNTLIDGLAKAGRLEEALQLFQEMKEKGVKPDVVTYNTLIDGLAKAGRLEE
ALQLFQEMKEKGVKP
;
_entity_poly.pdbx_seq_one_letter_code_can   
;DVVTYNTLIDGLAKAGRLEEALQLFQEMKEKGVKPDVVTYNTLIDGLAKAGRLEEALQLFQEMKEKGVKPDVVTYNTLID
GLAKAGRLEEALQLFQEMKEKGVKPDVVTYNTLIDGLAKAGRLEEALQLFQEMKEKGVKPDVVTYNTLIDGLAKAGRLEE
ALQLFQEMKEKGVKP
;
_entity_poly.pdbx_strand_id                 A 
_entity_poly.pdbx_target_identifier         ? 
# 
_pdbx_entity_nonpoly.entity_id   2 
_pdbx_entity_nonpoly.name        water 
_pdbx_entity_nonpoly.comp_id     HOH 
# 
loop_
_entity_poly_seq.entity_id 
_entity_poly_seq.num 
_entity_poly_seq.mon_id 
_entity_poly_seq.hetero 
1 1   ASP n 
1 2   VAL n 
1 3   VAL n 
1 4   THR n 
1 5   TYR n 
1 6   ASN n 
1 7   THR n 
1 8   LEU n 
1 9   ILE n 
1 10  ASP n 
1 11  GLY n 
1 12  LEU n 
1 13  ALA n 
1 14  LYS n 
1 15  ALA n 
1 16  GLY n 
1 17  ARG n 
1 18  LEU n 
1 19  GLU n 
1 20  GLU n 
1 21  ALA n 
1 22  LEU n 
1 23  GLN n 
1 24  LEU n 
1 25  PHE n 
1 26  GLN n 
1 27  GLU n 
1 28  MET n 
1 29  LYS n 
1 30  GLU n 
1 31  LYS n 
1 32  GLY n 
1 33  VAL n 
1 34  LYS n 
1 35  PRO n 
1 36  ASP n 
1 37  VAL n 
1 38  VAL n 
1 39  THR n 
1 40  TYR n 
1 41  ASN n 
1 42  THR n 
1 43  LEU n 
1 44  ILE n 
1 45  ASP n 
1 46  GLY n 
1 47  LEU n 
1 48  ALA n 
1 49  LYS n 
1 50  ALA n 
1 51  GLY n 
1 52  ARG n 
1 53  LEU n 
1 54  GLU n 
1 55  GLU n 
1 56  ALA n 
1 57  LEU n 
1 58  GLN n 
1 59  LEU n 
1 60  PHE n 
1 61  GLN n 
1 62  GLU n 
1 63  MET n 
1 64  LYS n 
1 65  GLU n 
1 66  LYS n 
1 67  GLY n 
1 68  VAL n 
1 69  LYS n 
1 70  PRO n 
1 71  ASP n 
1 72  VAL n 
1 73  VAL n 
1 74  THR n 
1 75  TYR n 
1 76  ASN n 
1 77  THR n 
1 78  LEU n 
1 79  ILE n 
1 80  ASP n 
1 81  GLY n 
1 82  LEU n 
1 83  ALA n 
1 84  LYS n 
1 85  ALA n 
1 86  GLY n 
1 87  ARG n 
1 88  LEU n 
1 89  GLU n 
1 90  GLU n 
1 91  ALA n 
1 92  LEU n 
1 93  GLN n 
1 94  LEU n 
1 95  PHE n 
1 96  GLN n 
1 97  GLU n 
1 98  MET n 
1 99  LYS n 
1 100 GLU n 
1 101 LYS n 
1 102 GLY n 
1 103 VAL n 
1 104 LYS n 
1 105 PRO n 
1 106 ASP n 
1 107 VAL n 
1 108 VAL n 
1 109 THR n 
1 110 TYR n 
1 111 ASN n 
1 112 THR n 
1 113 LEU n 
1 114 ILE n 
1 115 ASP n 
1 116 GLY n 
1 117 LEU n 
1 118 ALA n 
1 119 LYS n 
1 120 ALA n 
1 121 GLY n 
1 122 ARG n 
1 123 LEU n 
1 124 GLU n 
1 125 GLU n 
1 126 ALA n 
1 127 LEU n 
1 128 GLN n 
1 129 LEU n 
1 130 PHE n 
1 131 GLN n 
1 132 GLU n 
1 133 MET n 
1 134 LYS n 
1 135 GLU n 
1 136 LYS n 
1 137 GLY n 
1 138 VAL n 
1 139 LYS n 
1 140 PRO n 
1 141 ASP n 
1 142 VAL n 
1 143 VAL n 
1 144 THR n 
1 145 TYR n 
1 146 ASN n 
1 147 THR n 
1 148 LEU n 
1 149 ILE n 
1 150 ASP n 
1 151 GLY n 
1 152 LEU n 
1 153 ALA n 
1 154 LYS n 
1 155 ALA n 
1 156 GLY n 
1 157 ARG n 
1 158 LEU n 
1 159 GLU n 
1 160 GLU n 
1 161 ALA n 
1 162 LEU n 
1 163 GLN n 
1 164 LEU n 
1 165 PHE n 
1 166 GLN n 
1 167 GLU n 
1 168 MET n 
1 169 LYS n 
1 170 GLU n 
1 171 LYS n 
1 172 GLY n 
1 173 VAL n 
1 174 LYS n 
1 175 PRO n 
# 
_entity_src_gen.entity_id                          1 
_entity_src_gen.pdbx_src_id                        1 
_entity_src_gen.pdbx_alt_source_flag               sample 
_entity_src_gen.pdbx_seq_type                      'Biological sequence' 
_entity_src_gen.pdbx_beg_seq_num                   1 
_entity_src_gen.pdbx_end_seq_num                   175 
_entity_src_gen.gene_src_common_name               ? 
_entity_src_gen.gene_src_genus                     ? 
_entity_src_gen.pdbx_gene_src_gene                 ? 
_entity_src_gen.gene_src_species                   ? 
_entity_src_gen.gene_src_strain                    ? 
_entity_src_gen.gene_src_tissue                    ? 
_entity_src_gen.gene_src_tissue_fraction           ? 
_entity_src_gen.gene_src_details                   ? 
_entity_src_gen.pdbx_gene_src_fragment             ? 
_entity_src_gen.pdbx_gene_src_scientific_name      'artificial gene' 
_entity_src_gen.pdbx_gene_src_ncbi_taxonomy_id     32630 
_entity_src_gen.pdbx_gene_src_variant              ? 
_entity_src_gen.pdbx_gene_src_cell_line            ? 
_entity_src_gen.pdbx_gene_src_atcc                 ? 
_entity_src_gen.pdbx_gene_src_organ                ? 
_entity_src_gen.pdbx_gene_src_organelle            ? 
_entity_src_gen.pdbx_gene_src_cell                 ? 
_entity_src_gen.pdbx_gene_src_cellular_location    ? 
_entity_src_gen.host_org_common_name               ? 
_entity_src_gen.pdbx_host_org_scientific_name      'Escherichia coli' 
_entity_src_gen.pdbx_host_org_ncbi_taxonomy_id     562 
_entity_src_gen.host_org_genus                     ? 
_entity_src_gen.pdbx_host_org_gene                 ? 
_entity_src_gen.pdbx_host_org_organ                ? 
_entity_src_gen.host_org_species                   ? 
_entity_src_gen.pdbx_host_org_tissue               ? 
_entity_src_gen.pdbx_host_org_tissue_fraction      ? 
_entity_src_gen.pdbx_host_org_strain               ? 
_entity_src_gen.pdbx_host_org_variant              ? 
_entity_src_gen.pdbx_host_org_cell_line            ? 
_entity_src_gen.pdbx_host_org_atcc                 ? 
_entity_src_gen.pdbx_host_org_culture_collection   ? 
_entity_src_gen.pdbx_host_org_cell                 ? 
_entity_src_gen.pdbx_host_org_organelle            ? 
_entity_src_gen.pdbx_host_org_cellular_location    ? 
_entity_src_gen.pdbx_host_org_vector_type          ? 
_entity_src_gen.pdbx_host_org_vector               ? 
_entity_src_gen.host_org_details                   ? 
_entity_src_gen.expression_system_id               ? 
_entity_src_gen.plasmid_name                       ? 
_entity_src_gen.plasmid_details                    ? 
_entity_src_gen.pdbx_description                   ? 
# 
loop_
_chem_comp.id 
_chem_comp.type 
_chem_comp.mon_nstd_flag 
_chem_comp.name 
_chem_comp.pdbx_synonyms 
_chem_comp.formula 
_chem_comp.formula_weight 
ALA 'L-peptide linking' y ALANINE         ? 'C3 H7 N O2'     89.093  
ARG 'L-peptide linking' y ARGININE        ? 'C6 H15 N4 O2 1' 175.209 
ASN 'L-peptide linking' y ASPARAGINE      ? 'C4 H8 N2 O3'    132.118 
ASP 'L-peptide linking' y 'ASPARTIC ACID' ? 'C4 H7 N O4'     133.103 
GLN 'L-peptide linking' y GLUTAMINE       ? 'C5 H10 N2 O3'   146.144 
GLU 'L-peptide linking' y 'GLUTAMIC ACID' ? 'C5 H9 N O4'     147.129 
GLY 'peptide linking'   y GLYCINE         ? 'C2 H5 N O2'     75.067  
HOH non-polymer         . WATER           ? 'H2 O'           18.015  
ILE 'L-peptide linking' y ISOLEUCINE      ? 'C6 H13 N O2'    131.173 
LEU 'L-peptide linking' y LEUCINE         ? 'C6 H13 N O2'    131.173 
LYS 'L-peptide linking' y LYSINE          ? 'C6 H15 N2 O2 1' 147.195 
MET 'L-peptide linking' y METHIONINE      ? 'C5 H11 N O2 S'  149.211 
PHE 'L-peptide linking' y PHENYLALANINE   ? 'C9 H11 N O2'    165.189 
PRO 'L-peptide linking' y PROLINE         ? 'C5 H9 N O2'     115.130 
THR 'L-peptide linking' y THREONINE       ? 'C4 H9 N O3'     119.119 
TYR 'L-peptide linking' y TYROSINE        ? 'C9 H11 N O3'    181.189 
VAL 'L-peptide linking' y VALINE          ? 'C5 H11 N O2'    117.146 
# 
loop_
_pdbx_poly_seq_scheme.asym_id 
_pdbx_poly_seq_scheme.entity_id 
_pdbx_poly_seq_scheme.seq_id 
_pdbx_poly_seq_scheme.mon_id 
_pdbx_poly_seq_scheme.ndb_seq_num 
_pdbx_poly_seq_scheme.pdb_seq_num 
_pdbx_poly_seq_scheme.auth_seq_num 
_pdbx_poly_seq_scheme.pdb_mon_id 
_pdbx_poly_seq_scheme.auth_mon_id 
_pdbx_poly_seq_scheme.pdb_strand_id 
_pdbx_poly_seq_scheme.pdb_ins_code 
_pdbx_poly_seq_scheme.hetero 
A 1 1   ASP 1   1   1   ASP ASP A . n 
A 1 2   VAL 2   2   2   VAL VAL A . n 
A 1 3   VAL 3   3   3   VAL VAL A . n 
A 1 4   THR 4   4   4   THR THR A . n 
A 1 5   TYR 5   5   5   TYR TYR A . n 
A 1 6   ASN 6   6   6   ASN ASN A . n 
A 1 7   THR 7   7   7   THR THR A . n 
A 1 8   LEU 8   8   8   LEU LEU A . n 
A 1 9   ILE 9   9   9   ILE ILE A . n 
A 1 10  ASP 10  10  10  ASP ASP A . n 
A 1 11  GLY 11  11  11  GLY GLY A . n 
A 1 12  LEU 12  12  12  LEU LEU A . n 
A 1 13  ALA 13  13  13  ALA ALA A . n 
A 1 14  LYS 14  14  14  LYS LYS A . n 
A 1 15  ALA 15  15  15  ALA ALA A . n 
A 1 16  GLY 16  16  16  GLY GLY A . n 
A 1 17  ARG 17  17  17  ARG ARG A . n 
A 1 18  LEU 18  18  18  LEU LEU A . n 
A 1 19  GLU 19  19  19  GLU GLU A . n 
A 1 20  GLU 20  20  20  GLU GLU A . n 
A 1 21  ALA 21  21  21  ALA ALA A . n 
A 1 22  LEU 22  22  22  LEU LEU A . n 
A 1 23  GLN 23  23  23  GLN GLN A . n 
A 1 24  LEU 24  24  24  LEU LEU A . n 
A 1 25  PHE 25  25  25  PHE PHE A . n 
A 1 26  GLN 26  26  26  GLN GLN A . n 
A 1 27  GLU 27  27  27  GLU GLU A . n 
A 1 28  MET 28  28  28  MET MET A . n 
A 1 29  LYS 29  29  29  LYS LYS A . n 
A 1 30  GLU 30  30  30  GLU GLU A . n 
A 1 31  LYS 31  31  31  LYS LYS A . n 
A 1 32  GLY 32  32  32  GLY GLY A . n 
A 1 33  VAL 33  33  33  VAL VAL A . n 
A 1 34  LYS 34  34  34  LYS LYS A . n 
A 1 35  PRO 35  35  35  PRO PRO A . n 
A 1 36  ASP 36  36  36  ASP ASP A . n 
A 1 37  VAL 37  37  37  VAL VAL A . n 
A 1 38  VAL 38  38  38  VAL VAL A . n 
A 1 39  THR 39  39  39  THR THR A . n 
A 1 40  TYR 40  40  40  TYR TYR A A n 
A 1 41  ASN 41  41  41  ASN ASN A . n 
A 1 42  THR 42  42  42  THR THR A . n 
A 1 43  LEU 43  43  43  LEU LEU A . n 
A 1 44  ILE 44  44  44  ILE ILE A . n 
A 1 45  ASP 45  45  45  ASP ASP A . n 
A 1 46  GLY 46  46  46  GLY GLY A . n 
A 1 47  LEU 47  47  47  LEU LEU A . n 
A 1 48  ALA 48  48  48  ALA ALA A . n 
A 1 49  LYS 49  49  49  LYS LYS A . n 
A 1 50  ALA 50  50  50  ALA ALA A . n 
A 1 51  GLY 51  51  51  GLY GLY A . n 
A 1 52  ARG 52  52  52  ARG ARG A . n 
A 1 53  LEU 53  53  53  LEU LEU A . n 
A 1 54  GLU 54  54  54  GLU GLU A . n 
A 1 55  GLU 55  55  55  GLU GLU A . n 
A 1 56  ALA 56  56  56  ALA ALA A . n 
A 1 57  LEU 57  57  57  LEU LEU A . n 
A 1 58  GLN 58  58  58  GLN GLN A . n 
A 1 59  LEU 59  59  59  LEU LEU A . n 
A 1 60  PHE 60  60  60  PHE PHE A . n 
A 1 61  GLN 61  61  61  GLN GLN A . n 
A 1 62  GLU 62  62  62  GLU GLU A . n 
A 1 63  MET 63  63  63  MET MET A . n 
A 1 64  LYS 64  64  64  LYS LYS A . n 
A 1 65  GLU 65  65  65  GLU GLU A . n 
A 1 66  LYS 66  66  66  LYS LYS A . n 
A 1 67  GLY 67  67  67  GLY GLY A . n 
A 1 68  VAL 68  68  68  VAL VAL A . n 
A 1 69  LYS 69  69  69  LYS LYS A . n 
A 1 70  PRO 70  70  70  PRO PRO A . n 
A 1 71  ASP 71  71  71  ASP ASP A . n 
A 1 72  VAL 72  72  72  VAL VAL A . n 
A 1 73  VAL 73  73  73  VAL VAL A . n 
A 1 74  THR 74  74  74  THR THR A . n 
A 1 75  TYR 75  75  75  TYR TYR A . n 
A 1 76  ASN 76  76  76  ASN ASN A . n 
A 1 77  THR 77  77  77  THR THR A . n 
A 1 78  LEU 78  78  78  LEU LEU A . n 
A 1 79  ILE 79  79  79  ILE ILE A . n 
A 1 80  ASP 80  80  80  ASP ASP A . n 
A 1 81  GLY 81  81  81  GLY GLY A . n 
A 1 82  LEU 82  82  82  LEU LEU A . n 
A 1 83  ALA 83  83  83  ALA ALA A . n 
A 1 84  LYS 84  84  84  LYS LYS A . n 
A 1 85  ALA 85  85  85  ALA ALA A . n 
A 1 86  GLY 86  86  86  GLY GLY A . n 
A 1 87  ARG 87  87  87  ARG ARG A . n 
A 1 88  LEU 88  88  88  LEU LEU A . n 
A 1 89  GLU 89  89  89  GLU GLU A . n 
A 1 90  GLU 90  90  90  GLU GLU A . n 
A 1 91  ALA 91  91  91  ALA ALA A . n 
A 1 92  LEU 92  92  92  LEU LEU A . n 
A 1 93  GLN 93  93  93  GLN GLN A . n 
A 1 94  LEU 94  94  94  LEU LEU A . n 
A 1 95  PHE 95  95  95  PHE PHE A . n 
A 1 96  GLN 96  96  96  GLN GLN A . n 
A 1 97  GLU 97  97  97  GLU GLU A . n 
A 1 98  MET 98  98  98  MET MET A . n 
A 1 99  LYS 99  99  99  LYS LYS A . n 
A 1 100 GLU 100 100 100 GLU GLU A . n 
A 1 101 LYS 101 101 101 LYS LYS A . n 
A 1 102 GLY 102 102 102 GLY GLY A . n 
A 1 103 VAL 103 103 103 VAL VAL A . n 
A 1 104 LYS 104 104 104 LYS LYS A . n 
A 1 105 PRO 105 105 105 PRO PRO A . n 
A 1 106 ASP 106 106 106 ASP ASP A . n 
A 1 107 VAL 107 107 107 VAL VAL A . n 
A 1 108 VAL 108 108 108 VAL VAL A . n 
A 1 109 THR 109 109 109 THR THR A . n 
A 1 110 TYR 110 110 110 TYR TYR A . n 
A 1 111 ASN 111 111 111 ASN ASN A . n 
A 1 112 THR 112 112 112 THR THR A . n 
A 1 113 LEU 113 113 113 LEU LEU A . n 
A 1 114 ILE 114 114 114 ILE ILE A . n 
A 1 115 ASP 115 115 115 ASP ASP A . n 
A 1 116 GLY 116 116 116 GLY GLY A . n 
A 1 117 LEU 117 117 117 LEU LEU A . n 
A 1 118 ALA 118 118 118 ALA ALA A . n 
A 1 119 LYS 119 119 119 LYS LYS A . n 
A 1 120 ALA 120 120 120 ALA ALA A . n 
A 1 121 GLY 121 121 121 GLY GLY A . n 
A 1 122 ARG 122 122 122 ARG ARG A . n 
A 1 123 LEU 123 123 123 LEU LEU A . n 
A 1 124 GLU 124 124 124 GLU GLU A . n 
A 1 125 GLU 125 125 125 GLU GLU A . n 
A 1 126 ALA 126 126 126 ALA ALA A . n 
A 1 127 LEU 127 127 127 LEU LEU A . n 
A 1 128 GLN 128 128 128 GLN GLN A . n 
A 1 129 LEU 129 129 129 LEU LEU A . n 
A 1 130 PHE 130 130 130 PHE PHE A . n 
A 1 131 GLN 131 131 131 GLN GLN A . n 
A 1 132 GLU 132 132 132 GLU GLU A . n 
A 1 133 MET 133 133 133 MET MET A . n 
A 1 134 LYS 134 134 134 LYS LYS A . n 
A 1 135 GLU 135 135 135 GLU GLU A . n 
A 1 136 LYS 136 136 136 LYS LYS A . n 
A 1 137 GLY 137 137 137 GLY GLY A . n 
A 1 138 VAL 138 138 138 VAL VAL A . n 
A 1 139 LYS 139 139 139 LYS LYS A . n 
A 1 140 PRO 140 140 140 PRO PRO A . n 
A 1 141 ASP 141 141 141 ASP ASP A . n 
A 1 142 VAL 142 142 142 VAL VAL A . n 
A 1 143 VAL 143 143 143 VAL VAL A . n 
A 1 144 THR 144 144 144 THR THR A . n 
A 1 145 TYR 145 145 145 TYR TYR A . n 
A 1 146 ASN 146 146 146 ASN ASN A . n 
A 1 147 THR 147 147 147 THR THR A . n 
A 1 148 LEU 148 148 148 LEU LEU A . n 
A 1 149 ILE 149 149 149 ILE ILE A . n 
A 1 150 ASP 150 150 150 ASP ASP A . n 
A 1 151 GLY 151 151 151 GLY GLY A . n 
A 1 152 LEU 152 152 152 LEU LEU A . n 
A 1 153 ALA 153 153 153 ALA ALA A . n 
A 1 154 LYS 154 154 154 LYS LYS A . n 
A 1 155 ALA 155 155 155 ALA ALA A . n 
A 1 156 GLY 156 156 156 GLY GLY A . n 
A 1 157 ARG 157 157 157 ARG ARG A . n 
A 1 158 LEU 158 158 158 LEU LEU A . n 
A 1 159 GLU 159 159 159 GLU GLU A . n 
A 1 160 GLU 160 160 160 GLU GLU A . n 
A 1 161 ALA 161 161 161 ALA ALA A . n 
A 1 162 LEU 162 162 162 LEU LEU A . n 
A 1 163 GLN 163 163 163 GLN GLN A . n 
A 1 164 LEU 164 164 164 LEU LEU A . n 
A 1 165 PHE 165 165 165 PHE PHE A . n 
A 1 166 GLN 166 166 166 GLN GLN A . n 
A 1 167 GLU 167 167 167 GLU GLU A . n 
A 1 168 MET 168 168 168 MET MET A . n 
A 1 169 LYS 169 169 169 LYS LYS A . n 
A 1 170 GLU 170 170 170 GLU GLU A . n 
A 1 171 LYS 171 171 171 LYS LYS A . n 
A 1 172 GLY 172 172 172 GLY GLY A . n 
A 1 173 VAL 173 173 173 VAL VAL A . n 
A 1 174 LYS 174 174 174 LYS LYS A . n 
A 1 175 PRO 175 175 175 PRO PRO A . n 
# 
loop_
_pdbx_nonpoly_scheme.asym_id 
_pdbx_nonpoly_scheme.entity_id 
_pdbx_nonpoly_scheme.mon_id 
_pdbx_nonpoly_scheme.ndb_seq_num 
_pdbx_nonpoly_scheme.pdb_seq_num 
_pdbx_nonpoly_scheme.auth_seq_num 
_pdbx_nonpoly_scheme.pdb_mon_id 
_pdbx_nonpoly_scheme.auth_mon_id 
_pdbx_nonpoly_scheme.pdb_strand_id 
_pdbx_nonpoly_scheme.pdb_ins_code 
B 2 HOH 1  201 182 HOH HOH A . 
B 2 HOH 2  202 181 HOH HOH A . 
B 2 HOH 3  203 180 HOH HOH A . 
B 2 HOH 4  204 204 HOH HOH A . 
B 2 HOH 5  205 199 HOH HOH A . 
B 2 HOH 6  206 187 HOH HOH A . 
B 2 HOH 7  207 178 HOH HOH A . 
B 2 HOH 8  208 184 HOH HOH A . 
B 2 HOH 9  209 177 HOH HOH A . 
B 2 HOH 10 210 185 HOH HOH A . 
B 2 HOH 11 211 183 HOH HOH A . 
B 2 HOH 12 212 211 HOH HOH A . 
B 2 HOH 13 213 209 HOH HOH A . 
B 2 HOH 14 214 210 HOH HOH A . 
B 2 HOH 15 215 186 HOH HOH A . 
B 2 HOH 16 216 189 HOH HOH A . 
B 2 HOH 17 217 193 HOH HOH A . 
B 2 HOH 18 218 212 HOH HOH A . 
B 2 HOH 19 219 192 HOH HOH A . 
B 2 HOH 20 220 179 HOH HOH A . 
B 2 HOH 21 221 214 HOH HOH A . 
B 2 HOH 22 222 207 HOH HOH A . 
B 2 HOH 23 223 197 HOH HOH A . 
B 2 HOH 24 224 219 HOH HOH A . 
B 2 HOH 25 225 215 HOH HOH A . 
B 2 HOH 26 226 196 HOH HOH A . 
B 2 HOH 27 227 191 HOH HOH A . 
B 2 HOH 28 228 203 HOH HOH A . 
B 2 HOH 29 229 188 HOH HOH A . 
B 2 HOH 30 230 190 HOH HOH A . 
B 2 HOH 31 231 206 HOH HOH A . 
B 2 HOH 32 232 222 HOH HOH A . 
B 2 HOH 33 233 208 HOH HOH A . 
B 2 HOH 34 234 198 HOH HOH A . 
B 2 HOH 35 235 216 HOH HOH A . 
B 2 HOH 36 236 220 HOH HOH A . 
B 2 HOH 37 237 202 HOH HOH A . 
B 2 HOH 38 238 221 HOH HOH A . 
B 2 HOH 39 239 213 HOH HOH A . 
B 2 HOH 40 240 195 HOH HOH A . 
B 2 HOH 41 241 205 HOH HOH A . 
B 2 HOH 42 242 201 HOH HOH A . 
B 2 HOH 43 243 200 HOH HOH A . 
B 2 HOH 44 244 218 HOH HOH A . 
B 2 HOH 45 245 217 HOH HOH A . 
# 
loop_
_software.citation_id 
_software.classification 
_software.compiler_name 
_software.compiler_version 
_software.contact_author 
_software.contact_author_email 
_software.date 
_software.description 
_software.dependencies 
_software.hardware 
_software.language 
_software.location 
_software.mods 
_software.name 
_software.os 
_software.os_version 
_software.type 
_software.version 
_software.pdbx_ordinal 
? refinement        ? ? ? ? ? ? ? ? ? ? ? REFMAC      ? ? ? 5.6.0117 1 
? 'data scaling'    . . . . . . . . . . . XDS         . . . .        2 
? 'data scaling'    . . . . . . . . . . . SCALA       . . . .        3 
? phasing           . . . . . . . . . . . PHENIX      . . . .        4 
? refinement        . . . . . . . . . . . PHENIX      . . . .        5 
? 'data extraction' . . . . . . . . . . . PDB_EXTRACT . . . 3.14     6 
# 
_cell.entry_id           4OZS 
_cell.length_a           54.025 
_cell.length_b           75.023 
_cell.length_c           85.117 
_cell.angle_alpha        90.00 
_cell.angle_beta         90.00 
_cell.angle_gamma        90.00 
_cell.Z_PDB              4 
_cell.pdbx_unique_axis   ? 
# 
_symmetry.entry_id                         4OZS 
_symmetry.space_group_name_H-M             'P 21 21 21' 
_symmetry.pdbx_full_space_group_name_H-M   ? 
_symmetry.cell_setting                     ? 
_symmetry.Int_Tables_number                19 
# 
_exptl.absorpt_coefficient_mu     . 
_exptl.absorpt_correction_T_max   . 
_exptl.absorpt_correction_T_min   . 
_exptl.absorpt_correction_type    . 
_exptl.absorpt_process_details    . 
_exptl.entry_id                   4OZS 
_exptl.crystals_number            1 
_exptl.details                    . 
_exptl.method                     'X-RAY DIFFRACTION' 
_exptl.method_details             . 
# 
_exptl_crystal.colour                      . 
_exptl_crystal.density_diffrn              . 
_exptl_crystal.density_Matthews            4.43 
_exptl_crystal.density_method              . 
_exptl_crystal.density_percent_sol         72.22 
_exptl_crystal.description                 . 
_exptl_crystal.F_000                       . 
_exptl_crystal.id                          1 
_exptl_crystal.preparation                 . 
_exptl_crystal.size_max                    . 
_exptl_crystal.size_mid                    . 
_exptl_crystal.size_min                    . 
_exptl_crystal.size_rad                    . 
_exptl_crystal.colour_lustre               . 
_exptl_crystal.colour_modifier             . 
_exptl_crystal.colour_primary              . 
_exptl_crystal.density_meas                . 
_exptl_crystal.density_meas_esd            . 
_exptl_crystal.density_meas_gt             . 
_exptl_crystal.density_meas_lt             . 
_exptl_crystal.density_meas_temp           . 
_exptl_crystal.density_meas_temp_esd       . 
_exptl_crystal.density_meas_temp_gt        . 
_exptl_crystal.density_meas_temp_lt        . 
_exptl_crystal.pdbx_crystal_image_url      . 
_exptl_crystal.pdbx_crystal_image_format   . 
_exptl_crystal.pdbx_mosaicity              . 
_exptl_crystal.pdbx_mosaicity_esd          . 
# 
_exptl_crystal_grow.apparatus       . 
_exptl_crystal_grow.atmosphere      . 
_exptl_crystal_grow.crystal_id      1 
_exptl_crystal_grow.details         . 
_exptl_crystal_grow.method          'VAPOR DIFFUSION, HANGING DROP' 
_exptl_crystal_grow.method_ref      . 
_exptl_crystal_grow.pH              3.35 
_exptl_crystal_grow.pressure        . 
_exptl_crystal_grow.pressure_esd    . 
_exptl_crystal_grow.seeding         . 
_exptl_crystal_grow.seeding_ref     . 
_exptl_crystal_grow.temp            293 
_exptl_crystal_grow.temp_details    . 
_exptl_crystal_grow.temp_esd        . 
_exptl_crystal_grow.time            . 
_exptl_crystal_grow.pdbx_details    
;Diffraction quality crystals grew from 3 uL drops in 24-well sitting drop Cryschem plates (Hampton Research) in 2:1 ratios of crystallant 100 mM Sodium citrate pH 3.35, 8 % (w/v) PEG 3350 and protein equilibrated against 1 mL of crystallant at 293 K.
;
_exptl_crystal_grow.pdbx_pH_range   . 
# 
_diffrn.ambient_environment    . 
_diffrn.ambient_temp           100 
_diffrn.ambient_temp_details   . 
_diffrn.ambient_temp_esd       . 
_diffrn.crystal_id             1 
_diffrn.crystal_support        . 
_diffrn.crystal_treatment      . 
_diffrn.details                . 
_diffrn.id                     1 
_diffrn.ambient_pressure       . 
_diffrn.ambient_pressure_esd   . 
_diffrn.ambient_pressure_gt    . 
_diffrn.ambient_pressure_lt    . 
_diffrn.ambient_temp_gt        . 
_diffrn.ambient_temp_lt        . 
# 
_diffrn_detector.details                      . 
_diffrn_detector.detector                     CCD 
_diffrn_detector.diffrn_id                    1 
_diffrn_detector.type                         'ADSC QUANTUM 315r' 
_diffrn_detector.area_resol_mean              . 
_diffrn_detector.dtime                        . 
_diffrn_detector.pdbx_frames_total            . 
_diffrn_detector.pdbx_collection_time_total   . 
_diffrn_detector.pdbx_collection_date         2013-07-05 
# 
_diffrn_radiation.collimation                      . 
_diffrn_radiation.diffrn_id                        1 
_diffrn_radiation.filter_edge                      . 
_diffrn_radiation.inhomogeneity                    . 
_diffrn_radiation.monochromator                    . 
_diffrn_radiation.polarisn_norm                    . 
_diffrn_radiation.polarisn_ratio                   . 
_diffrn_radiation.probe                            . 
_diffrn_radiation.type                             . 
_diffrn_radiation.xray_symbol                      . 
_diffrn_radiation.wavelength_id                    1 
_diffrn_radiation.pdbx_monochromatic_or_laue_m_l   . 
_diffrn_radiation.pdbx_wavelength_list             . 
_diffrn_radiation.pdbx_wavelength                  . 
_diffrn_radiation.pdbx_diffrn_protocol             MAD 
_diffrn_radiation.pdbx_analyzer                    . 
_diffrn_radiation.pdbx_scattering_type             x-ray 
# 
loop_
_diffrn_radiation_wavelength.id 
_diffrn_radiation_wavelength.wavelength 
_diffrn_radiation_wavelength.wt 
1 0.980 1.0 
2 0.954 1.0 
# 
_diffrn_source.current                     . 
_diffrn_source.details                     . 
_diffrn_source.diffrn_id                   1 
_diffrn_source.power                       . 
_diffrn_source.size                        . 
_diffrn_source.source                      SYNCHROTRON 
_diffrn_source.target                      . 
_diffrn_source.type                        'AUSTRALIAN SYNCHROTRON BEAMLINE MX2' 
_diffrn_source.voltage                     . 
_diffrn_source.take-off_angle              . 
_diffrn_source.pdbx_wavelength_list        '0.980, 0.954' 
_diffrn_source.pdbx_wavelength             . 
_diffrn_source.pdbx_synchrotron_beamline   MX2 
_diffrn_source.pdbx_synchrotron_site       'Australian Synchrotron' 
# 
_reflns.B_iso_Wilson_estimate            . 
_reflns.entry_id                         4OZS 
_reflns.data_reduction_details           . 
_reflns.data_reduction_method            . 
_reflns.d_resolution_high                2.17 
_reflns.d_resolution_low                 56.28 
_reflns.details                          . 
_reflns.limit_h_max                      . 
_reflns.limit_h_min                      . 
_reflns.limit_k_max                      . 
_reflns.limit_k_min                      . 
_reflns.limit_l_max                      . 
_reflns.limit_l_min                      . 
_reflns.number_all                       37530 
_reflns.number_obs                       18791 
_reflns.observed_criterion               . 
_reflns.observed_criterion_F_max         . 
_reflns.observed_criterion_F_min         . 
_reflns.observed_criterion_I_max         . 
_reflns.observed_criterion_I_min         . 
_reflns.observed_criterion_sigma_F       . 
_reflns.observed_criterion_sigma_I       . 
_reflns.percent_possible_obs             99.78 
_reflns.R_free_details                   . 
_reflns.Rmerge_F_all                     . 
_reflns.Rmerge_F_obs                     . 
_reflns.Friedel_coverage                 . 
_reflns.number_gt                        . 
_reflns.threshold_expression             . 
_reflns.pdbx_redundancy                  2.0 
_reflns.pdbx_Rmerge_I_obs                0.01873 
_reflns.pdbx_Rmerge_I_all                . 
_reflns.pdbx_Rsym_value                  . 
_reflns.pdbx_netI_over_av_sigmaI         . 
_reflns.pdbx_netI_over_sigmaI            24.44 
_reflns.pdbx_res_netI_over_av_sigmaI_2   . 
_reflns.pdbx_res_netI_over_sigmaI_2      . 
_reflns.pdbx_chi_squared                 . 
_reflns.pdbx_scaling_rejects             . 
_reflns.pdbx_d_res_high_opt              . 
_reflns.pdbx_d_res_low_opt               . 
_reflns.pdbx_d_res_opt_method            . 
_reflns.phase_calculation_details        . 
_reflns.pdbx_Rrim_I_all                  . 
_reflns.pdbx_Rpim_I_all                  . 
_reflns.pdbx_d_opt                       . 
_reflns.pdbx_number_measured_all         . 
_reflns.pdbx_diffrn_id                   1 
_reflns.pdbx_ordinal                     1 
# 
_reflns_shell.d_res_high                  2.17 
_reflns_shell.d_res_low                   2.25 
_reflns_shell.meanI_over_sigI_all         . 
_reflns_shell.meanI_over_sigI_obs         2.68 
_reflns_shell.number_measured_all         . 
_reflns_shell.number_measured_obs         . 
_reflns_shell.number_possible             . 
_reflns_shell.number_unique_all           . 
_reflns_shell.number_unique_obs           . 
_reflns_shell.percent_possible_all        98.43 
_reflns_shell.percent_possible_obs        . 
_reflns_shell.Rmerge_F_all                . 
_reflns_shell.Rmerge_F_obs                . 
_reflns_shell.Rmerge_I_all                . 
_reflns_shell.Rmerge_I_obs                0.3134 
_reflns_shell.meanI_over_sigI_gt          . 
_reflns_shell.meanI_over_uI_all           . 
_reflns_shell.meanI_over_uI_gt            . 
_reflns_shell.number_measured_gt          . 
_reflns_shell.number_unique_gt            . 
_reflns_shell.percent_possible_gt         . 
_reflns_shell.Rmerge_F_gt                 . 
_reflns_shell.Rmerge_I_gt                 . 
_reflns_shell.pdbx_redundancy             2.0 
_reflns_shell.pdbx_Rsym_value             . 
_reflns_shell.pdbx_chi_squared            . 
_reflns_shell.pdbx_netI_over_sigmaI_all   . 
_reflns_shell.pdbx_netI_over_sigmaI_obs   . 
_reflns_shell.pdbx_Rrim_I_all             . 
_reflns_shell.pdbx_Rpim_I_all             . 
_reflns_shell.pdbx_rejects                . 
_reflns_shell.pdbx_ordinal                1 
_reflns_shell.pdbx_diffrn_id              1 
# 
_refine.pdbx_refine_id                           'X-RAY DIFFRACTION' 
_refine.entry_id                                 4OZS 
_refine.pdbx_diffrn_id                           1 
_refine.pdbx_TLS_residual_ADP_flag               ? 
_refine.ls_number_reflns_obs                     17825 
_refine.ls_number_reflns_all                     ? 
_refine.pdbx_ls_sigma_I                          ? 
_refine.pdbx_ls_sigma_F                          ? 
_refine.pdbx_data_cutoff_high_absF               ? 
_refine.pdbx_data_cutoff_low_absF                ? 
_refine.pdbx_data_cutoff_high_rms_absF           ? 
_refine.ls_d_res_low                             56.28 
_refine.ls_d_res_high                            2.17 
_refine.ls_percent_reflns_obs                    99.77 
_refine.ls_R_factor_obs                          0.21933 
_refine.ls_R_factor_all                          ? 
_refine.ls_R_factor_R_work                       0.21691 
_refine.ls_R_factor_R_free                       0.26549 
_refine.ls_R_factor_R_free_error                 ? 
_refine.ls_R_factor_R_free_error_details         ? 
_refine.ls_percent_reflns_R_free                 5.1 
_refine.ls_number_reflns_R_free                  966 
_refine.ls_number_parameters                     ? 
_refine.ls_number_restraints                     ? 
_refine.occupancy_min                            ? 
_refine.occupancy_max                            ? 
_refine.correlation_coeff_Fo_to_Fc               0.958 
_refine.correlation_coeff_Fo_to_Fc_free          0.938 
_refine.B_iso_mean                               53.438 
_refine.aniso_B[1][1]                            0.85 
_refine.aniso_B[2][2]                            -0.99 
_refine.aniso_B[3][3]                            0.14 
_refine.aniso_B[1][2]                            0.00 
_refine.aniso_B[1][3]                            0.00 
_refine.aniso_B[2][3]                            0.00 
_refine.solvent_model_details                    MASK 
_refine.solvent_model_param_ksol                 ? 
_refine.solvent_model_param_bsol                 ? 
_refine.pdbx_solvent_vdw_probe_radii             1.20 
_refine.pdbx_solvent_ion_probe_radii             0.80 
_refine.pdbx_solvent_shrinkage_radii             0.80 
_refine.pdbx_ls_cross_valid_method               THROUGHOUT 
_refine.details                                  'HYDROGENS HAVE BEEN USED IF PRESENT IN THE INPUT' 
_refine.pdbx_starting_model                      ? 
_refine.pdbx_method_to_determine_struct          ? 
_refine.pdbx_isotropic_thermal_model             ? 
_refine.pdbx_stereochemistry_target_values       'MAXIMUM LIKELIHOOD' 
_refine.pdbx_stereochem_target_val_spec_case     ? 
_refine.pdbx_R_Free_selection_details            RANDOM 
_refine.pdbx_overall_ESU_R                       0.164 
_refine.pdbx_overall_ESU_R_Free                  0.166 
_refine.overall_SU_ML                            0.127 
_refine.pdbx_overall_phase_error                 ? 
_refine.overall_SU_B                             5.134 
_refine.overall_SU_R_Cruickshank_DPI             ? 
_refine.pdbx_overall_SU_R_free_Cruickshank_DPI   ? 
_refine.pdbx_overall_SU_R_Blow_DPI               ? 
_refine.pdbx_overall_SU_R_free_Blow_DPI          ? 
# 
_refine_hist.pdbx_refine_id                   'X-RAY DIFFRACTION' 
_refine_hist.cycle_id                         1 
_refine_hist.pdbx_number_atoms_protein        1365 
_refine_hist.pdbx_number_atoms_nucleic_acid   0 
_refine_hist.pdbx_number_atoms_ligand         0 
_refine_hist.number_atoms_solvent             45 
_refine_hist.number_atoms_total               1410 
_refine_hist.d_res_high                       2.17 
_refine_hist.d_res_low                        56.28 
# 
loop_
_refine_ls_restr.type 
_refine_ls_restr.dev_ideal 
_refine_ls_restr.dev_ideal_target 
_refine_ls_restr.weight 
_refine_ls_restr.number 
_refine_ls_restr.pdbx_refine_id 
_refine_ls_restr.pdbx_restraint_function 
r_bond_refined_d             0.021  0.020  ? 1386 'X-RAY DIFFRACTION' ? 
r_bond_other_d               ?      ?      ? ?    'X-RAY DIFFRACTION' ? 
r_angle_refined_deg          2.442  2.012  ? 1863 'X-RAY DIFFRACTION' ? 
r_angle_other_deg            ?      ?      ? ?    'X-RAY DIFFRACTION' ? 
r_dihedral_angle_1_deg       6.539  5.000  ? 176  'X-RAY DIFFRACTION' ? 
r_dihedral_angle_2_deg       44.576 26.721 ? 61   'X-RAY DIFFRACTION' ? 
r_dihedral_angle_3_deg       18.679 15.000 ? 282  'X-RAY DIFFRACTION' ? 
r_dihedral_angle_4_deg       7.426  15.000 ? 5    'X-RAY DIFFRACTION' ? 
r_chiral_restr               0.154  0.200  ? 216  'X-RAY DIFFRACTION' ? 
r_gen_planes_refined         0.010  0.021  ? 1004 'X-RAY DIFFRACTION' ? 
r_gen_planes_other           ?      ?      ? ?    'X-RAY DIFFRACTION' ? 
r_nbd_refined                ?      ?      ? ?    'X-RAY DIFFRACTION' ? 
r_nbd_other                  ?      ?      ? ?    'X-RAY DIFFRACTION' ? 
r_nbtor_refined              ?      ?      ? ?    'X-RAY DIFFRACTION' ? 
r_nbtor_other                ?      ?      ? ?    'X-RAY DIFFRACTION' ? 
r_xyhbond_nbd_refined        ?      ?      ? ?    'X-RAY DIFFRACTION' ? 
r_xyhbond_nbd_other          ?      ?      ? ?    'X-RAY DIFFRACTION' ? 
r_metal_ion_refined          ?      ?      ? ?    'X-RAY DIFFRACTION' ? 
r_metal_ion_other            ?      ?      ? ?    'X-RAY DIFFRACTION' ? 
r_symmetry_vdw_refined       ?      ?      ? ?    'X-RAY DIFFRACTION' ? 
r_symmetry_vdw_other         ?      ?      ? ?    'X-RAY DIFFRACTION' ? 
r_symmetry_hbond_refined     ?      ?      ? ?    'X-RAY DIFFRACTION' ? 
r_symmetry_hbond_other       ?      ?      ? ?    'X-RAY DIFFRACTION' ? 
r_symmetry_metal_ion_refined ?      ?      ? ?    'X-RAY DIFFRACTION' ? 
r_symmetry_metal_ion_other   ?      ?      ? ?    'X-RAY DIFFRACTION' ? 
r_mcbond_it                  ?      ?      ? ?    'X-RAY DIFFRACTION' ? 
r_mcbond_other               ?      ?      ? ?    'X-RAY DIFFRACTION' ? 
r_mcangle_it                 ?      ?      ? ?    'X-RAY DIFFRACTION' ? 
r_mcangle_other              ?      ?      ? ?    'X-RAY DIFFRACTION' ? 
r_scbond_it                  ?      ?      ? ?    'X-RAY DIFFRACTION' ? 
r_scbond_other               ?      ?      ? ?    'X-RAY DIFFRACTION' ? 
r_scangle_it                 ?      ?      ? ?    'X-RAY DIFFRACTION' ? 
r_scangle_other              ?      ?      ? ?    'X-RAY DIFFRACTION' ? 
r_long_range_B_refined       ?      ?      ? ?    'X-RAY DIFFRACTION' ? 
r_long_range_B_other         ?      ?      ? ?    'X-RAY DIFFRACTION' ? 
r_rigid_bond_restr           ?      ?      ? ?    'X-RAY DIFFRACTION' ? 
r_sphericity_free            ?      ?      ? ?    'X-RAY DIFFRACTION' ? 
r_sphericity_bonded          ?      ?      ? ?    'X-RAY DIFFRACTION' ? 
# 
_refine_ls_shell.pdbx_refine_id                   'X-RAY DIFFRACTION' 
_refine_ls_shell.pdbx_total_number_of_bins_used   20 
_refine_ls_shell.d_res_high                       2.17 
_refine_ls_shell.d_res_low                        2.229 
_refine_ls_shell.number_reflns_R_work             1155 
_refine_ls_shell.R_factor_R_work                  0.289 
_refine_ls_shell.percent_reflns_obs               97.67 
_refine_ls_shell.R_factor_R_free                  0.289 
_refine_ls_shell.R_factor_R_free_error            ? 
_refine_ls_shell.percent_reflns_R_free            ? 
_refine_ls_shell.number_reflns_R_free             59 
_refine_ls_shell.number_reflns_all                ? 
_refine_ls_shell.R_factor_all                     ? 
_refine_ls_shell.R_factor_obs                     ? 
_refine_ls_shell.number_reflns_obs                ? 
# 
_struct.entry_id                     4OZS 
_struct.title                        'RNA binding protein' 
_struct.pdbx_model_details           . 
_struct.pdbx_formula_weight          . 
_struct.pdbx_formula_weight_method   . 
_struct.pdbx_model_type_details      . 
_struct.pdbx_CASP_flag               . 
# 
_struct_keywords.entry_id        4OZS 
_struct_keywords.text            'RNA, Specificity, RNA BINDING PROTEIN' 
_struct_keywords.pdbx_keywords   'RNA BINDING PROTEIN' 
# 
loop_
_struct_asym.id 
_struct_asym.pdbx_blank_PDB_chainid_flag 
_struct_asym.pdbx_modified 
_struct_asym.entity_id 
_struct_asym.details 
A N N 1 ? 
B N N 2 ? 
# 
_struct_ref.id                         1 
_struct_ref.db_name                    PDB 
_struct_ref.db_code                    4OZS 
_struct_ref.pdbx_db_accession          4OZS 
_struct_ref.entity_id                  1 
_struct_ref.pdbx_seq_one_letter_code   ? 
_struct_ref.pdbx_align_begin           1 
_struct_ref.pdbx_db_isoform            ? 
# 
_struct_ref_seq.align_id                      1 
_struct_ref_seq.ref_id                        1 
_struct_ref_seq.pdbx_PDB_id_code              4OZS 
_struct_ref_seq.pdbx_strand_id                A 
_struct_ref_seq.seq_align_beg                 1 
_struct_ref_seq.pdbx_seq_align_beg_ins_code   ? 
_struct_ref_seq.seq_align_end                 175 
_struct_ref_seq.pdbx_seq_align_end_ins_code   ? 
_struct_ref_seq.pdbx_db_accession             4OZS 
_struct_ref_seq.db_align_beg                  1 
_struct_ref_seq.pdbx_db_align_beg_ins_code    ? 
_struct_ref_seq.db_align_end                  175 
_struct_ref_seq.pdbx_db_align_end_ins_code    ? 
_struct_ref_seq.pdbx_auth_seq_align_beg       1 
_struct_ref_seq.pdbx_auth_seq_align_end       175 
# 
_pdbx_struct_assembly.id                   1 
_pdbx_struct_assembly.details              author_defined_assembly 
_pdbx_struct_assembly.method_details       ? 
_pdbx_struct_assembly.oligomeric_details   trimeric 
_pdbx_struct_assembly.oligomeric_count     3 
# 
_pdbx_struct_assembly_gen.assembly_id       1 
_pdbx_struct_assembly_gen.oper_expression   1,2,3 
_pdbx_struct_assembly_gen.asym_id_list      A,B 
# 
loop_
_pdbx_struct_oper_list.id 
_pdbx_struct_oper_list.type 
_pdbx_struct_oper_list.name 
_pdbx_struct_oper_list.symmetry_operation 
_pdbx_struct_oper_list.matrix[1][1] 
_pdbx_struct_oper_list.matrix[1][2] 
_pdbx_struct_oper_list.matrix[1][3] 
_pdbx_struct_oper_list.vector[1] 
_pdbx_struct_oper_list.matrix[2][1] 
_pdbx_struct_oper_list.matrix[2][2] 
_pdbx_struct_oper_list.matrix[2][3] 
_pdbx_struct_oper_list.vector[2] 
_pdbx_struct_oper_list.matrix[3][1] 
_pdbx_struct_oper_list.matrix[3][2] 
_pdbx_struct_oper_list.matrix[3][3] 
_pdbx_struct_oper_list.vector[3] 
1 'identity operation'         1_555 x,y,z           1.0000000000 0.0000000000  0.0000000000 0.0000000000   0.0000000000  1.0000000000  0.0000000000  0.0000000000   0.0000000000 0.0000000000  1.0000000000  0.0000000000   
2 'crystal symmetry operation' 2_655 -x+3/2,-y,z+1/2 0.3099878893 -0.7490553517 0.5855113907 -44.6446974168 -0.7490553517 -0.5716877046 -0.3347973247 3.0340795201   0.5855113907 -0.3347973247 -0.7383001847 -13.8851703439 
3 'crystal symmetry operation' 2_654 -x+3/2,-y,z-1/2 0.3099878893 -0.7490553517 0.5855113907 24.2419344194  -0.7490553517 -0.5716877046 -0.3347973247 -36.3555214505 0.5855113907 -0.3347973247 -0.7383001847 16.9043567497 
# 
loop_
_struct_conf.conf_type_id 
_struct_conf.id 
_struct_conf.pdbx_PDB_helix_id 
_struct_conf.beg_label_comp_id 
_struct_conf.beg_label_asym_id 
_struct_conf.beg_label_seq_id 
_struct_conf.pdbx_beg_PDB_ins_code 
_struct_conf.end_label_comp_id 
_struct_conf.end_label_asym_id 
_struct_conf.end_label_seq_id 
_struct_conf.pdbx_end_PDB_ins_code 
_struct_conf.beg_auth_comp_id 
_struct_conf.beg_auth_asym_id 
_struct_conf.beg_auth_seq_id 
_struct_conf.end_auth_comp_id 
_struct_conf.end_auth_asym_id 
_struct_conf.end_auth_seq_id 
_struct_conf.pdbx_PDB_helix_class 
_struct_conf.details 
_struct_conf.pdbx_PDB_helix_length 
HELX_P HELX_P1  AA1 ASP A 1   ? ALA A 15  ? ASP A 1   ALA A 15  1 ? 15 
HELX_P HELX_P2  AA2 ARG A 17  ? LYS A 31  ? ARG A 17  LYS A 31  1 ? 15 
HELX_P HELX_P3  AA3 ASP A 36  ? ALA A 50  ? ASP A 36  ALA A 50  1 ? 15 
HELX_P HELX_P4  AA4 ARG A 52  ? LYS A 66  ? ARG A 52  LYS A 66  1 ? 15 
HELX_P HELX_P5  AA5 ASP A 71  ? ALA A 85  ? ASP A 71  ALA A 85  1 ? 15 
HELX_P HELX_P6  AA6 ARG A 87  ? LYS A 101 ? ARG A 87  LYS A 101 1 ? 15 
HELX_P HELX_P7  AA7 ASP A 106 ? ALA A 120 ? ASP A 106 ALA A 120 1 ? 15 
HELX_P HELX_P8  AA8 ARG A 122 ? LYS A 136 ? ARG A 122 LYS A 136 1 ? 15 
HELX_P HELX_P9  AA9 ASP A 141 ? ALA A 155 ? ASP A 141 ALA A 155 1 ? 15 
HELX_P HELX_P10 AB1 ARG A 157 ? LYS A 171 ? ARG A 157 LYS A 171 1 ? 15 
# 
_struct_conf_type.id          HELX_P 
_struct_conf_type.criteria    ? 
_struct_conf_type.reference   ? 
# 
_struct_conn.id                            covale1 
_struct_conn.conn_type_id                  covale 
_struct_conn.pdbx_leaving_atom_flag        both 
_struct_conn.pdbx_PDB_id                   ? 
_struct_conn.ptnr1_label_asym_id           A 
_struct_conn.ptnr1_label_comp_id           ASP 
_struct_conn.ptnr1_label_seq_id            1 
_struct_conn.ptnr1_label_atom_id           N 
_struct_conn.pdbx_ptnr1_label_alt_id       ? 
_struct_conn.pdbx_ptnr1_PDB_ins_code       ? 
_struct_conn.pdbx_ptnr1_standard_comp_id   ? 
_struct_conn.ptnr1_symmetry                1_555 
_struct_conn.ptnr2_label_asym_id           A 
_struct_conn.ptnr2_label_comp_id           PRO 
_struct_conn.ptnr2_label_seq_id            175 
_struct_conn.ptnr2_label_atom_id           C 
_struct_conn.pdbx_ptnr2_label_alt_id       ? 
_struct_conn.pdbx_ptnr2_PDB_ins_code       ? 
_struct_conn.ptnr1_auth_asym_id            A 
_struct_conn.ptnr1_auth_comp_id            ASP 
_struct_conn.ptnr1_auth_seq_id             1 
_struct_conn.ptnr2_auth_asym_id            A 
_struct_conn.ptnr2_auth_comp_id            PRO 
_struct_conn.ptnr2_auth_seq_id             175 
_struct_conn.ptnr2_symmetry                2_654 
_struct_conn.pdbx_ptnr3_label_atom_id      ? 
_struct_conn.pdbx_ptnr3_label_seq_id       ? 
_struct_conn.pdbx_ptnr3_label_comp_id      ? 
_struct_conn.pdbx_ptnr3_label_asym_id      ? 
_struct_conn.pdbx_ptnr3_label_alt_id       ? 
_struct_conn.pdbx_ptnr3_PDB_ins_code       ? 
_struct_conn.details                       ? 
_struct_conn.pdbx_dist_value               1.742 
_struct_conn.pdbx_value_order              sing 
_struct_conn.pdbx_role                     ? 
# 
_struct_conn_type.id          covale 
_struct_conn_type.criteria    ? 
_struct_conn_type.reference   ? 
# 
_pdbx_modification_feature.ordinal                            1 
_pdbx_modification_feature.label_comp_id                      ASP 
_pdbx_modification_feature.label_asym_id                      A 
_pdbx_modification_feature.label_seq_id                       1 
_pdbx_modification_feature.label_alt_id                       ? 
_pdbx_modification_feature.modified_residue_label_comp_id     PRO 
_pdbx_modification_feature.modified_residue_label_asym_id     A 
_pdbx_modification_feature.modified_residue_label_seq_id      175 
_pdbx_modification_feature.modified_residue_label_alt_id      ? 
_pdbx_modification_feature.auth_comp_id                       ASP 
_pdbx_modification_feature.auth_asym_id                       A 
_pdbx_modification_feature.auth_seq_id                        1 
_pdbx_modification_feature.PDB_ins_code                       ? 
_pdbx_modification_feature.symmetry                           1_555 
_pdbx_modification_feature.modified_residue_auth_comp_id      PRO 
_pdbx_modification_feature.modified_residue_auth_asym_id      A 
_pdbx_modification_feature.modified_residue_auth_seq_id       175 
_pdbx_modification_feature.modified_residue_PDB_ins_code      ? 
_pdbx_modification_feature.modified_residue_symmetry          2_654 
_pdbx_modification_feature.comp_id_linking_atom               N 
_pdbx_modification_feature.modified_residue_id_linking_atom   C 
_pdbx_modification_feature.modified_residue_id                . 
_pdbx_modification_feature.ref_pcm_id                         . 
_pdbx_modification_feature.ref_comp_id                        . 
_pdbx_modification_feature.type                               None 
_pdbx_modification_feature.category                           'Non-standard linkage' 
# 
_pdbx_entry_details.entry_id                   4OZS 
_pdbx_entry_details.compound_details           ? 
_pdbx_entry_details.source_details             ? 
_pdbx_entry_details.nonpolymer_details         ? 
_pdbx_entry_details.sequence_details           ? 
_pdbx_entry_details.has_ligand_of_interest     ? 
_pdbx_entry_details.has_protein_modification   Y 
# 
loop_
_pdbx_validate_close_contact.id 
_pdbx_validate_close_contact.PDB_model_num 
_pdbx_validate_close_contact.auth_atom_id_1 
_pdbx_validate_close_contact.auth_asym_id_1 
_pdbx_validate_close_contact.auth_comp_id_1 
_pdbx_validate_close_contact.auth_seq_id_1 
_pdbx_validate_close_contact.PDB_ins_code_1 
_pdbx_validate_close_contact.label_alt_id_1 
_pdbx_validate_close_contact.auth_atom_id_2 
_pdbx_validate_close_contact.auth_asym_id_2 
_pdbx_validate_close_contact.auth_comp_id_2 
_pdbx_validate_close_contact.auth_seq_id_2 
_pdbx_validate_close_contact.PDB_ins_code_2 
_pdbx_validate_close_contact.label_alt_id_2 
_pdbx_validate_close_contact.dist 
1 1 O   A HOH 231 ? ? O A HOH 243 ? ? 2.11 
2 1 OE2 A GLU 55  ? ? O A HOH 201 ? ? 2.11 
# 
_pdbx_validate_symm_contact.id                1 
_pdbx_validate_symm_contact.PDB_model_num     1 
_pdbx_validate_symm_contact.auth_atom_id_1    N 
_pdbx_validate_symm_contact.auth_asym_id_1    A 
_pdbx_validate_symm_contact.auth_comp_id_1    ASP 
_pdbx_validate_symm_contact.auth_seq_id_1     1 
_pdbx_validate_symm_contact.PDB_ins_code_1    ? 
_pdbx_validate_symm_contact.label_alt_id_1    ? 
_pdbx_validate_symm_contact.site_symmetry_1   1_555 
_pdbx_validate_symm_contact.auth_atom_id_2    O 
_pdbx_validate_symm_contact.auth_asym_id_2    A 
_pdbx_validate_symm_contact.auth_comp_id_2    PRO 
_pdbx_validate_symm_contact.auth_seq_id_2     175 
_pdbx_validate_symm_contact.PDB_ins_code_2    ? 
_pdbx_validate_symm_contact.label_alt_id_2    ? 
_pdbx_validate_symm_contact.site_symmetry_2   2_654 
_pdbx_validate_symm_contact.dist              2.14 
# 
_pdbx_validate_rmsd_bond.id                        1 
_pdbx_validate_rmsd_bond.PDB_model_num             1 
_pdbx_validate_rmsd_bond.auth_atom_id_1            CD 
_pdbx_validate_rmsd_bond.auth_asym_id_1            A 
_pdbx_validate_rmsd_bond.auth_comp_id_1            GLU 
_pdbx_validate_rmsd_bond.auth_seq_id_1             90 
_pdbx_validate_rmsd_bond.PDB_ins_code_1            ? 
_pdbx_validate_rmsd_bond.label_alt_id_1            ? 
_pdbx_validate_rmsd_bond.auth_atom_id_2            OE1 
_pdbx_validate_rmsd_bond.auth_asym_id_2            A 
_pdbx_validate_rmsd_bond.auth_comp_id_2            GLU 
_pdbx_validate_rmsd_bond.auth_seq_id_2             90 
_pdbx_validate_rmsd_bond.PDB_ins_code_2            ? 
_pdbx_validate_rmsd_bond.label_alt_id_2            ? 
_pdbx_validate_rmsd_bond.bond_value                1.320 
_pdbx_validate_rmsd_bond.bond_target_value         1.252 
_pdbx_validate_rmsd_bond.bond_deviation            0.068 
_pdbx_validate_rmsd_bond.bond_standard_deviation   0.011 
_pdbx_validate_rmsd_bond.linker_flag               N 
# 
loop_
_pdbx_validate_rmsd_angle.id 
_pdbx_validate_rmsd_angle.PDB_model_num 
_pdbx_validate_rmsd_angle.auth_atom_id_1 
_pdbx_validate_rmsd_angle.auth_asym_id_1 
_pdbx_validate_rmsd_angle.auth_comp_id_1 
_pdbx_validate_rmsd_angle.auth_seq_id_1 
_pdbx_validate_rmsd_angle.PDB_ins_code_1 
_pdbx_validate_rmsd_angle.label_alt_id_1 
_pdbx_validate_rmsd_angle.auth_atom_id_2 
_pdbx_validate_rmsd_angle.auth_asym_id_2 
_pdbx_validate_rmsd_angle.auth_comp_id_2 
_pdbx_validate_rmsd_angle.auth_seq_id_2 
_pdbx_validate_rmsd_angle.PDB_ins_code_2 
_pdbx_validate_rmsd_angle.label_alt_id_2 
_pdbx_validate_rmsd_angle.auth_atom_id_3 
_pdbx_validate_rmsd_angle.auth_asym_id_3 
_pdbx_validate_rmsd_angle.auth_comp_id_3 
_pdbx_validate_rmsd_angle.auth_seq_id_3 
_pdbx_validate_rmsd_angle.PDB_ins_code_3 
_pdbx_validate_rmsd_angle.label_alt_id_3 
_pdbx_validate_rmsd_angle.angle_value 
_pdbx_validate_rmsd_angle.angle_target_value 
_pdbx_validate_rmsd_angle.angle_deviation 
_pdbx_validate_rmsd_angle.angle_standard_deviation 
_pdbx_validate_rmsd_angle.linker_flag 
1 1 CG A MET 28 ? ? SD A MET 28 ? ? CE A MET 28 ? ? 88.36 100.20 -11.84 1.60 N 
2 1 CG A MET 63 ? ? SD A MET 63 ? ? CE A MET 63 ? ? 90.49 100.20 -9.71  1.60 N 
3 1 CG A MET 98 ? ? SD A MET 98 ? ? CE A MET 98 ? ? 90.57 100.20 -9.63  1.60 N 
# 
loop_
_pdbx_validate_torsion.id 
_pdbx_validate_torsion.PDB_model_num 
_pdbx_validate_torsion.auth_comp_id 
_pdbx_validate_torsion.auth_asym_id 
_pdbx_validate_torsion.auth_seq_id 
_pdbx_validate_torsion.PDB_ins_code 
_pdbx_validate_torsion.label_alt_id 
_pdbx_validate_torsion.phi 
_pdbx_validate_torsion.psi 
1 1 ASP A 36  ? ? -122.47 -167.18 
2 1 PRO A 140 ? ? -57.57  -172.57 
3 1 THR A 144 ? ? -62.32  -75.84  
4 1 TYR A 145 ? ? -23.70  -57.70  
# 
loop_
_chem_comp_atom.comp_id 
_chem_comp_atom.atom_id 
_chem_comp_atom.type_symbol 
_chem_comp_atom.pdbx_aromatic_flag 
_chem_comp_atom.pdbx_stereo_config 
_chem_comp_atom.pdbx_ordinal 
ALA N    N N N 1   
ALA CA   C N S 2   
ALA C    C N N 3   
ALA O    O N N 4   
ALA CB   C N N 5   
ALA OXT  O N N 6   
ALA H    H N N 7   
ALA H2   H N N 8   
ALA HA   H N N 9   
ALA HB1  H N N 10  
ALA HB2  H N N 11  
ALA HB3  H N N 12  
ALA HXT  H N N 13  
ARG N    N N N 14  
ARG CA   C N S 15  
ARG C    C N N 16  
ARG O    O N N 17  
ARG CB   C N N 18  
ARG CG   C N N 19  
ARG CD   C N N 20  
ARG NE   N N N 21  
ARG CZ   C N N 22  
ARG NH1  N N N 23  
ARG NH2  N N N 24  
ARG OXT  O N N 25  
ARG H    H N N 26  
ARG H2   H N N 27  
ARG HA   H N N 28  
ARG HB2  H N N 29  
ARG HB3  H N N 30  
ARG HG2  H N N 31  
ARG HG3  H N N 32  
ARG HD2  H N N 33  
ARG HD3  H N N 34  
ARG HE   H N N 35  
ARG HH11 H N N 36  
ARG HH12 H N N 37  
ARG HH21 H N N 38  
ARG HH22 H N N 39  
ARG HXT  H N N 40  
ASN N    N N N 41  
ASN CA   C N S 42  
ASN C    C N N 43  
ASN O    O N N 44  
ASN CB   C N N 45  
ASN CG   C N N 46  
ASN OD1  O N N 47  
ASN ND2  N N N 48  
ASN OXT  O N N 49  
ASN H    H N N 50  
ASN H2   H N N 51  
ASN HA   H N N 52  
ASN HB2  H N N 53  
ASN HB3  H N N 54  
ASN HD21 H N N 55  
ASN HD22 H N N 56  
ASN HXT  H N N 57  
ASP N    N N N 58  
ASP CA   C N S 59  
ASP C    C N N 60  
ASP O    O N N 61  
ASP CB   C N N 62  
ASP CG   C N N 63  
ASP OD1  O N N 64  
ASP OD2  O N N 65  
ASP OXT  O N N 66  
ASP H    H N N 67  
ASP H2   H N N 68  
ASP HA   H N N 69  
ASP HB2  H N N 70  
ASP HB3  H N N 71  
ASP HD2  H N N 72  
ASP HXT  H N N 73  
GLN N    N N N 74  
GLN CA   C N S 75  
GLN C    C N N 76  
GLN O    O N N 77  
GLN CB   C N N 78  
GLN CG   C N N 79  
GLN CD   C N N 80  
GLN OE1  O N N 81  
GLN NE2  N N N 82  
GLN OXT  O N N 83  
GLN H    H N N 84  
GLN H2   H N N 85  
GLN HA   H N N 86  
GLN HB2  H N N 87  
GLN HB3  H N N 88  
GLN HG2  H N N 89  
GLN HG3  H N N 90  
GLN HE21 H N N 91  
GLN HE22 H N N 92  
GLN HXT  H N N 93  
GLU N    N N N 94  
GLU CA   C N S 95  
GLU C    C N N 96  
GLU O    O N N 97  
GLU CB   C N N 98  
GLU CG   C N N 99  
GLU CD   C N N 100 
GLU OE1  O N N 101 
GLU OE2  O N N 102 
GLU OXT  O N N 103 
GLU H    H N N 104 
GLU H2   H N N 105 
GLU HA   H N N 106 
GLU HB2  H N N 107 
GLU HB3  H N N 108 
GLU HG2  H N N 109 
GLU HG3  H N N 110 
GLU HE2  H N N 111 
GLU HXT  H N N 112 
GLY N    N N N 113 
GLY CA   C N N 114 
GLY C    C N N 115 
GLY O    O N N 116 
GLY OXT  O N N 117 
GLY H    H N N 118 
GLY H2   H N N 119 
GLY HA2  H N N 120 
GLY HA3  H N N 121 
GLY HXT  H N N 122 
HOH O    O N N 123 
HOH H1   H N N 124 
HOH H2   H N N 125 
ILE N    N N N 126 
ILE CA   C N S 127 
ILE C    C N N 128 
ILE O    O N N 129 
ILE CB   C N S 130 
ILE CG1  C N N 131 
ILE CG2  C N N 132 
ILE CD1  C N N 133 
ILE OXT  O N N 134 
ILE H    H N N 135 
ILE H2   H N N 136 
ILE HA   H N N 137 
ILE HB   H N N 138 
ILE HG12 H N N 139 
ILE HG13 H N N 140 
ILE HG21 H N N 141 
ILE HG22 H N N 142 
ILE HG23 H N N 143 
ILE HD11 H N N 144 
ILE HD12 H N N 145 
ILE HD13 H N N 146 
ILE HXT  H N N 147 
LEU N    N N N 148 
LEU CA   C N S 149 
LEU C    C N N 150 
LEU O    O N N 151 
LEU CB   C N N 152 
LEU CG   C N N 153 
LEU CD1  C N N 154 
LEU CD2  C N N 155 
LEU OXT  O N N 156 
LEU H    H N N 157 
LEU H2   H N N 158 
LEU HA   H N N 159 
LEU HB2  H N N 160 
LEU HB3  H N N 161 
LEU HG   H N N 162 
LEU HD11 H N N 163 
LEU HD12 H N N 164 
LEU HD13 H N N 165 
LEU HD21 H N N 166 
LEU HD22 H N N 167 
LEU HD23 H N N 168 
LEU HXT  H N N 169 
LYS N    N N N 170 
LYS CA   C N S 171 
LYS C    C N N 172 
LYS O    O N N 173 
LYS CB   C N N 174 
LYS CG   C N N 175 
LYS CD   C N N 176 
LYS CE   C N N 177 
LYS NZ   N N N 178 
LYS OXT  O N N 179 
LYS H    H N N 180 
LYS H2   H N N 181 
LYS HA   H N N 182 
LYS HB2  H N N 183 
LYS HB3  H N N 184 
LYS HG2  H N N 185 
LYS HG3  H N N 186 
LYS HD2  H N N 187 
LYS HD3  H N N 188 
LYS HE2  H N N 189 
LYS HE3  H N N 190 
LYS HZ1  H N N 191 
LYS HZ2  H N N 192 
LYS HZ3  H N N 193 
LYS HXT  H N N 194 
MET N    N N N 195 
MET CA   C N S 196 
MET C    C N N 197 
MET O    O N N 198 
MET CB   C N N 199 
MET CG   C N N 200 
MET SD   S N N 201 
MET CE   C N N 202 
MET OXT  O N N 203 
MET H    H N N 204 
MET H2   H N N 205 
MET HA   H N N 206 
MET HB2  H N N 207 
MET HB3  H N N 208 
MET HG2  H N N 209 
MET HG3  H N N 210 
MET HE1  H N N 211 
MET HE2  H N N 212 
MET HE3  H N N 213 
MET HXT  H N N 214 
PHE N    N N N 215 
PHE CA   C N S 216 
PHE C    C N N 217 
PHE O    O N N 218 
PHE CB   C N N 219 
PHE CG   C Y N 220 
PHE CD1  C Y N 221 
PHE CD2  C Y N 222 
PHE CE1  C Y N 223 
PHE CE2  C Y N 224 
PHE CZ   C Y N 225 
PHE OXT  O N N 226 
PHE H    H N N 227 
PHE H2   H N N 228 
PHE HA   H N N 229 
PHE HB2  H N N 230 
PHE HB3  H N N 231 
PHE HD1  H N N 232 
PHE HD2  H N N 233 
PHE HE1  H N N 234 
PHE HE2  H N N 235 
PHE HZ   H N N 236 
PHE HXT  H N N 237 
PRO N    N N N 238 
PRO CA   C N S 239 
PRO C    C N N 240 
PRO O    O N N 241 
PRO CB   C N N 242 
PRO CG   C N N 243 
PRO CD   C N N 244 
PRO OXT  O N N 245 
PRO H    H N N 246 
PRO HA   H N N 247 
PRO HB2  H N N 248 
PRO HB3  H N N 249 
PRO HG2  H N N 250 
PRO HG3  H N N 251 
PRO HD2  H N N 252 
PRO HD3  H N N 253 
PRO HXT  H N N 254 
THR N    N N N 255 
THR CA   C N S 256 
THR C    C N N 257 
THR O    O N N 258 
THR CB   C N R 259 
THR OG1  O N N 260 
THR CG2  C N N 261 
THR OXT  O N N 262 
THR H    H N N 263 
THR H2   H N N 264 
THR HA   H N N 265 
THR HB   H N N 266 
THR HG1  H N N 267 
THR HG21 H N N 268 
THR HG22 H N N 269 
THR HG23 H N N 270 
THR HXT  H N N 271 
TYR N    N N N 272 
TYR CA   C N S 273 
TYR C    C N N 274 
TYR O    O N N 275 
TYR CB   C N N 276 
TYR CG   C Y N 277 
TYR CD1  C Y N 278 
TYR CD2  C Y N 279 
TYR CE1  C Y N 280 
TYR CE2  C Y N 281 
TYR CZ   C Y N 282 
TYR OH   O N N 283 
TYR OXT  O N N 284 
TYR H    H N N 285 
TYR H2   H N N 286 
TYR HA   H N N 287 
TYR HB2  H N N 288 
TYR HB3  H N N 289 
TYR HD1  H N N 290 
TYR HD2  H N N 291 
TYR HE1  H N N 292 
TYR HE2  H N N 293 
TYR HH   H N N 294 
TYR HXT  H N N 295 
VAL N    N N N 296 
VAL CA   C N S 297 
VAL C    C N N 298 
VAL O    O N N 299 
VAL CB   C N N 300 
VAL CG1  C N N 301 
VAL CG2  C N N 302 
VAL OXT  O N N 303 
VAL H    H N N 304 
VAL H2   H N N 305 
VAL HA   H N N 306 
VAL HB   H N N 307 
VAL HG11 H N N 308 
VAL HG12 H N N 309 
VAL HG13 H N N 310 
VAL HG21 H N N 311 
VAL HG22 H N N 312 
VAL HG23 H N N 313 
VAL HXT  H N N 314 
# 
loop_
_chem_comp_bond.comp_id 
_chem_comp_bond.atom_id_1 
_chem_comp_bond.atom_id_2 
_chem_comp_bond.value_order 
_chem_comp_bond.pdbx_aromatic_flag 
_chem_comp_bond.pdbx_stereo_config 
_chem_comp_bond.pdbx_ordinal 
ALA N   CA   sing N N 1   
ALA N   H    sing N N 2   
ALA N   H2   sing N N 3   
ALA CA  C    sing N N 4   
ALA CA  CB   sing N N 5   
ALA CA  HA   sing N N 6   
ALA C   O    doub N N 7   
ALA C   OXT  sing N N 8   
ALA CB  HB1  sing N N 9   
ALA CB  HB2  sing N N 10  
ALA CB  HB3  sing N N 11  
ALA OXT HXT  sing N N 12  
ARG N   CA   sing N N 13  
ARG N   H    sing N N 14  
ARG N   H2   sing N N 15  
ARG CA  C    sing N N 16  
ARG CA  CB   sing N N 17  
ARG CA  HA   sing N N 18  
ARG C   O    doub N N 19  
ARG C   OXT  sing N N 20  
ARG CB  CG   sing N N 21  
ARG CB  HB2  sing N N 22  
ARG CB  HB3  sing N N 23  
ARG CG  CD   sing N N 24  
ARG CG  HG2  sing N N 25  
ARG CG  HG3  sing N N 26  
ARG CD  NE   sing N N 27  
ARG CD  HD2  sing N N 28  
ARG CD  HD3  sing N N 29  
ARG NE  CZ   sing N N 30  
ARG NE  HE   sing N N 31  
ARG CZ  NH1  sing N N 32  
ARG CZ  NH2  doub N N 33  
ARG NH1 HH11 sing N N 34  
ARG NH1 HH12 sing N N 35  
ARG NH2 HH21 sing N N 36  
ARG NH2 HH22 sing N N 37  
ARG OXT HXT  sing N N 38  
ASN N   CA   sing N N 39  
ASN N   H    sing N N 40  
ASN N   H2   sing N N 41  
ASN CA  C    sing N N 42  
ASN CA  CB   sing N N 43  
ASN CA  HA   sing N N 44  
ASN C   O    doub N N 45  
ASN C   OXT  sing N N 46  
ASN CB  CG   sing N N 47  
ASN CB  HB2  sing N N 48  
ASN CB  HB3  sing N N 49  
ASN CG  OD1  doub N N 50  
ASN CG  ND2  sing N N 51  
ASN ND2 HD21 sing N N 52  
ASN ND2 HD22 sing N N 53  
ASN OXT HXT  sing N N 54  
ASP N   CA   sing N N 55  
ASP N   H    sing N N 56  
ASP N   H2   sing N N 57  
ASP CA  C    sing N N 58  
ASP CA  CB   sing N N 59  
ASP CA  HA   sing N N 60  
ASP C   O    doub N N 61  
ASP C   OXT  sing N N 62  
ASP CB  CG   sing N N 63  
ASP CB  HB2  sing N N 64  
ASP CB  HB3  sing N N 65  
ASP CG  OD1  doub N N 66  
ASP CG  OD2  sing N N 67  
ASP OD2 HD2  sing N N 68  
ASP OXT HXT  sing N N 69  
GLN N   CA   sing N N 70  
GLN N   H    sing N N 71  
GLN N   H2   sing N N 72  
GLN CA  C    sing N N 73  
GLN CA  CB   sing N N 74  
GLN CA  HA   sing N N 75  
GLN C   O    doub N N 76  
GLN C   OXT  sing N N 77  
GLN CB  CG   sing N N 78  
GLN CB  HB2  sing N N 79  
GLN CB  HB3  sing N N 80  
GLN CG  CD   sing N N 81  
GLN CG  HG2  sing N N 82  
GLN CG  HG3  sing N N 83  
GLN CD  OE1  doub N N 84  
GLN CD  NE2  sing N N 85  
GLN NE2 HE21 sing N N 86  
GLN NE2 HE22 sing N N 87  
GLN OXT HXT  sing N N 88  
GLU N   CA   sing N N 89  
GLU N   H    sing N N 90  
GLU N   H2   sing N N 91  
GLU CA  C    sing N N 92  
GLU CA  CB   sing N N 93  
GLU CA  HA   sing N N 94  
GLU C   O    doub N N 95  
GLU C   OXT  sing N N 96  
GLU CB  CG   sing N N 97  
GLU CB  HB2  sing N N 98  
GLU CB  HB3  sing N N 99  
GLU CG  CD   sing N N 100 
GLU CG  HG2  sing N N 101 
GLU CG  HG3  sing N N 102 
GLU CD  OE1  doub N N 103 
GLU CD  OE2  sing N N 104 
GLU OE2 HE2  sing N N 105 
GLU OXT HXT  sing N N 106 
GLY N   CA   sing N N 107 
GLY N   H    sing N N 108 
GLY N   H2   sing N N 109 
GLY CA  C    sing N N 110 
GLY CA  HA2  sing N N 111 
GLY CA  HA3  sing N N 112 
GLY C   O    doub N N 113 
GLY C   OXT  sing N N 114 
GLY OXT HXT  sing N N 115 
HOH O   H1   sing N N 116 
HOH O   H2   sing N N 117 
ILE N   CA   sing N N 118 
ILE N   H    sing N N 119 
ILE N   H2   sing N N 120 
ILE CA  C    sing N N 121 
ILE CA  CB   sing N N 122 
ILE CA  HA   sing N N 123 
ILE C   O    doub N N 124 
ILE C   OXT  sing N N 125 
ILE CB  CG1  sing N N 126 
ILE CB  CG2  sing N N 127 
ILE CB  HB   sing N N 128 
ILE CG1 CD1  sing N N 129 
ILE CG1 HG12 sing N N 130 
ILE CG1 HG13 sing N N 131 
ILE CG2 HG21 sing N N 132 
ILE CG2 HG22 sing N N 133 
ILE CG2 HG23 sing N N 134 
ILE CD1 HD11 sing N N 135 
ILE CD1 HD12 sing N N 136 
ILE CD1 HD13 sing N N 137 
ILE OXT HXT  sing N N 138 
LEU N   CA   sing N N 139 
LEU N   H    sing N N 140 
LEU N   H2   sing N N 141 
LEU CA  C    sing N N 142 
LEU CA  CB   sing N N 143 
LEU CA  HA   sing N N 144 
LEU C   O    doub N N 145 
LEU C   OXT  sing N N 146 
LEU CB  CG   sing N N 147 
LEU CB  HB2  sing N N 148 
LEU CB  HB3  sing N N 149 
LEU CG  CD1  sing N N 150 
LEU CG  CD2  sing N N 151 
LEU CG  HG   sing N N 152 
LEU CD1 HD11 sing N N 153 
LEU CD1 HD12 sing N N 154 
LEU CD1 HD13 sing N N 155 
LEU CD2 HD21 sing N N 156 
LEU CD2 HD22 sing N N 157 
LEU CD2 HD23 sing N N 158 
LEU OXT HXT  sing N N 159 
LYS N   CA   sing N N 160 
LYS N   H    sing N N 161 
LYS N   H2   sing N N 162 
LYS CA  C    sing N N 163 
LYS CA  CB   sing N N 164 
LYS CA  HA   sing N N 165 
LYS C   O    doub N N 166 
LYS C   OXT  sing N N 167 
LYS CB  CG   sing N N 168 
LYS CB  HB2  sing N N 169 
LYS CB  HB3  sing N N 170 
LYS CG  CD   sing N N 171 
LYS CG  HG2  sing N N 172 
LYS CG  HG3  sing N N 173 
LYS CD  CE   sing N N 174 
LYS CD  HD2  sing N N 175 
LYS CD  HD3  sing N N 176 
LYS CE  NZ   sing N N 177 
LYS CE  HE2  sing N N 178 
LYS CE  HE3  sing N N 179 
LYS NZ  HZ1  sing N N 180 
LYS NZ  HZ2  sing N N 181 
LYS NZ  HZ3  sing N N 182 
LYS OXT HXT  sing N N 183 
MET N   CA   sing N N 184 
MET N   H    sing N N 185 
MET N   H2   sing N N 186 
MET CA  C    sing N N 187 
MET CA  CB   sing N N 188 
MET CA  HA   sing N N 189 
MET C   O    doub N N 190 
MET C   OXT  sing N N 191 
MET CB  CG   sing N N 192 
MET CB  HB2  sing N N 193 
MET CB  HB3  sing N N 194 
MET CG  SD   sing N N 195 
MET CG  HG2  sing N N 196 
MET CG  HG3  sing N N 197 
MET SD  CE   sing N N 198 
MET CE  HE1  sing N N 199 
MET CE  HE2  sing N N 200 
MET CE  HE3  sing N N 201 
MET OXT HXT  sing N N 202 
PHE N   CA   sing N N 203 
PHE N   H    sing N N 204 
PHE N   H2   sing N N 205 
PHE CA  C    sing N N 206 
PHE CA  CB   sing N N 207 
PHE CA  HA   sing N N 208 
PHE C   O    doub N N 209 
PHE C   OXT  sing N N 210 
PHE CB  CG   sing N N 211 
PHE CB  HB2  sing N N 212 
PHE CB  HB3  sing N N 213 
PHE CG  CD1  doub Y N 214 
PHE CG  CD2  sing Y N 215 
PHE CD1 CE1  sing Y N 216 
PHE CD1 HD1  sing N N 217 
PHE CD2 CE2  doub Y N 218 
PHE CD2 HD2  sing N N 219 
PHE CE1 CZ   doub Y N 220 
PHE CE1 HE1  sing N N 221 
PHE CE2 CZ   sing Y N 222 
PHE CE2 HE2  sing N N 223 
PHE CZ  HZ   sing N N 224 
PHE OXT HXT  sing N N 225 
PRO N   CA   sing N N 226 
PRO N   CD   sing N N 227 
PRO N   H    sing N N 228 
PRO CA  C    sing N N 229 
PRO CA  CB   sing N N 230 
PRO CA  HA   sing N N 231 
PRO C   O    doub N N 232 
PRO C   OXT  sing N N 233 
PRO CB  CG   sing N N 234 
PRO CB  HB2  sing N N 235 
PRO CB  HB3  sing N N 236 
PRO CG  CD   sing N N 237 
PRO CG  HG2  sing N N 238 
PRO CG  HG3  sing N N 239 
PRO CD  HD2  sing N N 240 
PRO CD  HD3  sing N N 241 
PRO OXT HXT  sing N N 242 
THR N   CA   sing N N 243 
THR N   H    sing N N 244 
THR N   H2   sing N N 245 
THR CA  C    sing N N 246 
THR CA  CB   sing N N 247 
THR CA  HA   sing N N 248 
THR C   O    doub N N 249 
THR C   OXT  sing N N 250 
THR CB  OG1  sing N N 251 
THR CB  CG2  sing N N 252 
THR CB  HB   sing N N 253 
THR OG1 HG1  sing N N 254 
THR CG2 HG21 sing N N 255 
THR CG2 HG22 sing N N 256 
THR CG2 HG23 sing N N 257 
THR OXT HXT  sing N N 258 
TYR N   CA   sing N N 259 
TYR N   H    sing N N 260 
TYR N   H2   sing N N 261 
TYR CA  C    sing N N 262 
TYR CA  CB   sing N N 263 
TYR CA  HA   sing N N 264 
TYR C   O    doub N N 265 
TYR C   OXT  sing N N 266 
TYR CB  CG   sing N N 267 
TYR CB  HB2  sing N N 268 
TYR CB  HB3  sing N N 269 
TYR CG  CD1  doub Y N 270 
TYR CG  CD2  sing Y N 271 
TYR CD1 CE1  sing Y N 272 
TYR CD1 HD1  sing N N 273 
TYR CD2 CE2  doub Y N 274 
TYR CD2 HD2  sing N N 275 
TYR CE1 CZ   doub Y N 276 
TYR CE1 HE1  sing N N 277 
TYR CE2 CZ   sing Y N 278 
TYR CE2 HE2  sing N N 279 
TYR CZ  OH   sing N N 280 
TYR OH  HH   sing N N 281 
TYR OXT HXT  sing N N 282 
VAL N   CA   sing N N 283 
VAL N   H    sing N N 284 
VAL N   H2   sing N N 285 
VAL CA  C    sing N N 286 
VAL CA  CB   sing N N 287 
VAL CA  HA   sing N N 288 
VAL C   O    doub N N 289 
VAL C   OXT  sing N N 290 
VAL CB  CG1  sing N N 291 
VAL CB  CG2  sing N N 292 
VAL CB  HB   sing N N 293 
VAL CG1 HG11 sing N N 294 
VAL CG1 HG12 sing N N 295 
VAL CG1 HG13 sing N N 296 
VAL CG2 HG21 sing N N 297 
VAL CG2 HG22 sing N N 298 
VAL CG2 HG23 sing N N 299 
VAL OXT HXT  sing N N 300 
# 
_atom_sites.entry_id                    4OZS 
_atom_sites.fract_transf_matrix[1][1]   -0.01085795 
_atom_sites.fract_transf_matrix[1][2]   -0.01120232 
_atom_sites.fract_transf_matrix[1][3]   0.00996158 
_atom_sites.fract_transf_matrix[2][1]   0.00040159 
_atom_sites.fract_transf_matrix[2][2]   0.00863378 
_atom_sites.fract_transf_matrix[2][3]   0.01014686 
_atom_sites.fract_transf_matrix[3][1]   -0.00950866 
_atom_sites.fract_transf_matrix[3][2]   0.00543709 
_atom_sites.fract_transf_matrix[3][3]   -0.00424999 
_atom_sites.fract_transf_vector[1]      0.593781 
_atom_sites.fract_transf_vector[2]      0.066312 
_atom_sites.fract_transf_vector[3]      0.116328 
# 
loop_
_atom_type.symbol 
C 
N 
O 
S 
# 
loop_
_atom_site.group_PDB 
_atom_site.id 
_atom_site.type_symbol 
_atom_site.label_atom_id 
_atom_site.label_alt_id 
_atom_site.label_comp_id 
_atom_site.label_asym_id 
_atom_site.label_entity_id 
_atom_site.label_seq_id 
_atom_site.pdbx_PDB_ins_code 
_atom_site.Cartn_x 
_atom_site.Cartn_y 
_atom_site.Cartn_z 
_atom_site.occupancy 
_atom_site.B_iso_or_equiv 
_atom_site.pdbx_formal_charge 
_atom_site.auth_seq_id 
_atom_site.auth_comp_id 
_atom_site.auth_asym_id 
_atom_site.auth_atom_id 
_atom_site.pdbx_PDB_model_num 
ATOM   1    N N   . ASP A 1 1   ? 16.355  -13.484 21.282  1.00 43.88  ? 1   ASP A N   1 
ATOM   2    C CA  . ASP A 1 1   ? 17.053  -12.769 20.214  1.00 55.80  ? 1   ASP A CA  1 
ATOM   3    C C   . ASP A 1 1   ? 15.940  -12.425 19.245  1.00 57.97  ? 1   ASP A C   1 
ATOM   4    O O   . ASP A 1 1   ? 14.778  -12.820 19.441  1.00 64.28  ? 1   ASP A O   1 
ATOM   5    C CB  . ASP A 1 1   ? 18.087  -13.687 19.546  1.00 63.10  ? 1   ASP A CB  1 
ATOM   6    C CG  . ASP A 1 1   ? 17.463  -14.997 19.047  1.00 59.15  ? 1   ASP A CG  1 
ATOM   7    O OD1 . ASP A 1 1   ? 16.491  -14.976 18.260  1.00 64.73  ? 1   ASP A OD1 1 
ATOM   8    O OD2 . ASP A 1 1   ? 17.926  -16.053 19.504  1.00 76.58  ? 1   ASP A OD2 1 
ATOM   9    N N   . VAL A 1 2   ? 16.309  -11.725 18.184  1.00 59.57  ? 2   VAL A N   1 
ATOM   10   C CA  . VAL A 1 2   ? 15.345  -11.217 17.226  1.00 60.76  ? 2   VAL A CA  1 
ATOM   11   C C   . VAL A 1 2   ? 14.439  -12.288 16.663  1.00 53.51  ? 2   VAL A C   1 
ATOM   12   O O   . VAL A 1 2   ? 13.267  -12.019 16.330  1.00 53.02  ? 2   VAL A O   1 
ATOM   13   C CB  . VAL A 1 2   ? 16.048  -10.478 16.092  1.00 59.21  ? 2   VAL A CB  1 
ATOM   14   C CG1 . VAL A 1 2   ? 15.063  -9.578  15.347  1.00 59.51  ? 2   VAL A CG1 1 
ATOM   15   C CG2 . VAL A 1 2   ? 17.168  -9.676  16.700  1.00 58.27  ? 2   VAL A CG2 1 
ATOM   16   N N   . VAL A 1 3   ? 14.950  -13.505 16.562  1.00 52.28  ? 3   VAL A N   1 
ATOM   17   C CA  . VAL A 1 3   ? 14.095  -14.554 15.988  1.00 56.71  ? 3   VAL A CA  1 
ATOM   18   C C   . VAL A 1 3   ? 12.943  -14.970 16.975  1.00 45.14  ? 3   VAL A C   1 
ATOM   19   O O   . VAL A 1 3   ? 11.809  -15.100 16.537  1.00 44.69  ? 3   VAL A O   1 
ATOM   20   C CB  . VAL A 1 3   ? 14.887  -15.798 15.484  1.00 65.62  ? 3   VAL A CB  1 
ATOM   21   C CG1 . VAL A 1 3   ? 13.947  -16.747 14.738  1.00 55.57  ? 3   VAL A CG1 1 
ATOM   22   C CG2 . VAL A 1 3   ? 16.056  -15.399 14.579  1.00 58.79  ? 3   VAL A CG2 1 
ATOM   23   N N   . THR A 1 4   ? 13.240  -15.139 18.272  1.00 43.84  ? 4   THR A N   1 
ATOM   24   C CA  . THR A 1 4   ? 12.192  -15.381 19.277  1.00 47.49  ? 4   THR A CA  1 
ATOM   25   C C   . THR A 1 4   ? 11.129  -14.257 19.181  1.00 42.35  ? 4   THR A C   1 
ATOM   26   O O   . THR A 1 4   ? 9.938   -14.500 18.974  1.00 45.78  ? 4   THR A O   1 
ATOM   27   C CB  . THR A 1 4   ? 12.680  -15.378 20.771  1.00 44.33  ? 4   THR A CB  1 
ATOM   28   O OG1 . THR A 1 4   ? 14.061  -15.741 20.924  1.00 52.34  ? 4   THR A OG1 1 
ATOM   29   C CG2 . THR A 1 4   ? 11.829  -16.299 21.600  1.00 38.52  ? 4   THR A CG2 1 
ATOM   30   N N   . TYR A 1 5   ? 11.586  -13.019 19.281  1.00 39.20  ? 5   TYR A N   1 
ATOM   31   C CA  . TYR A 1 5   ? 10.648  -11.900 19.273  1.00 38.94  ? 5   TYR A CA  1 
ATOM   32   C C   . TYR A 1 5   ? 9.860   -11.803 18.018  1.00 38.73  ? 5   TYR A C   1 
ATOM   33   O O   . TYR A 1 5   ? 8.589   -11.678 18.066  1.00 39.57  ? 5   TYR A O   1 
ATOM   34   C CB  . TYR A 1 5   ? 11.392  -10.595 19.568  1.00 34.90  ? 5   TYR A CB  1 
ATOM   35   C CG  . TYR A 1 5   ? 11.661  -10.473 21.042  1.00 38.84  ? 5   TYR A CG  1 
ATOM   36   C CD1 . TYR A 1 5   ? 10.599  -10.184 21.937  1.00 39.02  ? 5   TYR A CD1 1 
ATOM   37   C CD2 . TYR A 1 5   ? 12.956  -10.619 21.570  1.00 42.01  ? 5   TYR A CD2 1 
ATOM   38   C CE1 . TYR A 1 5   ? 10.827  -10.049 23.307  1.00 37.55  ? 5   TYR A CE1 1 
ATOM   39   C CE2 . TYR A 1 5   ? 13.185  -10.515 22.947  1.00 43.60  ? 5   TYR A CE2 1 
ATOM   40   C CZ  . TYR A 1 5   ? 12.118  -10.206 23.798  1.00 41.28  ? 5   TYR A CZ  1 
ATOM   41   O OH  . TYR A 1 5   ? 12.294  -10.104 25.164  1.00 48.31  ? 5   TYR A OH  1 
ATOM   42   N N   . ASN A 1 6   ? 10.546  -11.930 16.871  1.00 39.47  ? 6   ASN A N   1 
ATOM   43   C CA  . ASN A 1 6   ? 9.807   -11.789 15.563  1.00 40.53  ? 6   ASN A CA  1 
ATOM   44   C C   . ASN A 1 6   ? 8.738   -12.841 15.375  1.00 34.39  ? 6   ASN A C   1 
ATOM   45   O O   . ASN A 1 6   ? 7.596   -12.608 14.922  1.00 38.59  ? 6   ASN A O   1 
ATOM   46   C CB  . ASN A 1 6   ? 10.788  -11.816 14.378  1.00 47.28  ? 6   ASN A CB  1 
ATOM   47   C CG  . ASN A 1 6   ? 11.516  -10.457 14.157  1.00 53.80  ? 6   ASN A CG  1 
ATOM   48   O OD1 . ASN A 1 6   ? 11.370  -9.497  14.917  1.00 44.92  ? 6   ASN A OD1 1 
ATOM   49   N ND2 . ASN A 1 6   ? 12.323  -10.406 13.127  1.00 59.00  ? 6   ASN A ND2 1 
ATOM   50   N N   . THR A 1 7   ? 9.069   -14.049 15.776  1.00 40.74  ? 7   THR A N   1 
ATOM   51   C CA  . THR A 1 7   ? 8.024   -15.098 15.639  1.00 44.91  ? 7   THR A CA  1 
ATOM   52   C C   . THR A 1 7   ? 6.818   -14.822 16.521  1.00 37.90  ? 7   THR A C   1 
ATOM   53   O O   . THR A 1 7   ? 5.661   -14.960 16.096  1.00 41.37  ? 7   THR A O   1 
ATOM   54   C CB  . THR A 1 7   ? 8.581   -16.437 16.125  1.00 55.24  ? 7   THR A CB  1 
ATOM   55   O OG1 . THR A 1 7   ? 9.949   -16.540 15.717  1.00 51.23  ? 7   THR A OG1 1 
ATOM   56   C CG2 . THR A 1 7   ? 7.734   -17.569 15.579  1.00 53.61  ? 7   THR A CG2 1 
ATOM   57   N N   . LEU A 1 8   ? 7.059   -14.409 17.773  1.00 42.13  ? 8   LEU A N   1 
ATOM   58   C CA  . LEU A 1 8   ? 5.866   -14.178 18.682  1.00 34.66  ? 8   LEU A CA  1 
ATOM   59   C C   . LEU A 1 8   ? 5.109   -12.988 18.185  1.00 30.66  ? 8   LEU A C   1 
ATOM   60   O O   . LEU A 1 8   ? 3.859   -12.963 18.093  1.00 31.96  ? 8   LEU A O   1 
ATOM   61   C CB  . LEU A 1 8   ? 6.403   -13.950 20.084  1.00 32.92  ? 8   LEU A CB  1 
ATOM   62   C CG  . LEU A 1 8   ? 6.901   -15.279 20.615  1.00 35.74  ? 8   LEU A CG  1 
ATOM   63   C CD1 . LEU A 1 8   ? 7.578   -15.103 21.965  1.00 34.59  ? 8   LEU A CD1 1 
ATOM   64   C CD2 . LEU A 1 8   ? 5.735   -16.229 20.812  1.00 39.55  ? 8   LEU A CD2 1 
ATOM   65   N N   . ILE A 1 9   ? 5.866   -11.952 17.827  1.00 35.35  ? 9   ILE A N   1 
ATOM   66   C CA  . ILE A 1 9   ? 5.208   -10.674 17.441  1.00 40.24  ? 9   ILE A CA  1 
ATOM   67   C C   . ILE A 1 9   ? 4.413   -10.980 16.159  1.00 41.92  ? 9   ILE A C   1 
ATOM   68   O O   . ILE A 1 9   ? 3.225   -10.599 15.981  1.00 40.73  ? 9   ILE A O   1 
ATOM   69   C CB  . ILE A 1 9   ? 6.251   -9.544  17.217  1.00 40.53  ? 9   ILE A CB  1 
ATOM   70   C CG1 . ILE A 1 9   ? 6.864   -9.154  18.587  1.00 39.99  ? 9   ILE A CG1 1 
ATOM   71   C CG2 . ILE A 1 9   ? 5.565   -8.377  16.506  1.00 41.14  ? 9   ILE A CG2 1 
ATOM   72   C CD1 . ILE A 1 9   ? 8.112   -8.270  18.506  1.00 43.98  ? 9   ILE A CD1 1 
ATOM   73   N N   . ASP A 1 10  ? 5.033   -11.756 15.303  1.00 43.95  ? 10  ASP A N   1 
ATOM   74   C CA  . ASP A 1 10  ? 4.336   -12.068 14.028  1.00 49.14  ? 10  ASP A CA  1 
ATOM   75   C C   . ASP A 1 10  ? 3.117   -12.905 14.253  1.00 42.38  ? 10  ASP A C   1 
ATOM   76   O O   . ASP A 1 10  ? 2.006   -12.578 13.778  1.00 47.70  ? 10  ASP A O   1 
ATOM   77   C CB  . ASP A 1 10  ? 5.235   -12.771 13.016  1.00 58.16  ? 10  ASP A CB  1 
ATOM   78   C CG  . ASP A 1 10  ? 4.419   -13.237 11.803  1.00 77.86  ? 10  ASP A CG  1 
ATOM   79   O OD1 . ASP A 1 10  ? 3.947   -12.384 11.026  1.00 77.81  ? 10  ASP A OD1 1 
ATOM   80   O OD2 . ASP A 1 10  ? 4.156   -14.444 11.671  1.00 81.53  ? 10  ASP A OD2 1 
ATOM   81   N N   . GLY A 1 11  ? 3.258   -13.949 15.072  1.00 40.89  ? 11  GLY A N   1 
ATOM   82   C CA  . GLY A 1 11  ? 2.046   -14.711 15.383  1.00 41.36  ? 11  GLY A CA  1 
ATOM   83   C C   . GLY A 1 11  ? 0.977   -13.862 16.062  1.00 44.78  ? 11  GLY A C   1 
ATOM   84   O O   . GLY A 1 11  ? -0.209  -13.935 15.711  1.00 48.49  ? 11  GLY A O   1 
ATOM   85   N N   . LEU A 1 12  ? 1.354   -13.052 17.063  1.00 43.31  ? 12  LEU A N   1 
ATOM   86   C CA  . LEU A 1 12  ? 0.297   -12.221 17.781  1.00 38.55  ? 12  LEU A CA  1 
ATOM   87   C C   . LEU A 1 12  ? -0.349  -11.255 16.806  1.00 39.15  ? 12  LEU A C   1 
ATOM   88   O O   . LEU A 1 12  ? -1.567  -10.984 16.878  1.00 39.26  ? 12  LEU A O   1 
ATOM   89   C CB  . LEU A 1 12  ? 0.924   -11.378 18.929  1.00 37.28  ? 12  LEU A CB  1 
ATOM   90   C CG  . LEU A 1 12  ? 1.528   -12.185 20.084  1.00 43.21  ? 12  LEU A CG  1 
ATOM   91   C CD1 . LEU A 1 12  ? 2.542   -11.334 20.835  1.00 37.76  ? 12  LEU A CD1 1 
ATOM   92   C CD2 . LEU A 1 12  ? 0.343   -12.530 20.985  1.00 40.16  ? 12  LEU A CD2 1 
ATOM   93   N N   . ALA A 1 13  ? 0.483   -10.666 15.933  1.00 41.15  ? 13  ALA A N   1 
ATOM   94   C CA  . ALA A 1 13  ? -0.089  -9.669  14.979  1.00 45.38  ? 13  ALA A CA  1 
ATOM   95   C C   . ALA A 1 13  ? -1.093  -10.383 14.073  1.00 52.27  ? 13  ALA A C   1 
ATOM   96   O O   . ALA A 1 13  ? -2.202  -9.919  13.930  1.00 54.97  ? 13  ALA A O   1 
ATOM   97   C CB  . ALA A 1 13  ? 1.011   -8.983  14.165  1.00 46.58  ? 13  ALA A CB  1 
ATOM   98   N N   . LYS A 1 14  ? -0.738  -11.562 13.557  1.00 55.95  ? 14  LYS A N   1 
ATOM   99   C CA  . LYS A 1 14  ? -1.674  -12.343 12.749  1.00 61.34  ? 14  LYS A CA  1 
ATOM   100  C C   . LYS A 1 14  ? -2.965  -12.612 13.485  1.00 61.85  ? 14  LYS A C   1 
ATOM   101  O O   . LYS A 1 14  ? -4.012  -12.607 12.868  1.00 57.75  ? 14  LYS A O   1 
ATOM   102  C CB  . LYS A 1 14  ? -1.098  -13.701 12.377  1.00 62.42  ? 14  LYS A CB  1 
ATOM   103  C CG  . LYS A 1 14  ? -0.128  -13.710 11.225  1.00 71.38  ? 14  LYS A CG  1 
ATOM   104  C CD  . LYS A 1 14  ? -0.146  -15.136 10.678  1.00 80.82  ? 14  LYS A CD  1 
ATOM   105  C CE  . LYS A 1 14  ? 1.149   -15.503 9.981   1.00 82.85  ? 14  LYS A CE  1 
ATOM   106  N NZ  . LYS A 1 14  ? 1.670   -14.360 9.177   1.00 86.13  ? 14  LYS A NZ  1 
ATOM   107  N N   . ALA A 1 15  ? -2.917  -12.881 14.787  1.00 57.69  ? 15  ALA A N   1 
ATOM   108  C CA  . ALA A 1 15  ? -4.158  -13.151 15.501  1.00 49.24  ? 15  ALA A CA  1 
ATOM   109  C C   . ALA A 1 15  ? -4.911  -11.870 15.843  1.00 53.36  ? 15  ALA A C   1 
ATOM   110  O O   . ALA A 1 15  ? -5.920  -11.904 16.507  1.00 63.98  ? 15  ALA A O   1 
ATOM   111  C CB  . ALA A 1 15  ? -3.909  -13.970 16.735  1.00 51.93  ? 15  ALA A CB  1 
ATOM   112  N N   . GLY A 1 16  ? -4.421  -10.727 15.399  1.00 52.21  ? 16  GLY A N   1 
ATOM   113  C CA  . GLY A 1 16  ? -5.032  -9.443  15.791  1.00 51.81  ? 16  GLY A CA  1 
ATOM   114  C C   . GLY A 1 16  ? -4.675  -8.941  17.187  1.00 53.06  ? 16  GLY A C   1 
ATOM   115  O O   . GLY A 1 16  ? -5.207  -7.952  17.591  1.00 47.47  ? 16  GLY A O   1 
ATOM   116  N N   . ARG A 1 17  ? -3.742  -9.595  17.883  1.00 46.84  ? 17  ARG A N   1 
ATOM   117  C CA  . ARG A 1 17  ? -3.441  -9.323  19.295  1.00 48.27  ? 17  ARG A CA  1 
ATOM   118  C C   . ARG A 1 17  ? -2.309  -8.337  19.314  1.00 45.11  ? 17  ARG A C   1 
ATOM   119  O O   . ARG A 1 17  ? -1.159  -8.641  19.677  1.00 44.60  ? 17  ARG A O   1 
ATOM   120  C CB  . ARG A 1 17  ? -3.076  -10.637 20.002  1.00 48.36  ? 17  ARG A CB  1 
ATOM   121  C CG  . ARG A 1 17  ? -4.227  -11.635 19.997  1.00 43.29  ? 17  ARG A CG  1 
ATOM   122  C CD  . ARG A 1 17  ? -3.880  -13.027 20.562  1.00 43.84  ? 17  ARG A CD  1 
ATOM   123  N NE  . ARG A 1 17  ? -3.199  -12.956 21.875  1.00 48.01  ? 17  ARG A NE  1 
ATOM   124  C CZ  . ARG A 1 17  ? -2.910  -14.011 22.641  1.00 43.19  ? 17  ARG A CZ  1 
ATOM   125  N NH1 . ARG A 1 17  ? -3.221  -15.224 22.244  1.00 39.08  ? 17  ARG A NH1 1 
ATOM   126  N NH2 . ARG A 1 17  ? -2.264  -13.869 23.790  1.00 37.12  ? 17  ARG A NH2 1 
ATOM   127  N N   . LEU A 1 18  ? -2.649  -7.133  18.876  1.00 44.31  ? 18  LEU A N   1 
ATOM   128  C CA  . LEU A 1 18  ? -1.676  -6.100  18.601  1.00 44.65  ? 18  LEU A CA  1 
ATOM   129  C C   . LEU A 1 18  ? -1.165  -5.433  19.844  1.00 41.88  ? 18  LEU A C   1 
ATOM   130  O O   . LEU A 1 18  ? -0.033  -4.948  19.840  1.00 46.69  ? 18  LEU A O   1 
ATOM   131  C CB  . LEU A 1 18  ? -2.304  -5.020  17.670  1.00 49.25  ? 18  LEU A CB  1 
ATOM   132  C CG  . LEU A 1 18  ? -2.235  -5.369  16.193  1.00 49.00  ? 18  LEU A CG  1 
ATOM   133  C CD1 . LEU A 1 18  ? -3.138  -4.312  15.579  1.00 57.81  ? 18  LEU A CD1 1 
ATOM   134  C CD2 . LEU A 1 18  ? -0.751  -5.196  15.773  1.00 46.59  ? 18  LEU A CD2 1 
ATOM   135  N N   . GLU A 1 19  ? -1.985  -5.376  20.893  1.00 40.02  ? 19  GLU A N   1 
ATOM   136  C CA  . GLU A 1 19  ? -1.496  -4.788  22.152  1.00 44.29  ? 19  GLU A CA  1 
ATOM   137  C C   . GLU A 1 19  ? -0.345  -5.655  22.709  1.00 36.32  ? 19  GLU A C   1 
ATOM   138  O O   . GLU A 1 19  ? 0.704   -5.134  23.088  1.00 41.58  ? 19  GLU A O   1 
ATOM   139  C CB  . GLU A 1 19  ? -2.594  -4.639  23.201  1.00 45.90  ? 19  GLU A CB  1 
ATOM   140  C CG  . GLU A 1 19  ? -3.658  -3.589  22.902  1.00 52.59  ? 19  GLU A CG  1 
ATOM   141  C CD  . GLU A 1 19  ? -3.065  -2.258  22.503  1.00 62.20  ? 19  GLU A CD  1 
ATOM   142  O OE1 . GLU A 1 19  ? -2.230  -1.718  23.242  1.00 64.39  ? 19  GLU A OE1 1 
ATOM   143  O OE2 . GLU A 1 19  ? -3.415  -1.770  21.409  1.00 71.65  ? 19  GLU A OE2 1 
ATOM   144  N N   . GLU A 1 20  ? -0.550  -6.946  22.787  1.00 31.47  ? 20  GLU A N   1 
ATOM   145  C CA  A GLU A 1 20  ? 0.522   -7.874  23.182  0.50 35.66  ? 20  GLU A CA  1 
ATOM   146  C CA  B GLU A 1 20  ? 0.559   -7.774  23.227  0.50 34.68  ? 20  GLU A CA  1 
ATOM   147  C C   . GLU A 1 20  ? 1.734   -7.810  22.219  1.00 37.68  ? 20  GLU A C   1 
ATOM   148  O O   . GLU A 1 20  ? 2.915   -7.858  22.643  1.00 36.73  ? 20  GLU A O   1 
ATOM   149  C CB  A GLU A 1 20  ? -0.032  -9.289  23.191  0.50 34.23  ? 20  GLU A CB  1 
ATOM   150  C CB  B GLU A 1 20  ? 0.105   -9.157  23.613  0.50 32.79  ? 20  GLU A CB  1 
ATOM   151  C CG  A GLU A 1 20  ? -1.069  -9.529  24.259  0.50 36.94  ? 20  GLU A CG  1 
ATOM   152  C CG  B GLU A 1 20  ? 1.227   -9.892  24.310  0.50 33.75  ? 20  GLU A CG  1 
ATOM   153  C CD  A GLU A 1 20  ? -1.899  -10.783 24.004  0.50 36.86  ? 20  GLU A CD  1 
ATOM   154  C CD  B GLU A 1 20  ? 0.749   -11.159 24.941  0.50 31.59  ? 20  GLU A CD  1 
ATOM   155  O OE1 A GLU A 1 20  ? -2.990  -10.676 23.433  0.50 28.64  ? 20  GLU A OE1 1 
ATOM   156  O OE1 B GLU A 1 20  ? -0.456  -11.393 24.899  0.50 27.95  ? 20  GLU A OE1 1 
ATOM   157  O OE2 A GLU A 1 20  ? -1.424  -11.883 24.375  0.50 38.91  ? 20  GLU A OE2 1 
ATOM   158  O OE2 B GLU A 1 20  ? 1.585   -11.923 25.457  0.50 29.34  ? 20  GLU A OE2 1 
ATOM   159  N N   . ALA A 1 21  ? 1.452   -7.733  20.904  1.00 36.92  ? 21  ALA A N   1 
ATOM   160  C CA  . ALA A 1 21  ? 2.575   -7.702  19.921  1.00 38.14  ? 21  ALA A CA  1 
ATOM   161  C C   . ALA A 1 21  ? 3.414   -6.443  20.123  1.00 32.43  ? 21  ALA A C   1 
ATOM   162  O O   . ALA A 1 21  ? 4.646   -6.499  20.132  1.00 31.57  ? 21  ALA A O   1 
ATOM   163  C CB  . ALA A 1 21  ? 2.069   -7.778  18.464  1.00 35.22  ? 21  ALA A CB  1 
ATOM   164  N N   . LEU A 1 22  ? 2.733   -5.325  20.370  1.00 36.28  ? 22  LEU A N   1 
ATOM   165  C CA  . LEU A 1 22  ? 3.437   -4.071  20.594  1.00 37.18  ? 22  LEU A CA  1 
ATOM   166  C C   . LEU A 1 22  ? 4.145   -4.082  21.904  1.00 38.47  ? 22  LEU A C   1 
ATOM   167  O O   . LEU A 1 22  ? 5.183   -3.488  22.052  1.00 40.74  ? 22  LEU A O   1 
ATOM   168  C CB  . LEU A 1 22  ? 2.463   -2.907  20.556  1.00 41.10  ? 22  LEU A CB  1 
ATOM   169  C CG  . LEU A 1 22  ? 1.822   -2.471  19.207  1.00 47.19  ? 22  LEU A CG  1 
ATOM   170  C CD1 . LEU A 1 22  ? 0.706   -1.457  19.463  1.00 44.07  ? 22  LEU A CD1 1 
ATOM   171  C CD2 . LEU A 1 22  ? 2.902   -1.798  18.380  1.00 40.37  ? 22  LEU A CD2 1 
ATOM   172  N N   . GLN A 1 23  ? 3.610   -4.807  22.873  1.00 39.05  ? 23  GLN A N   1 
ATOM   173  C CA  . GLN A 1 23  ? 4.285   -4.838  24.183  1.00 37.47  ? 23  GLN A CA  1 
ATOM   174  C C   . GLN A 1 23  ? 5.572   -5.618  24.031  1.00 35.48  ? 23  GLN A C   1 
ATOM   175  O O   . GLN A 1 23  ? 6.638   -5.257  24.580  1.00 38.27  ? 23  GLN A O   1 
ATOM   176  C CB  . GLN A 1 23  ? 3.315   -5.484  25.210  1.00 40.96  ? 23  GLN A CB  1 
ATOM   177  C CG  . GLN A 1 23  ? 3.843   -5.547  26.643  1.00 48.40  ? 23  GLN A CG  1 
ATOM   178  C CD  . GLN A 1 23  ? 4.224   -4.141  27.176  1.00 53.87  ? 23  GLN A CD  1 
ATOM   179  O OE1 . GLN A 1 23  ? 3.371   -3.269  27.252  1.00 57.75  ? 23  GLN A OE1 1 
ATOM   180  N NE2 . GLN A 1 23  ? 5.515   -3.916  27.499  1.00 45.65  ? 23  GLN A NE2 1 
ATOM   181  N N   . LEU A 1 24  ? 5.499   -6.734  23.289  1.00 33.22  ? 24  LEU A N   1 
ATOM   182  C CA  . LEU A 1 24  ? 6.755   -7.523  23.102  1.00 37.35  ? 24  LEU A CA  1 
ATOM   183  C C   . LEU A 1 24  ? 7.767   -6.772  22.314  1.00 29.86  ? 24  LEU A C   1 
ATOM   184  O O   . LEU A 1 24  ? 8.944   -6.830  22.584  1.00 36.78  ? 24  LEU A O   1 
ATOM   185  C CB  . LEU A 1 24  ? 6.498   -8.847  22.351  1.00 34.21  ? 24  LEU A CB  1 
ATOM   186  C CG  . LEU A 1 24  ? 5.835   -9.905  23.197  1.00 43.00  ? 24  LEU A CG  1 
ATOM   187  C CD1 . LEU A 1 24  ? 6.109   -11.196 22.468  1.00 38.69  ? 24  LEU A CD1 1 
ATOM   188  C CD2 . LEU A 1 24  ? 6.529   -9.867  24.590  1.00 42.39  ? 24  LEU A CD2 1 
ATOM   189  N N   . PHE A 1 25  ? 7.266   -5.992  21.363  1.00 36.58  ? 25  PHE A N   1 
ATOM   190  C CA  . PHE A 1 25  ? 8.115   -5.032  20.667  1.00 34.02  ? 25  PHE A CA  1 
ATOM   191  C C   . PHE A 1 25  ? 8.896   -4.081  21.579  1.00 38.32  ? 25  PHE A C   1 
ATOM   192  O O   . PHE A 1 25  ? 10.130  -3.896  21.447  1.00 34.20  ? 25  PHE A O   1 
ATOM   193  C CB  . PHE A 1 25  ? 7.235   -4.258  19.742  1.00 41.21  ? 25  PHE A CB  1 
ATOM   194  C CG  . PHE A 1 25  ? 7.977   -3.251  18.869  1.00 46.08  ? 25  PHE A CG  1 
ATOM   195  C CD1 . PHE A 1 25  ? 8.961   -3.666  17.950  1.00 40.77  ? 25  PHE A CD1 1 
ATOM   196  C CD2 . PHE A 1 25  ? 7.660   -1.891  18.944  1.00 45.12  ? 25  PHE A CD2 1 
ATOM   197  C CE1 . PHE A 1 25  ? 9.644   -2.741  17.150  1.00 42.23  ? 25  PHE A CE1 1 
ATOM   198  C CE2 . PHE A 1 25  ? 8.333   -0.960  18.099  1.00 53.27  ? 25  PHE A CE2 1 
ATOM   199  C CZ  . PHE A 1 25  ? 9.317   -1.397  17.191  1.00 43.41  ? 25  PHE A CZ  1 
ATOM   200  N N   . GLN A 1 26  ? 8.163   -3.434  22.479  1.00 41.81  ? 26  GLN A N   1 
ATOM   201  C CA  . GLN A 1 26  ? 8.760   -2.549  23.421  1.00 41.21  ? 26  GLN A CA  1 
ATOM   202  C C   . GLN A 1 26  ? 9.751   -3.325  24.302  1.00 41.97  ? 26  GLN A C   1 
ATOM   203  O O   . GLN A 1 26  ? 10.906  -2.891  24.516  1.00 42.55  ? 26  GLN A O   1 
ATOM   204  C CB  . GLN A 1 26  ? 7.602   -1.928  24.276  1.00 48.81  ? 26  GLN A CB  1 
ATOM   205  C CG  . GLN A 1 26  ? 8.083   -1.002  25.377  1.00 55.43  ? 26  GLN A CG  1 
ATOM   206  C CD  . GLN A 1 26  ? 9.106   -0.005  24.834  1.00 71.80  ? 26  GLN A CD  1 
ATOM   207  O OE1 . GLN A 1 26  ? 8.751   0.866   24.033  1.00 68.53  ? 26  GLN A OE1 1 
ATOM   208  N NE2 . GLN A 1 26  ? 10.392  -0.162  25.219  1.00 80.93  ? 26  GLN A NE2 1 
ATOM   209  N N   . GLU A 1 27  ? 9.308   -4.488  24.812  1.00 35.30  ? 27  GLU A N   1 
ATOM   210  C CA  . GLU A 1 27  ? 10.203  -5.313  25.631  1.00 40.02  ? 27  GLU A CA  1 
ATOM   211  C C   . GLU A 1 27  ? 11.531  -5.639  24.931  1.00 44.83  ? 27  GLU A C   1 
ATOM   212  O O   . GLU A 1 27  ? 12.626  -5.625  25.538  1.00 42.49  ? 27  GLU A O   1 
ATOM   213  C CB  . GLU A 1 27  ? 9.506   -6.635  25.972  1.00 37.05  ? 27  GLU A CB  1 
ATOM   214  C CG  . GLU A 1 27  ? 10.321  -7.487  26.916  1.00 42.88  ? 27  GLU A CG  1 
ATOM   215  C CD  . GLU A 1 27  ? 9.613   -8.782  27.220  1.00 43.46  ? 27  GLU A CD  1 
ATOM   216  O OE1 . GLU A 1 27  ? 8.375   -8.744  27.465  1.00 46.18  ? 27  GLU A OE1 1 
ATOM   217  O OE2 . GLU A 1 27  ? 10.297  -9.831  27.114  1.00 49.26  ? 27  GLU A OE2 1 
ATOM   218  N N   . MET A 1 28  ? 11.425  -6.009  23.670  1.00 44.12  ? 28  MET A N   1 
ATOM   219  C CA  . MET A 1 28  ? 12.614  -6.336  22.828  1.00 50.49  ? 28  MET A CA  1 
ATOM   220  C C   . MET A 1 28  ? 13.671  -5.215  22.867  1.00 48.26  ? 28  MET A C   1 
ATOM   221  O O   . MET A 1 28  ? 14.894  -5.443  23.046  1.00 45.37  ? 28  MET A O   1 
ATOM   222  C CB  . MET A 1 28  ? 12.097  -6.332  21.400  1.00 52.42  ? 28  MET A CB  1 
ATOM   223  C CG  . MET A 1 28  ? 12.726  -7.307  20.476  1.00 54.98  ? 28  MET A CG  1 
ATOM   224  S SD  . MET A 1 28  ? 11.797  -7.019  18.949  1.00 52.27  ? 28  MET A SD  1 
ATOM   225  C CE  . MET A 1 28  ? 13.285  -7.449  18.024  1.00 49.87  ? 28  MET A CE  1 
ATOM   226  N N   . LYS A 1 29  ? 13.175  -3.989  22.696  1.00 44.98  ? 29  LYS A N   1 
ATOM   227  C CA  . LYS A 1 29  ? 14.063  -2.816  22.558  1.00 51.05  ? 29  LYS A CA  1 
ATOM   228  C C   . LYS A 1 29  ? 14.748  -2.582  23.877  1.00 53.41  ? 29  LYS A C   1 
ATOM   229  O O   . LYS A 1 29  ? 15.969  -2.424  23.910  1.00 59.35  ? 29  LYS A O   1 
ATOM   230  C CB  . LYS A 1 29  ? 13.274  -1.574  22.172  1.00 42.71  ? 29  LYS A CB  1 
ATOM   231  C CG  . LYS A 1 29  ? 12.864  -1.595  20.729  1.00 48.38  ? 29  LYS A CG  1 
ATOM   232  C CD  . LYS A 1 29  ? 11.601  -0.773  20.657  1.00 52.32  ? 29  LYS A CD  1 
ATOM   233  C CE  . LYS A 1 29  ? 11.501  0.051   19.421  1.00 50.56  ? 29  LYS A CE  1 
ATOM   234  N NZ  . LYS A 1 29  ? 10.291  0.886   19.778  1.00 50.77  ? 29  LYS A NZ  1 
ATOM   235  N N   . GLU A 1 30  ? 13.965  -2.641  24.957  1.00 53.86  ? 30  GLU A N   1 
ATOM   236  C CA  . GLU A 1 30  ? 14.465  -2.478  26.320  1.00 54.56  ? 30  GLU A CA  1 
ATOM   237  C C   . GLU A 1 30  ? 15.543  -3.450  26.680  1.00 59.86  ? 30  GLU A C   1 
ATOM   238  O O   . GLU A 1 30  ? 16.397  -3.104  27.445  1.00 65.60  ? 30  GLU A O   1 
ATOM   239  C CB  . GLU A 1 30  ? 13.361  -2.694  27.330  1.00 57.92  ? 30  GLU A CB  1 
ATOM   240  C CG  . GLU A 1 30  ? 12.509  -1.484  27.597  1.00 66.19  ? 30  GLU A CG  1 
ATOM   241  C CD  . GLU A 1 30  ? 11.162  -1.856  28.182  1.00 89.09  ? 30  GLU A CD  1 
ATOM   242  O OE1 . GLU A 1 30  ? 10.995  -2.965  28.787  1.00 89.51  ? 30  GLU A OE1 1 
ATOM   243  O OE2 . GLU A 1 30  ? 10.247  -1.030  28.003  1.00 100.85 ? 30  GLU A OE2 1 
ATOM   244  N N   . LYS A 1 31  ? 15.482  -4.688  26.198  1.00 58.62  ? 31  LYS A N   1 
ATOM   245  C CA  . LYS A 1 31  ? 16.552  -5.635  26.474  1.00 50.18  ? 31  LYS A CA  1 
ATOM   246  C C   . LYS A 1 31  ? 17.719  -5.394  25.538  1.00 56.92  ? 31  LYS A C   1 
ATOM   247  O O   . LYS A 1 31  ? 18.668  -6.165  25.522  1.00 62.78  ? 31  LYS A O   1 
ATOM   248  C CB  . LYS A 1 31  ? 16.106  -7.079  26.223  1.00 58.40  ? 31  LYS A CB  1 
ATOM   249  C CG  . LYS A 1 31  ? 14.771  -7.484  26.773  1.00 59.27  ? 31  LYS A CG  1 
ATOM   250  C CD  . LYS A 1 31  ? 14.788  -7.461  28.256  1.00 56.62  ? 31  LYS A CD  1 
ATOM   251  C CE  . LYS A 1 31  ? 13.783  -8.461  28.721  1.00 66.60  ? 31  LYS A CE  1 
ATOM   252  N NZ  . LYS A 1 31  ? 14.113  -8.554  30.161  1.00 74.45  ? 31  LYS A NZ  1 
ATOM   253  N N   . GLY A 1 32  ? 17.644  -4.391  24.681  1.00 60.11  ? 32  GLY A N   1 
ATOM   254  C CA  . GLY A 1 32  ? 18.733  -4.223  23.732  1.00 59.54  ? 32  GLY A CA  1 
ATOM   255  C C   . GLY A 1 32  ? 18.756  -5.335  22.700  1.00 65.12  ? 32  GLY A C   1 
ATOM   256  O O   . GLY A 1 32  ? 19.758  -5.526  22.023  1.00 70.16  ? 32  GLY A O   1 
ATOM   257  N N   . VAL A 1 33  ? 17.660  -6.069  22.542  1.00 62.51  ? 33  VAL A N   1 
ATOM   258  C CA  . VAL A 1 33  ? 17.519  -6.931  21.331  1.00 63.93  ? 33  VAL A CA  1 
ATOM   259  C C   . VAL A 1 33  ? 16.967  -6.093  20.147  1.00 65.35  ? 33  VAL A C   1 
ATOM   260  O O   . VAL A 1 33  ? 15.863  -5.549  20.238  1.00 63.31  ? 33  VAL A O   1 
ATOM   261  C CB  . VAL A 1 33  ? 16.588  -8.141  21.612  1.00 61.47  ? 33  VAL A CB  1 
ATOM   262  C CG1 . VAL A 1 33  ? 16.298  -8.902  20.328  1.00 59.76  ? 33  VAL A CG1 1 
ATOM   263  C CG2 . VAL A 1 33  ? 17.201  -9.059  22.671  1.00 57.01  ? 33  VAL A CG2 1 
ATOM   264  N N   . LYS A 1 34  ? 17.709  -5.995  19.043  1.00 73.76  ? 34  LYS A N   1 
ATOM   265  C CA  . LYS A 1 34  ? 17.407  -5.020  17.964  1.00 65.92  ? 34  LYS A CA  1 
ATOM   266  C C   . LYS A 1 34  ? 16.210  -5.385  17.038  1.00 63.96  ? 34  LYS A C   1 
ATOM   267  O O   . LYS A 1 34  ? 16.292  -6.388  16.306  1.00 70.68  ? 34  LYS A O   1 
ATOM   268  C CB  . LYS A 1 34  ? 18.653  -4.858  17.091  1.00 74.48  ? 34  LYS A CB  1 
ATOM   269  C CG  . LYS A 1 34  ? 18.985  -3.436  16.728  1.00 80.38  ? 34  LYS A CG  1 
ATOM   270  C CD  . LYS A 1 34  ? 20.100  -2.934  17.619  1.00 88.80  ? 34  LYS A CD  1 
ATOM   271  C CE  . LYS A 1 34  ? 19.884  -1.466  17.932  1.00 96.04  ? 34  LYS A CE  1 
ATOM   272  N NZ  . LYS A 1 34  ? 19.783  -1.294  19.406  1.00 84.90  ? 34  LYS A NZ  1 
ATOM   273  N N   . PRO A 1 35  ? 15.098  -4.575  17.038  1.00 61.11  ? 35  PRO A N   1 
ATOM   274  C CA  . PRO A 1 35  ? 14.045  -4.798  15.994  1.00 59.89  ? 35  PRO A CA  1 
ATOM   275  C C   . PRO A 1 35  ? 14.648  -4.752  14.538  1.00 58.47  ? 35  PRO A C   1 
ATOM   276  O O   . PRO A 1 35  ? 15.573  -3.956  14.311  1.00 59.27  ? 35  PRO A O   1 
ATOM   277  C CB  . PRO A 1 35  ? 13.096  -3.605  16.220  1.00 53.06  ? 35  PRO A CB  1 
ATOM   278  C CG  . PRO A 1 35  ? 13.259  -3.283  17.691  1.00 53.07  ? 35  PRO A CG  1 
ATOM   279  C CD  . PRO A 1 35  ? 14.753  -3.404  17.895  1.00 50.78  ? 35  PRO A CD  1 
ATOM   280  N N   . ASP A 1 36  ? 14.177  -5.596  13.601  1.00 59.65  ? 36  ASP A N   1 
ATOM   281  C CA  . ASP A 1 36  ? 14.562  -5.477  12.172  1.00 59.75  ? 36  ASP A CA  1 
ATOM   282  C C   . ASP A 1 36  ? 13.359  -5.301  11.246  1.00 68.07  ? 36  ASP A C   1 
ATOM   283  O O   . ASP A 1 36  ? 12.219  -5.063  11.704  1.00 63.23  ? 36  ASP A O   1 
ATOM   284  C CB  . ASP A 1 36  ? 15.464  -6.636  11.690  1.00 55.15  ? 36  ASP A CB  1 
ATOM   285  C CG  . ASP A 1 36  ? 14.736  -7.968  11.617  1.00 61.88  ? 36  ASP A CG  1 
ATOM   286  O OD1 . ASP A 1 36  ? 13.533  -8.056  11.264  1.00 61.07  ? 36  ASP A OD1 1 
ATOM   287  O OD2 . ASP A 1 36  ? 15.411  -8.971  11.901  1.00 75.87  ? 36  ASP A OD2 1 
ATOM   288  N N   . VAL A 1 37  ? 13.619  -5.457  9.941   1.00 71.01  ? 37  VAL A N   1 
ATOM   289  C CA  . VAL A 1 37  ? 12.699  -5.048  8.878   1.00 62.22  ? 37  VAL A CA  1 
ATOM   290  C C   . VAL A 1 37  ? 11.378  -5.752  9.068   1.00 61.11  ? 37  VAL A C   1 
ATOM   291  O O   . VAL A 1 37  ? 10.249  -5.197  8.933   1.00 56.49  ? 37  VAL A O   1 
ATOM   292  C CB  . VAL A 1 37  ? 13.304  -5.431  7.483   1.00 67.39  ? 37  VAL A CB  1 
ATOM   293  C CG1 . VAL A 1 37  ? 12.315  -5.178  6.348   1.00 60.38  ? 37  VAL A CG1 1 
ATOM   294  C CG2 . VAL A 1 37  ? 14.650  -4.733  7.241   1.00 74.03  ? 37  VAL A CG2 1 
ATOM   295  N N   . VAL A 1 38  ? 11.526  -7.031  9.359   1.00 64.06  ? 38  VAL A N   1 
ATOM   296  C CA  . VAL A 1 38  ? 10.352  -7.885  9.456   1.00 58.83  ? 38  VAL A CA  1 
ATOM   297  C C   . VAL A 1 38  ? 9.591   -7.602  10.784  1.00 43.73  ? 38  VAL A C   1 
ATOM   298  O O   . VAL A 1 38  ? 8.363   -7.648  10.815  1.00 46.63  ? 38  VAL A O   1 
ATOM   299  C CB  . VAL A 1 38  ? 10.767  -9.347  9.203   1.00 65.19  ? 38  VAL A CB  1 
ATOM   300  C CG1 . VAL A 1 38  ? 10.304  -10.243 10.344  1.00 49.93  ? 38  VAL A CG1 1 
ATOM   301  C CG2 . VAL A 1 38  ? 10.303  -9.784  7.788   1.00 56.92  ? 38  VAL A CG2 1 
ATOM   302  N N   . THR A 1 39  ? 10.318  -7.200  11.844  1.00 46.84  ? 39  THR A N   1 
ATOM   303  C CA  . THR A 1 39  ? 9.619   -6.758  13.083  1.00 51.95  ? 39  THR A CA  1 
ATOM   304  C C   . THR A 1 39  ? 8.623   -5.655  12.624  1.00 43.72  ? 39  THR A C   1 
ATOM   305  O O   . THR A 1 39  ? 7.373   -5.826  12.650  1.00 47.00  ? 39  THR A O   1 
ATOM   306  C CB  . THR A 1 39  ? 10.567  -6.187  14.224  1.00 48.05  ? 39  THR A CB  1 
ATOM   307  O OG1 . THR A 1 39  ? 11.863  -6.867  14.316  1.00 45.51  ? 39  THR A OG1 1 
ATOM   308  C CG2 . THR A 1 39  ? 9.836   -6.179  15.579  1.00 44.76  ? 39  THR A CG2 1 
ATOM   309  N N   . TYR A 1 40  A 9.209   -4.565  12.116  1.00 42.75  ? 40  TYR A N   1 
ATOM   310  C CA  . TYR A 1 40  A 8.434   -3.414  11.651  1.00 42.39  ? 40  TYR A CA  1 
ATOM   311  C C   . TYR A 1 40  A 7.238   -3.720  10.741  1.00 38.59  ? 40  TYR A C   1 
ATOM   312  O O   . TYR A 1 40  A 6.063   -3.262  10.980  1.00 39.56  ? 40  TYR A O   1 
ATOM   313  C CB  . TYR A 1 40  A 9.411   -2.409  11.068  1.00 46.65  ? 40  TYR A CB  1 
ATOM   314  C CG  . TYR A 1 40  A 10.163  -1.685  12.168  1.00 43.41  ? 40  TYR A CG  1 
ATOM   315  C CD1 . TYR A 1 40  A 9.516   -0.710  12.919  1.00 44.86  ? 40  TYR A CD1 1 
ATOM   316  C CD2 . TYR A 1 40  A 11.508  -1.979  12.475  1.00 41.98  ? 40  TYR A CD2 1 
ATOM   317  C CE1 . TYR A 1 40  A 10.182  -0.033  13.932  1.00 42.26  ? 40  TYR A CE1 1 
ATOM   318  C CE2 . TYR A 1 40  A 12.188  -1.299  13.498  1.00 40.42  ? 40  TYR A CE2 1 
ATOM   319  C CZ  . TYR A 1 40  A 11.502  -0.346  14.237  1.00 45.69  ? 40  TYR A CZ  1 
ATOM   320  O OH  . TYR A 1 40  A 12.101  0.354   15.270  1.00 51.00  ? 40  TYR A OH  1 
ATOM   321  N N   . ASN A 1 41  ? 7.478   -4.582  9.745   1.00 47.43  ? 41  ASN A N   1 
ATOM   322  C CA  . ASN A 1 41  ? 6.474   -4.812  8.683   1.00 42.53  ? 41  ASN A CA  1 
ATOM   323  C C   . ASN A 1 41  ? 5.296   -5.486  9.244   1.00 42.91  ? 41  ASN A C   1 
ATOM   324  O O   . ASN A 1 41  ? 4.129   -5.209  8.898   1.00 46.34  ? 41  ASN A O   1 
ATOM   325  C CB  . ASN A 1 41  ? 7.120   -5.671  7.575   1.00 59.70  ? 41  ASN A CB  1 
ATOM   326  C CG  . ASN A 1 41  ? 7.895   -4.827  6.546   1.00 69.22  ? 41  ASN A CG  1 
ATOM   327  O OD1 . ASN A 1 41  ? 7.293   -4.123  5.758   1.00 65.66  ? 41  ASN A OD1 1 
ATOM   328  N ND2 . ASN A 1 41  ? 9.222   -4.903  6.559   1.00 78.98  ? 41  ASN A ND2 1 
ATOM   329  N N   . THR A 1 42  ? 5.565   -6.377  10.192  1.00 53.81  ? 42  THR A N   1 
ATOM   330  C CA  . THR A 1 42  ? 4.455   -7.167  10.765  1.00 49.00  ? 42  THR A CA  1 
ATOM   331  C C   . THR A 1 42  ? 3.609   -6.267  11.629  1.00 36.26  ? 42  THR A C   1 
ATOM   332  O O   . THR A 1 42  ? 2.395   -6.299  11.572  1.00 41.31  ? 42  THR A O   1 
ATOM   333  C CB  . THR A 1 42  ? 4.995   -8.208  11.742  1.00 59.90  ? 42  THR A CB  1 
ATOM   334  O OG1 . THR A 1 42  ? 6.118   -8.885  11.169  1.00 62.80  ? 42  THR A OG1 1 
ATOM   335  C CG2 . THR A 1 42  ? 3.923   -9.156  12.153  1.00 56.62  ? 42  THR A CG2 1 
ATOM   336  N N   . LEU A 1 43  ? 4.265   -5.442  12.441  1.00 44.66  ? 43  LEU A N   1 
ATOM   337  C CA  . LEU A 1 43  ? 3.504   -4.458  13.281  1.00 38.38  ? 43  LEU A CA  1 
ATOM   338  C C   . LEU A 1 43  ? 2.701   -3.498  12.454  1.00 37.33  ? 43  LEU A C   1 
ATOM   339  O O   . LEU A 1 43  ? 1.471   -3.305  12.665  1.00 41.19  ? 43  LEU A O   1 
ATOM   340  C CB  . LEU A 1 43  ? 4.482   -3.744  14.195  1.00 39.36  ? 43  LEU A CB  1 
ATOM   341  C CG  . LEU A 1 43  ? 4.994   -4.710  15.309  1.00 45.11  ? 43  LEU A CG  1 
ATOM   342  C CD1 . LEU A 1 43  ? 6.148   -4.073  16.104  1.00 33.82  ? 43  LEU A CD1 1 
ATOM   343  C CD2 . LEU A 1 43  ? 3.828   -5.117  16.244  1.00 41.74  ? 43  LEU A CD2 1 
ATOM   344  N N   . ILE A 1 44  ? 3.361   -2.977  11.404  1.00 43.27  ? 44  ILE A N   1 
ATOM   345  C CA  . ILE A 1 44  ? 2.728   -1.937  10.579  1.00 40.78  ? 44  ILE A CA  1 
ATOM   346  C C   . ILE A 1 44  ? 1.545   -2.532  9.898   1.00 38.28  ? 44  ILE A C   1 
ATOM   347  O O   . ILE A 1 44  ? 0.418   -1.963  9.889   1.00 40.74  ? 44  ILE A O   1 
ATOM   348  C CB  . ILE A 1 44  ? 3.726   -1.341  9.553   1.00 42.54  ? 44  ILE A CB  1 
ATOM   349  C CG1 . ILE A 1 44  ? 4.677   -0.391  10.296  1.00 39.81  ? 44  ILE A CG1 1 
ATOM   350  C CG2 . ILE A 1 44  ? 2.910   -0.690  8.442   1.00 38.40  ? 44  ILE A CG2 1 
ATOM   351  C CD1 . ILE A 1 44  ? 6.056   -0.126  9.654   1.00 42.65  ? 44  ILE A CD1 1 
ATOM   352  N N   . ASP A 1 45  ? 1.741   -3.722  9.343   1.00 49.26  ? 45  ASP A N   1 
ATOM   353  C CA  . ASP A 1 45  ? 0.608   -4.338  8.684   1.00 45.60  ? 45  ASP A CA  1 
ATOM   354  C C   . ASP A 1 45  ? -0.513  -4.647  9.639   1.00 50.46  ? 45  ASP A C   1 
ATOM   355  O O   . ASP A 1 45  ? -1.691  -4.412  9.320   1.00 54.19  ? 45  ASP A O   1 
ATOM   356  C CB  . ASP A 1 45  ? 1.016   -5.632  8.017   1.00 63.14  ? 45  ASP A CB  1 
ATOM   357  C CG  . ASP A 1 45  ? -0.208  -6.412  7.561   1.00 78.39  ? 45  ASP A CG  1 
ATOM   358  O OD1 . ASP A 1 45  ? -1.093  -5.818  6.882   1.00 70.17  ? 45  ASP A OD1 1 
ATOM   359  O OD2 . ASP A 1 45  ? -0.324  -7.597  7.933   1.00 94.77  ? 45  ASP A OD2 1 
ATOM   360  N N   . GLY A 1 46  ? -0.182  -5.125  10.849  1.00 50.41  ? 46  GLY A N   1 
ATOM   361  C CA  . GLY A 1 46  ? -1.279  -5.346  11.820  1.00 38.66  ? 46  GLY A CA  1 
ATOM   362  C C   . GLY A 1 46  ? -1.986  -4.080  12.209  1.00 42.28  ? 46  GLY A C   1 
ATOM   363  O O   . GLY A 1 46  ? -3.211  -4.031  12.241  1.00 44.66  ? 46  GLY A O   1 
ATOM   364  N N   . LEU A 1 47  ? -1.230  -3.003  12.472  1.00 43.22  ? 47  LEU A N   1 
ATOM   365  C CA  . LEU A 1 47  ? -1.900  -1.741  12.838  1.00 38.85  ? 47  LEU A CA  1 
ATOM   366  C C   . LEU A 1 47  ? -2.808  -1.197  11.716  1.00 44.61  ? 47  LEU A C   1 
ATOM   367  O O   . LEU A 1 47  ? -3.924  -0.648  11.965  1.00 47.39  ? 47  LEU A O   1 
ATOM   368  C CB  . LEU A 1 47  ? -0.845  -0.656  13.252  1.00 38.31  ? 47  LEU A CB  1 
ATOM   369  C CG  . LEU A 1 47  ? -0.031  -0.981  14.507  1.00 42.91  ? 47  LEU A CG  1 
ATOM   370  C CD1 . LEU A 1 47  ? 1.262   -0.146  14.630  1.00 35.49  ? 47  LEU A CD1 1 
ATOM   371  C CD2 . LEU A 1 47  ? -1.005  -0.737  15.672  1.00 40.35  ? 47  LEU A CD2 1 
ATOM   372  N N   . ALA A 1 48  ? -2.280  -1.256  10.488  1.00 51.27  ? 48  ALA A N   1 
ATOM   373  C CA  . ALA A 1 48  ? -3.013  -0.759  9.327   1.00 51.00  ? 48  ALA A CA  1 
ATOM   374  C C   . ALA A 1 48  ? -4.266  -1.606  9.207   1.00 48.88  ? 48  ALA A C   1 
ATOM   375  O O   . ALA A 1 48  ? -5.338  -1.049  9.233   1.00 51.69  ? 48  ALA A O   1 
ATOM   376  C CB  . ALA A 1 48  ? -2.168  -0.841  8.059   1.00 48.97  ? 48  ALA A CB  1 
ATOM   377  N N   . LYS A 1 49  ? -4.172  -2.946  9.206   1.00 60.64  ? 49  LYS A N   1 
ATOM   378  C CA  . LYS A 1 49  ? -5.459  -3.737  9.141   1.00 62.68  ? 49  LYS A CA  1 
ATOM   379  C C   . LYS A 1 49  ? -6.444  -3.362  10.237  1.00 65.89  ? 49  LYS A C   1 
ATOM   380  O O   . LYS A 1 49  ? -7.643  -3.384  9.989   1.00 70.24  ? 49  LYS A O   1 
ATOM   381  C CB  . LYS A 1 49  ? -5.311  -5.259  9.146   1.00 58.11  ? 49  LYS A CB  1 
ATOM   382  C CG  . LYS A 1 49  ? -4.116  -5.848  8.414   1.00 72.74  ? 49  LYS A CG  1 
ATOM   383  C CD  . LYS A 1 49  ? -4.318  -6.066  6.920   1.00 76.60  ? 49  LYS A CD  1 
ATOM   384  C CE  . LYS A 1 49  ? -3.927  -4.834  6.110   1.00 86.35  ? 49  LYS A CE  1 
ATOM   385  N NZ  . LYS A 1 49  ? -4.549  -4.891  4.765   1.00 80.39  ? 49  LYS A NZ  1 
ATOM   386  N N   . ALA A 1 50  ? -5.965  -2.994  11.428  1.00 60.69  ? 50  ALA A N   1 
ATOM   387  C CA  . ALA A 1 50  ? -6.881  -2.745  12.551  1.00 52.39  ? 50  ALA A CA  1 
ATOM   388  C C   . ALA A 1 50  ? -7.375  -1.301  12.641  1.00 58.42  ? 50  ALA A C   1 
ATOM   389  O O   . ALA A 1 50  ? -7.820  -0.878  13.713  1.00 70.09  ? 50  ALA A O   1 
ATOM   390  C CB  . ALA A 1 50  ? -6.228  -3.165  13.855  1.00 57.58  ? 50  ALA A CB  1 
ATOM   391  N N   . GLY A 1 51  ? -7.276  -0.535  11.549  1.00 52.26  ? 51  GLY A N   1 
ATOM   392  C CA  . GLY A 1 51  ? -7.644  0.897   11.557  1.00 52.53  ? 51  GLY A CA  1 
ATOM   393  C C   . GLY A 1 51  ? -6.687  1.881   12.208  1.00 62.56  ? 51  GLY A C   1 
ATOM   394  O O   . GLY A 1 51  ? -6.956  3.088   12.249  1.00 70.47  ? 51  GLY A O   1 
ATOM   395  N N   . ARG A 1 52  ? -5.540  1.384   12.684  1.00 54.40  ? 52  ARG A N   1 
ATOM   396  C CA  . ARG A 1 52  ? -4.665  2.188   13.533  1.00 50.18  ? 52  ARG A CA  1 
ATOM   397  C C   . ARG A 1 52  ? -3.524  2.761   12.714  1.00 50.03  ? 52  ARG A C   1 
ATOM   398  O O   . ARG A 1 52  ? -2.323  2.461   12.857  1.00 46.69  ? 52  ARG A O   1 
ATOM   399  C CB  . ARG A 1 52  ? -4.229  1.390   14.743  1.00 45.56  ? 52  ARG A CB  1 
ATOM   400  C CG  . ARG A 1 52  ? -5.439  0.949   15.603  1.00 40.46  ? 52  ARG A CG  1 
ATOM   401  C CD  . ARG A 1 52  ? -4.986  -0.121  16.563  1.00 40.57  ? 52  ARG A CD  1 
ATOM   402  N NE  . ARG A 1 52  ? -3.964  0.438   17.482  1.00 45.51  ? 52  ARG A NE  1 
ATOM   403  C CZ  . ARG A 1 52  ? -3.522  -0.229  18.543  1.00 46.87  ? 52  ARG A CZ  1 
ATOM   404  N NH1 . ARG A 1 52  ? -2.602  0.271   19.344  1.00 40.43  ? 52  ARG A NH1 1 
ATOM   405  N NH2 . ARG A 1 52  ? -4.009  -1.437  18.793  1.00 56.56  ? 52  ARG A NH2 1 
ATOM   406  N N   . LEU A 1 53  ? -3.956  3.603   11.812  1.00 50.09  ? 53  LEU A N   1 
ATOM   407  C CA  . LEU A 1 53  ? -3.120  3.938   10.720  1.00 49.60  ? 53  LEU A CA  1 
ATOM   408  C C   . LEU A 1 53  ? -2.139  5.005   11.199  1.00 46.14  ? 53  LEU A C   1 
ATOM   409  O O   . LEU A 1 53  ? -1.023  4.974   10.775  1.00 56.56  ? 53  LEU A O   1 
ATOM   410  C CB  . LEU A 1 53  ? -3.990  4.304   9.490   1.00 47.31  ? 53  LEU A CB  1 
ATOM   411  C CG  . LEU A 1 53  ? -3.367  4.686   8.165   1.00 48.54  ? 53  LEU A CG  1 
ATOM   412  C CD1 . LEU A 1 53  ? -2.561  3.498   7.627   1.00 44.24  ? 53  LEU A CD1 1 
ATOM   413  C CD2 . LEU A 1 53  ? -4.382  5.231   7.156   1.00 41.87  ? 53  LEU A CD2 1 
ATOM   414  N N   . GLU A 1 54  ? -2.515  5.874   12.143  1.00 42.40  ? 54  GLU A N   1 
ATOM   415  C CA  . GLU A 1 54  ? -1.583  6.833   12.696  1.00 41.78  ? 54  GLU A CA  1 
ATOM   416  C C   . GLU A 1 54  ? -0.423  6.138   13.391  1.00 46.72  ? 54  GLU A C   1 
ATOM   417  O O   . GLU A 1 54  ? 0.754   6.514   13.253  1.00 41.38  ? 54  GLU A O   1 
ATOM   418  C CB  . GLU A 1 54  ? -2.226  7.730   13.720  1.00 41.17  ? 54  GLU A CB  1 
ATOM   419  C CG  . GLU A 1 54  ? -3.083  8.815   13.134  1.00 59.58  ? 54  GLU A CG  1 
ATOM   420  C CD  . GLU A 1 54  ? -2.305  9.641   12.136  1.00 55.44  ? 54  GLU A CD  1 
ATOM   421  O OE1 . GLU A 1 54  ? -1.385  10.368  12.520  1.00 57.08  ? 54  GLU A OE1 1 
ATOM   422  O OE2 . GLU A 1 54  ? -2.588  9.523   10.952  1.00 67.03  ? 54  GLU A OE2 1 
ATOM   423  N N   . GLU A 1 55  ? -0.719  5.119   14.168  1.00 37.17  ? 55  GLU A N   1 
ATOM   424  C CA  . GLU A 1 55  ? 0.422   4.393   14.760  1.00 34.75  ? 55  GLU A CA  1 
ATOM   425  C C   . GLU A 1 55  ? 1.241   3.611   13.728  1.00 33.62  ? 55  GLU A C   1 
ATOM   426  O O   . GLU A 1 55  ? 2.444   3.425   13.903  1.00 33.55  ? 55  GLU A O   1 
ATOM   427  C CB  . GLU A 1 55  ? -0.063  3.471   15.872  1.00 38.77  ? 55  GLU A CB  1 
ATOM   428  C CG  . GLU A 1 55  ? -0.816  4.213   16.980  1.00 41.22  ? 55  GLU A CG  1 
ATOM   429  C CD  . GLU A 1 55  ? -1.651  3.239   17.780  1.00 51.43  ? 55  GLU A CD  1 
ATOM   430  O OE1 . GLU A 1 55  ? -2.874  3.097   17.525  1.00 52.21  ? 55  GLU A OE1 1 
ATOM   431  O OE2 . GLU A 1 55  ? -1.019  2.520   18.595  1.00 49.47  ? 55  GLU A OE2 1 
ATOM   432  N N   . ALA A 1 56  ? 0.609   3.135   12.657  1.00 33.32  ? 56  ALA A N   1 
ATOM   433  C CA  . ALA A 1 56  ? 1.376   2.418   11.632  1.00 35.70  ? 56  ALA A CA  1 
ATOM   434  C C   . ALA A 1 56  ? 2.385   3.399   11.011  1.00 32.24  ? 56  ALA A C   1 
ATOM   435  O O   . ALA A 1 56  ? 3.562   3.073   10.835  1.00 35.36  ? 56  ALA A O   1 
ATOM   436  C CB  . ALA A 1 56  ? 0.458   1.824   10.543  1.00 30.64  ? 56  ALA A CB  1 
ATOM   437  N N   . LEU A 1 57  ? 1.922   4.592   10.712  1.00 35.60  ? 57  LEU A N   1 
ATOM   438  C CA  . LEU A 1 57  ? 2.781   5.664   10.172  1.00 40.08  ? 57  LEU A CA  1 
ATOM   439  C C   . LEU A 1 57  ? 3.902   6.081   11.094  1.00 39.54  ? 57  LEU A C   1 
ATOM   440  O O   . LEU A 1 57  ? 5.025   6.255   10.615  1.00 40.95  ? 57  LEU A O   1 
ATOM   441  C CB  . LEU A 1 57  ? 1.958   6.896   9.748   1.00 40.01  ? 57  LEU A CB  1 
ATOM   442  C CG  . LEU A 1 57  ? 1.234   6.435   8.482   1.00 43.72  ? 57  LEU A CG  1 
ATOM   443  C CD1 . LEU A 1 57  ? -0.095  7.128   8.337   1.00 44.96  ? 57  LEU A CD1 1 
ATOM   444  C CD2 . LEU A 1 57  ? 2.109   6.755   7.310   1.00 43.79  ? 57  LEU A CD2 1 
ATOM   445  N N   . GLN A 1 58  ? 3.661   6.138   12.403  1.00 38.51  ? 58  GLN A N   1 
ATOM   446  C CA  . GLN A 1 58  ? 4.754   6.451   13.332  1.00 41.21  ? 58  GLN A CA  1 
ATOM   447  C C   . GLN A 1 58  ? 5.760   5.328   13.365  1.00 40.69  ? 58  GLN A C   1 
ATOM   448  O O   . GLN A 1 58  ? 6.935   5.556   13.469  1.00 42.84  ? 58  GLN A O   1 
ATOM   449  C CB  . GLN A 1 58  ? 4.228   6.596   14.781  1.00 40.70  ? 58  GLN A CB  1 
ATOM   450  C CG  . GLN A 1 58  ? 3.093   7.571   14.772  1.00 62.18  ? 58  GLN A CG  1 
ATOM   451  C CD  . GLN A 1 58  ? 2.463   7.759   16.128  1.00 71.83  ? 58  GLN A CD  1 
ATOM   452  O OE1 . GLN A 1 58  ? 2.617   6.916   17.037  1.00 66.37  ? 58  GLN A OE1 1 
ATOM   453  N NE2 . GLN A 1 58  ? 1.741   8.874   16.275  1.00 56.63  ? 58  GLN A NE2 1 
ATOM   454  N N   . LEU A 1 59  ? 5.307   4.087   13.296  1.00 34.72  ? 59  LEU A N   1 
ATOM   455  C CA  . LEU A 1 59  ? 6.318   3.022   13.357  1.00 35.75  ? 59  LEU A CA  1 
ATOM   456  C C   . LEU A 1 59  ? 7.200   3.050   12.127  1.00 34.60  ? 59  LEU A C   1 
ATOM   457  O O   . LEU A 1 59  ? 8.362   2.777   12.210  1.00 30.56  ? 59  LEU A O   1 
ATOM   458  C CB  . LEU A 1 59  ? 5.674   1.631   13.476  1.00 34.10  ? 59  LEU A CB  1 
ATOM   459  C CG  . LEU A 1 59  ? 5.382   1.052   14.832  1.00 47.49  ? 59  LEU A CG  1 
ATOM   460  C CD1 . LEU A 1 59  ? 5.019   -0.388  14.584  1.00 52.11  ? 59  LEU A CD1 1 
ATOM   461  C CD2 . LEU A 1 59  ? 6.648   1.154   15.675  1.00 53.37  ? 59  LEU A CD2 1 
ATOM   462  N N   . PHE A 1 60  ? 6.578   3.288   10.977  1.00 33.98  ? 60  PHE A N   1 
ATOM   463  C CA  . PHE A 1 60  ? 7.279   3.460   9.709   1.00 32.72  ? 60  PHE A CA  1 
ATOM   464  C C   . PHE A 1 60  ? 8.373   4.538   9.753   1.00 35.42  ? 60  PHE A C   1 
ATOM   465  O O   . PHE A 1 60  ? 9.484   4.315   9.329   1.00 34.06  ? 60  PHE A O   1 
ATOM   466  C CB  . PHE A 1 60  ? 6.207   3.822   8.682   1.00 34.29  ? 60  PHE A CB  1 
ATOM   467  C CG  . PHE A 1 60  ? 6.733   4.303   7.371   1.00 39.45  ? 60  PHE A CG  1 
ATOM   468  C CD1 . PHE A 1 60  ? 7.344   3.434   6.498   1.00 40.13  ? 60  PHE A CD1 1 
ATOM   469  C CD2 . PHE A 1 60  ? 6.557   5.620   6.991   1.00 47.44  ? 60  PHE A CD2 1 
ATOM   470  C CE1 . PHE A 1 60  ? 7.797   3.864   5.247   1.00 44.04  ? 60  PHE A CE1 1 
ATOM   471  C CE2 . PHE A 1 60  ? 7.043   6.087   5.760   1.00 47.62  ? 60  PHE A CE2 1 
ATOM   472  C CZ  . PHE A 1 60  ? 7.637   5.194   4.885   1.00 47.93  ? 60  PHE A CZ  1 
ATOM   473  N N   . GLN A 1 61  ? 8.058   5.708   10.296  1.00 38.99  ? 61  GLN A N   1 
ATOM   474  C CA  . GLN A 1 61  ? 9.076   6.717   10.545  1.00 38.41  ? 61  GLN A CA  1 
ATOM   475  C C   . GLN A 1 61  ? 10.149  6.180   11.470  1.00 44.31  ? 61  GLN A C   1 
ATOM   476  O O   . GLN A 1 61  ? 11.370  6.364   11.249  1.00 43.26  ? 61  GLN A O   1 
ATOM   477  C CB  . GLN A 1 61  ? 8.397   7.965   11.173  1.00 41.47  ? 61  GLN A CB  1 
ATOM   478  C CG  . GLN A 1 61  ? 7.395   8.651   10.214  1.00 40.49  ? 61  GLN A CG  1 
ATOM   479  C CD  . GLN A 1 61  ? 8.016   9.036   8.808   1.00 51.16  ? 61  GLN A CD  1 
ATOM   480  O OE1 . GLN A 1 61  ? 9.142   8.675   8.489   1.00 56.30  ? 61  GLN A OE1 1 
ATOM   481  N NE2 . GLN A 1 61  ? 7.255   9.771   7.970   1.00 47.93  ? 61  GLN A NE2 1 
ATOM   482  N N   . GLU A 1 62  ? 9.737   5.506   12.539  1.00 50.33  ? 62  GLU A N   1 
ATOM   483  C CA  . GLU A 1 62  ? 10.743  5.043   13.519  1.00 44.06  ? 62  GLU A CA  1 
ATOM   484  C C   . GLU A 1 62  ? 11.680  4.035   12.834  1.00 44.12  ? 62  GLU A C   1 
ATOM   485  O O   . GLU A 1 62  ? 12.905  4.080   12.935  1.00 48.51  ? 62  GLU A O   1 
ATOM   486  C CB  . GLU A 1 62  ? 10.045  4.467   14.711  1.00 41.37  ? 62  GLU A CB  1 
ATOM   487  C CG  . GLU A 1 62  ? 11.000  3.892   15.714  1.00 50.19  ? 62  GLU A CG  1 
ATOM   488  C CD  . GLU A 1 62  ? 10.273  2.999   16.719  1.00 53.89  ? 62  GLU A CD  1 
ATOM   489  O OE1 . GLU A 1 62  ? 9.174   3.380   17.196  1.00 61.68  ? 62  GLU A OE1 1 
ATOM   490  O OE2 . GLU A 1 62  ? 10.770  1.894   16.999  1.00 55.39  ? 62  GLU A OE2 1 
ATOM   491  N N   . MET A 1 63  ? 11.085  3.182   12.043  1.00 43.34  ? 63  MET A N   1 
ATOM   492  C CA  . MET A 1 63  ? 11.843  2.198   11.294  1.00 47.77  ? 63  MET A CA  1 
ATOM   493  C C   . MET A 1 63  ? 12.954  2.920   10.466  1.00 54.67  ? 63  MET A C   1 
ATOM   494  O O   . MET A 1 63  ? 14.100  2.481   10.430  1.00 46.79  ? 63  MET A O   1 
ATOM   495  C CB  . MET A 1 63  ? 10.852  1.591   10.352  1.00 41.78  ? 63  MET A CB  1 
ATOM   496  C CG  . MET A 1 63  ? 11.343  0.485   9.529   1.00 55.70  ? 63  MET A CG  1 
ATOM   497  S SD  . MET A 1 63  ? 9.890   0.148   8.497   1.00 58.37  ? 63  MET A SD  1 
ATOM   498  C CE  . MET A 1 63  ? 10.733  -1.201  7.724   1.00 43.56  ? 63  MET A CE  1 
ATOM   499  N N   . LYS A 1 64  ? 12.602  4.027   9.797   1.00 52.98  ? 64  LYS A N   1 
ATOM   500  C CA  . LYS A 1 64  ? 13.552  4.712   8.899   1.00 50.67  ? 64  LYS A CA  1 
ATOM   501  C C   . LYS A 1 64  ? 14.684  5.387   9.671   1.00 54.36  ? 64  LYS A C   1 
ATOM   502  O O   . LYS A 1 64  ? 15.836  5.403   9.202   1.00 51.01  ? 64  LYS A O   1 
ATOM   503  C CB  . LYS A 1 64  ? 12.830  5.692   7.961   1.00 42.52  ? 64  LYS A CB  1 
ATOM   504  C CG  . LYS A 1 64  ? 12.250  4.927   6.757   1.00 44.95  ? 64  LYS A CG  1 
ATOM   505  C CD  . LYS A 1 64  ? 11.497  5.857   5.802   1.00 47.35  ? 64  LYS A CD  1 
ATOM   506  C CE  . LYS A 1 64  ? 10.437  6.660   6.532   1.00 50.76  ? 64  LYS A CE  1 
ATOM   507  N NZ  . LYS A 1 64  ? 9.862   7.624   5.552   1.00 51.85  ? 64  LYS A NZ  1 
ATOM   508  N N   . GLU A 1 65  ? 14.367  5.883   10.867  1.00 42.68  ? 65  GLU A N   1 
ATOM   509  C CA  . GLU A 1 65  ? 15.348  6.530   11.704  1.00 49.97  ? 65  GLU A CA  1 
ATOM   510  C C   . GLU A 1 65  ? 16.343  5.511   12.221  1.00 59.57  ? 65  GLU A C   1 
ATOM   511  O O   . GLU A 1 65  ? 17.512  5.826   12.305  1.00 65.19  ? 65  GLU A O   1 
ATOM   512  C CB  . GLU A 1 65  ? 14.740  7.248   12.899  1.00 41.13  ? 65  GLU A CB  1 
ATOM   513  C CG  . GLU A 1 65  ? 13.691  8.286   12.566  1.00 42.79  ? 65  GLU A CG  1 
ATOM   514  C CD  . GLU A 1 65  ? 14.278  9.555   11.974  1.00 49.12  ? 65  GLU A CD  1 
ATOM   515  O OE1 . GLU A 1 65  ? 15.509  9.625   11.860  1.00 46.18  ? 65  GLU A OE1 1 
ATOM   516  O OE2 . GLU A 1 65  ? 13.521  10.505  11.657  1.00 50.98  ? 65  GLU A OE2 1 
ATOM   517  N N   . LYS A 1 66  ? 15.895  4.299   12.554  1.00 54.95  ? 66  LYS A N   1 
ATOM   518  C CA  . LYS A 1 66  ? 16.805  3.282   13.108  1.00 59.00  ? 66  LYS A CA  1 
ATOM   519  C C   . LYS A 1 66  ? 17.633  2.575   12.030  1.00 58.06  ? 66  LYS A C   1 
ATOM   520  O O   . LYS A 1 66  ? 18.360  1.638   12.303  1.00 65.74  ? 66  LYS A O   1 
ATOM   521  C CB  . LYS A 1 66  ? 16.050  2.282   14.021  1.00 61.51  ? 66  LYS A CB  1 
ATOM   522  C CG  . LYS A 1 66  ? 15.457  2.959   15.248  1.00 61.52  ? 66  LYS A CG  1 
ATOM   523  C CD  . LYS A 1 66  ? 14.876  1.934   16.198  1.00 83.14  ? 66  LYS A CD  1 
ATOM   524  C CE  . LYS A 1 66  ? 14.616  2.523   17.582  1.00 82.54  ? 66  LYS A CE  1 
ATOM   525  N NZ  . LYS A 1 66  ? 14.619  1.398   18.555  1.00 86.31  ? 66  LYS A NZ  1 
ATOM   526  N N   . GLY A 1 67  ? 17.532  3.031   10.798  1.00 57.11  ? 67  GLY A N   1 
ATOM   527  C CA  . GLY A 1 67  ? 18.363  2.504   9.744   1.00 59.30  ? 67  GLY A CA  1 
ATOM   528  C C   . GLY A 1 67  ? 17.831  1.168   9.275   1.00 66.21  ? 67  GLY A C   1 
ATOM   529  O O   . GLY A 1 67  ? 18.435  0.515   8.424   1.00 66.85  ? 67  GLY A O   1 
ATOM   530  N N   . VAL A 1 68  ? 16.680  0.760   9.804   1.00 67.82  ? 68  VAL A N   1 
ATOM   531  C CA  . VAL A 1 68  ? 15.956  -0.370  9.224   1.00 60.26  ? 68  VAL A CA  1 
ATOM   532  C C   . VAL A 1 68  ? 15.188  0.022   7.916   1.00 69.68  ? 68  VAL A C   1 
ATOM   533  O O   . VAL A 1 68  ? 14.329  0.896   7.935   1.00 79.83  ? 68  VAL A O   1 
ATOM   534  C CB  . VAL A 1 68  ? 15.055  -1.066  10.281  1.00 59.49  ? 68  VAL A CB  1 
ATOM   535  C CG1 . VAL A 1 68  ? 14.384  -2.281  9.638   1.00 48.34  ? 68  VAL A CG1 1 
ATOM   536  C CG2 . VAL A 1 68  ? 15.853  -1.446  11.567  1.00 50.81  ? 68  VAL A CG2 1 
ATOM   537  N N   . LYS A 1 69  ? 15.483  -0.655  6.801   1.00 78.45  ? 69  LYS A N   1 
ATOM   538  C CA  . LYS A 1 69  ? 14.967  -0.333  5.438   1.00 78.42  ? 69  LYS A CA  1 
ATOM   539  C C   . LYS A 1 69  ? 13.506  -0.786  5.049   1.00 75.20  ? 69  LYS A C   1 
ATOM   540  O O   . LYS A 1 69  ? 13.228  -1.997  4.898   1.00 79.02  ? 69  LYS A O   1 
ATOM   541  C CB  . LYS A 1 69  ? 15.980  -0.847  4.351   1.00 80.99  ? 69  LYS A CB  1 
ATOM   542  C CG  . LYS A 1 69  ? 16.269  -2.372  4.392   1.00 96.85  ? 69  LYS A CG  1 
ATOM   543  C CD  . LYS A 1 69  ? 17.055  -2.917  3.182   1.00 94.06  ? 69  LYS A CD  1 
ATOM   544  C CE  . LYS A 1 69  ? 18.567  -2.785  3.382   1.00 101.77 ? 69  LYS A CE  1 
ATOM   545  N NZ  . LYS A 1 69  ? 18.920  -1.366  3.710   1.00 113.17 ? 69  LYS A NZ  1 
ATOM   546  N N   . PRO A 1 70  ? 12.579  0.182   4.821   1.00 69.32  ? 70  PRO A N   1 
ATOM   547  C CA  . PRO A 1 70  ? 11.268  -0.161  4.206   1.00 66.74  ? 70  PRO A CA  1 
ATOM   548  C C   . PRO A 1 70  ? 11.353  -0.862  2.831   1.00 64.00  ? 70  PRO A C   1 
ATOM   549  O O   . PRO A 1 70  ? 12.268  -0.575  2.077   1.00 64.27  ? 70  PRO A O   1 
ATOM   550  C CB  . PRO A 1 70  ? 10.587  1.219   4.058   1.00 64.21  ? 70  PRO A CB  1 
ATOM   551  C CG  . PRO A 1 70  ? 11.167  2.029   5.161   1.00 62.62  ? 70  PRO A CG  1 
ATOM   552  C CD  . PRO A 1 70  ? 12.602  1.583   5.307   1.00 63.32  ? 70  PRO A CD  1 
ATOM   553  N N   . ASP A 1 71  ? 10.381  -1.721  2.503   1.00 57.27  ? 71  ASP A N   1 
ATOM   554  C CA  . ASP A 1 71  ? 10.327  -2.420  1.223   1.00 54.72  ? 71  ASP A CA  1 
ATOM   555  C C   . ASP A 1 71  ? 8.886   -2.368  0.630   1.00 63.71  ? 71  ASP A C   1 
ATOM   556  O O   . ASP A 1 71  ? 8.003   -1.695  1.172   1.00 58.69  ? 71  ASP A O   1 
ATOM   557  C CB  . ASP A 1 71  ? 10.830  -3.861  1.378   1.00 67.79  ? 71  ASP A CB  1 
ATOM   558  C CG  . ASP A 1 71  ? 9.792   -4.784  2.038   1.00 74.76  ? 71  ASP A CG  1 
ATOM   559  O OD1 . ASP A 1 71  ? 9.132   -4.348  2.990   1.00 65.85  ? 71  ASP A OD1 1 
ATOM   560  O OD2 . ASP A 1 71  ? 9.627   -5.944  1.606   1.00 87.85  ? 71  ASP A OD2 1 
ATOM   561  N N   . VAL A 1 72  ? 8.642   -3.045  -0.490  1.00 58.99  ? 72  VAL A N   1 
ATOM   562  C CA  . VAL A 1 72  ? 7.425   -2.801  -1.250  1.00 60.28  ? 72  VAL A CA  1 
ATOM   563  C C   . VAL A 1 72  ? 6.185   -3.196  -0.451  1.00 61.43  ? 72  VAL A C   1 
ATOM   564  O O   . VAL A 1 72  ? 5.092   -2.637  -0.656  1.00 59.55  ? 72  VAL A O   1 
ATOM   565  C CB  . VAL A 1 72  ? 7.438   -3.534  -2.605  1.00 55.74  ? 72  VAL A CB  1 
ATOM   566  C CG1 . VAL A 1 72  ? 6.400   -2.919  -3.570  1.00 51.54  ? 72  VAL A CG1 1 
ATOM   567  C CG2 . VAL A 1 72  ? 8.832   -3.466  -3.184  1.00 71.62  ? 72  VAL A CG2 1 
ATOM   568  N N   . VAL A 1 73  ? 6.341   -4.151  0.456   1.00 55.26  ? 73  VAL A N   1 
ATOM   569  C CA  . VAL A 1 73  ? 5.202   -4.452  1.302   1.00 56.51  ? 73  VAL A CA  1 
ATOM   570  C C   . VAL A 1 73  ? 4.951   -3.359  2.361   1.00 43.77  ? 73  VAL A C   1 
ATOM   571  O O   . VAL A 1 73  ? 3.824   -3.013  2.560   1.00 50.87  ? 73  VAL A O   1 
ATOM   572  C CB  . VAL A 1 73  ? 5.291   -5.824  1.960   1.00 58.58  ? 73  VAL A CB  1 
ATOM   573  C CG1 . VAL A 1 73  ? 4.861   -6.859  0.936   1.00 62.34  ? 73  VAL A CG1 1 
ATOM   574  C CG2 . VAL A 1 73  ? 6.694   -6.045  2.511   1.00 59.07  ? 73  VAL A CG2 1 
ATOM   575  N N   . THR A 1 74  ? 5.985   -2.840  3.014   1.00 39.47  ? 74  THR A N   1 
ATOM   576  C CA  . THR A 1 74  ? 5.818   -1.710  3.917   1.00 52.82  ? 74  THR A CA  1 
ATOM   577  C C   . THR A 1 74  ? 4.972   -0.633  3.188   1.00 44.49  ? 74  THR A C   1 
ATOM   578  O O   . THR A 1 74  ? 3.848   -0.343  3.563   1.00 46.69  ? 74  THR A O   1 
ATOM   579  C CB  . THR A 1 74  ? 7.144   -1.047  4.350   1.00 51.58  ? 74  THR A CB  1 
ATOM   580  O OG1 . THR A 1 74  ? 8.222   -1.995  4.422   1.00 54.42  ? 74  THR A OG1 1 
ATOM   581  C CG2 . THR A 1 74  ? 6.963   -0.335  5.750   1.00 51.39  ? 74  THR A CG2 1 
ATOM   582  N N   . TYR A 1 75  ? 5.515   -0.153  2.070   1.00 43.15  ? 75  TYR A N   1 
ATOM   583  C CA  . TYR A 1 75  ? 4.937   0.902   1.294   1.00 37.18  ? 75  TYR A CA  1 
ATOM   584  C C   . TYR A 1 75  ? 3.549   0.600   0.842   1.00 37.42  ? 75  TYR A C   1 
ATOM   585  O O   . TYR A 1 75  ? 2.625   1.471   0.987   1.00 37.47  ? 75  TYR A O   1 
ATOM   586  C CB  . TYR A 1 75  ? 5.892   1.290   0.148   1.00 35.24  ? 75  TYR A CB  1 
ATOM   587  C CG  . TYR A 1 75  ? 7.079   2.139   0.597   1.00 41.87  ? 75  TYR A CG  1 
ATOM   588  C CD1 . TYR A 1 75  ? 6.886   3.477   0.900   1.00 36.19  ? 75  TYR A CD1 1 
ATOM   589  C CD2 . TYR A 1 75  ? 8.393   1.648   0.601   1.00 39.67  ? 75  TYR A CD2 1 
ATOM   590  C CE1 . TYR A 1 75  ? 7.908   4.276   1.293   1.00 36.91  ? 75  TYR A CE1 1 
ATOM   591  C CE2 . TYR A 1 75  ? 9.458   2.486   0.975   1.00 41.66  ? 75  TYR A CE2 1 
ATOM   592  C CZ  . TYR A 1 75  ? 9.194   3.796   1.327   1.00 42.71  ? 75  TYR A CZ  1 
ATOM   593  O OH  . TYR A 1 75  ? 10.172  4.701   1.750   1.00 45.71  ? 75  TYR A OH  1 
ATOM   594  N N   . ASN A 1 76  ? 3.330   -0.620  0.361   1.00 40.04  ? 76  ASN A N   1 
ATOM   595  C CA  . ASN A 1 76  ? 1.971   -0.976  -0.167  1.00 36.85  ? 76  ASN A CA  1 
ATOM   596  C C   . ASN A 1 76  ? 0.897   -0.972  0.905   1.00 39.40  ? 76  ASN A C   1 
ATOM   597  O O   . ASN A 1 76  ? -0.275  -0.560  0.683   1.00 40.15  ? 76  ASN A O   1 
ATOM   598  C CB  . ASN A 1 76  ? 1.981   -2.366  -0.869  1.00 44.48  ? 76  ASN A CB  1 
ATOM   599  C CG  . ASN A 1 76  ? 2.478   -2.318  -2.378  1.00 57.38  ? 76  ASN A CG  1 
ATOM   600  O OD1 . ASN A 1 76  ? 2.915   -1.285  -2.902  1.00 42.11  ? 76  ASN A OD1 1 
ATOM   601  N ND2 . ASN A 1 76  ? 2.385   -3.464  -3.063  1.00 56.94  ? 76  ASN A ND2 1 
ATOM   602  N N   . THR A 1 77  ? 1.266   -1.477  2.074   1.00 43.30  ? 77  THR A N   1 
ATOM   603  C CA  . THR A 1 77  ? 0.283   -1.523  3.195   1.00 47.06  ? 77  THR A CA  1 
ATOM   604  C C   . THR A 1 77  ? -0.093  -0.116  3.605   1.00 38.79  ? 77  THR A C   1 
ATOM   605  O O   . THR A 1 77  ? -1.253  0.174   3.810   1.00 39.87  ? 77  THR A O   1 
ATOM   606  C CB  . THR A 1 77  ? 0.906   -2.115  4.477   1.00 52.15  ? 77  THR A CB  1 
ATOM   607  O OG1 . THR A 1 77  ? 1.614   -3.280  4.121   1.00 51.59  ? 77  THR A OG1 1 
ATOM   608  C CG2 . THR A 1 77  ? -0.183  -2.509  5.496   1.00 53.28  ? 77  THR A CG2 1 
ATOM   609  N N   . LEU A 1 78  ? 0.919   0.762   3.674   1.00 36.61  ? 78  LEU A N   1 
ATOM   610  C CA  . LEU A 1 78  ? 0.668   2.110   4.136   1.00 35.69  ? 78  LEU A CA  1 
ATOM   611  C C   . LEU A 1 78  ? -0.092  2.814   3.104   1.00 33.13  ? 78  LEU A C   1 
ATOM   612  O O   . LEU A 1 78  ? -1.079  3.517   3.384   1.00 31.93  ? 78  LEU A O   1 
ATOM   613  C CB  . LEU A 1 78  ? 1.986   2.835   4.453   1.00 33.18  ? 78  LEU A CB  1 
ATOM   614  C CG  . LEU A 1 78  ? 2.582   2.244   5.700   1.00 39.02  ? 78  LEU A CG  1 
ATOM   615  C CD1 . LEU A 1 78  ? 4.008   2.769   5.857   1.00 32.37  ? 78  LEU A CD1 1 
ATOM   616  C CD2 . LEU A 1 78  ? 1.736   2.534   6.982   1.00 36.60  ? 78  LEU A CD2 1 
ATOM   617  N N   . ILE A 1 79  ? 0.371   2.678   1.866   1.00 36.80  ? 79  ILE A N   1 
ATOM   618  C CA  . ILE A 1 79  ? -0.310  3.405   0.814   1.00 37.80  ? 79  ILE A CA  1 
ATOM   619  C C   . ILE A 1 79  ? -1.736  2.900   0.745   1.00 36.97  ? 79  ILE A C   1 
ATOM   620  O O   . ILE A 1 79  ? -2.719  3.675   0.553   1.00 37.42  ? 79  ILE A O   1 
ATOM   621  C CB  . ILE A 1 79  ? 0.370   3.231   -0.557  1.00 34.80  ? 79  ILE A CB  1 
ATOM   622  C CG1 . ILE A 1 79  ? 1.726   3.974   -0.573  1.00 37.99  ? 79  ILE A CG1 1 
ATOM   623  C CG2 . ILE A 1 79  ? -0.632  3.687   -1.608  1.00 35.49  ? 79  ILE A CG2 1 
ATOM   624  C CD1 . ILE A 1 79  ? 2.696   3.521   -1.687  1.00 39.86  ? 79  ILE A CD1 1 
ATOM   625  N N   . ASP A 1 80  ? -1.892  1.605   0.958   1.00 39.56  ? 80  ASP A N   1 
ATOM   626  C CA  . ASP A 1 80  ? -3.282  1.131   0.875   1.00 49.22  ? 80  ASP A CA  1 
ATOM   627  C C   . ASP A 1 80  ? -4.138  1.615   2.061   1.00 43.54  ? 80  ASP A C   1 
ATOM   628  O O   . ASP A 1 80  ? -5.282  2.006   1.857   1.00 40.58  ? 80  ASP A O   1 
ATOM   629  C CB  . ASP A 1 80  ? -3.354  -0.386  0.755   1.00 57.67  ? 80  ASP A CB  1 
ATOM   630  C CG  . ASP A 1 80  ? -4.803  -0.894  0.795   1.00 74.67  ? 80  ASP A CG  1 
ATOM   631  O OD1 . ASP A 1 80  ? -5.542  -0.692  -0.209  1.00 62.18  ? 80  ASP A OD1 1 
ATOM   632  O OD2 . ASP A 1 80  ? -5.212  -1.456  1.854   1.00 73.53  ? 80  ASP A OD2 1 
ATOM   633  N N   . GLY A 1 81  ? -3.606  1.623   3.303   1.00 43.78  ? 81  GLY A N   1 
ATOM   634  C CA  . GLY A 1 81  ? -4.443  2.161   4.429   1.00 35.18  ? 81  GLY A CA  1 
ATOM   635  C C   . GLY A 1 81  ? -4.744  3.618   4.118   1.00 36.83  ? 81  GLY A C   1 
ATOM   636  O O   . GLY A 1 81  ? -5.841  4.122   4.319   1.00 43.33  ? 81  GLY A O   1 
ATOM   637  N N   . LEU A 1 82  ? -3.753  4.363   3.621   1.00 37.47  ? 82  LEU A N   1 
ATOM   638  C CA  . LEU A 1 82  ? -4.026  5.808   3.426   1.00 38.22  ? 82  LEU A CA  1 
ATOM   639  C C   . LEU A 1 82  ? -5.093  6.016   2.377   1.00 42.54  ? 82  LEU A C   1 
ATOM   640  O O   . LEU A 1 82  ? -5.996  6.929   2.514   1.00 37.91  ? 82  LEU A O   1 
ATOM   641  C CB  . LEU A 1 82  ? -2.708  6.606   3.027   1.00 38.25  ? 82  LEU A CB  1 
ATOM   642  C CG  . LEU A 1 82  ? -1.720  6.707   4.224   1.00 39.10  ? 82  LEU A CG  1 
ATOM   643  C CD1 . LEU A 1 82  ? -0.283  6.733   3.751   1.00 39.43  ? 82  LEU A CD1 1 
ATOM   644  C CD2 . LEU A 1 82  ? -2.088  7.972   5.017   1.00 40.84  ? 82  LEU A CD2 1 
ATOM   645  N N   . ALA A 1 83  ? -4.950  5.244   1.280   1.00 40.48  ? 83  ALA A N   1 
ATOM   646  C CA  . ALA A 1 83  ? -5.898  5.425   0.135   1.00 50.27  ? 83  ALA A CA  1 
ATOM   647  C C   . ALA A 1 83  ? -7.287  5.061   0.621   1.00 49.82  ? 83  ALA A C   1 
ATOM   648  O O   . ALA A 1 83  ? -8.217  5.828   0.443   1.00 56.02  ? 83  ALA A O   1 
ATOM   649  C CB  . ALA A 1 83  ? -5.500  4.621   -1.124  1.00 43.56  ? 83  ALA A CB  1 
ATOM   650  N N   . LYS A 1 84  ? -7.421  3.966   1.351   1.00 57.06  ? 84  LYS A N   1 
ATOM   651  C CA  . LYS A 1 84  ? -8.762  3.629   1.813   1.00 60.51  ? 84  LYS A CA  1 
ATOM   652  C C   . LYS A 1 84  ? -9.330  4.628   2.799   1.00 64.66  ? 84  LYS A C   1 
ATOM   653  O O   . LYS A 1 84  ? -10.528 4.795   2.812   1.00 61.84  ? 84  LYS A O   1 
ATOM   654  C CB  . LYS A 1 84  ? -8.859  2.180   2.254   1.00 59.43  ? 84  LYS A CB  1 
ATOM   655  C CG  . LYS A 1 84  ? -8.859  1.270   1.007   1.00 72.40  ? 84  LYS A CG  1 
ATOM   656  C CD  . LYS A 1 84  ? -8.628  -0.189  1.358   1.00 77.78  ? 84  LYS A CD  1 
ATOM   657  C CE  . LYS A 1 84  ? -8.824  -0.357  2.867   1.00 82.77  ? 84  LYS A CE  1 
ATOM   658  N NZ  . LYS A 1 84  ? -8.704  -1.763  3.339   1.00 84.93  ? 84  LYS A NZ  1 
ATOM   659  N N   . ALA A 1 85  ? -8.493  5.357   3.560   1.00 63.38  ? 85  ALA A N   1 
ATOM   660  C CA  . ALA A 1 85  ? -9.014  6.415   4.475   1.00 46.15  ? 85  ALA A CA  1 
ATOM   661  C C   . ALA A 1 85  ? -9.256  7.758   3.822   1.00 50.64  ? 85  ALA A C   1 
ATOM   662  O O   . ALA A 1 85  ? -9.388  8.752   4.512   1.00 63.52  ? 85  ALA A O   1 
ATOM   663  C CB  . ALA A 1 85  ? -8.110  6.599   5.689   1.00 44.47  ? 85  ALA A CB  1 
ATOM   664  N N   . GLY A 1 86  ? -9.306  7.829   2.498   1.00 49.45  ? 86  GLY A N   1 
ATOM   665  C CA  . GLY A 1 86  ? -9.369  9.138   1.828   1.00 46.17  ? 86  GLY A CA  1 
ATOM   666  C C   . GLY A 1 86  ? -8.036  9.924   1.816   1.00 58.41  ? 86  GLY A C   1 
ATOM   667  O O   . GLY A 1 86  ? -7.932  10.978  1.160   1.00 50.06  ? 86  GLY A O   1 
ATOM   668  N N   . ARG A 1 87  ? -6.991  9.422   2.485   1.00 48.29  ? 87  ARG A N   1 
ATOM   669  C CA  . ARG A 1 87  ? -5.777  10.220  2.641   1.00 46.24  ? 87  ARG A CA  1 
ATOM   670  C C   . ARG A 1 87  ? -4.831  10.107  1.457   1.00 39.29  ? 87  ARG A C   1 
ATOM   671  O O   . ARG A 1 87  ? -3.686  9.644   1.534   1.00 38.99  ? 87  ARG A O   1 
ATOM   672  C CB  . ARG A 1 87  ? -5.110  9.919   3.958   1.00 37.02  ? 87  ARG A CB  1 
ATOM   673  C CG  . ARG A 1 87  ? -6.011  10.348  5.125   1.00 42.29  ? 87  ARG A CG  1 
ATOM   674  C CD  . ARG A 1 87  ? -5.489  9.746   6.434   1.00 42.42  ? 87  ARG A CD  1 
ATOM   675  N NE  . ARG A 1 87  ? -4.146  10.256  6.755   1.00 40.75  ? 87  ARG A NE  1 
ATOM   676  C CZ  . ARG A 1 87  ? -3.554  9.944   7.915   1.00 46.24  ? 87  ARG A CZ  1 
ATOM   677  N NH1 . ARG A 1 87  ? -4.226  9.190   8.755   1.00 39.61  ? 87  ARG A NH1 1 
ATOM   678  N NH2 . ARG A 1 87  ? -2.327  10.392  8.265   1.00 38.26  ? 87  ARG A NH2 1 
ATOM   679  N N   . LEU A 1 88  ? -5.305  10.644  0.368   1.00 40.94  ? 88  LEU A N   1 
ATOM   680  C CA  . LEU A 1 88  ? -4.722  10.459  -0.924  1.00 42.81  ? 88  LEU A CA  1 
ATOM   681  C C   . LEU A 1 88  ? -3.462  11.250  -1.116  1.00 42.19  ? 88  LEU A C   1 
ATOM   682  O O   . LEU A 1 88  ? -2.551  10.800  -1.851  1.00 48.63  ? 88  LEU A O   1 
ATOM   683  C CB  . LEU A 1 88  ? -5.791  10.886  -1.944  1.00 50.02  ? 88  LEU A CB  1 
ATOM   684  C CG  . LEU A 1 88  ? -5.820  10.223  -3.303  1.00 57.92  ? 88  LEU A CG  1 
ATOM   685  C CD1 . LEU A 1 88  ? -5.625  8.711   -3.166  1.00 51.08  ? 88  LEU A CD1 1 
ATOM   686  C CD2 . LEU A 1 88  ? -7.148  10.589  -3.974  1.00 59.80  ? 88  LEU A CD2 1 
ATOM   687  N N   . GLU A 1 89  ? -3.374  12.444  -0.512  1.00 38.39  ? 89  GLU A N   1 
ATOM   688  C CA  . GLU A 1 89  ? -2.135  13.244  -0.750  1.00 39.33  ? 89  GLU A CA  1 
ATOM   689  C C   . GLU A 1 89  ? -0.973  12.552  -0.066  1.00 33.88  ? 89  GLU A C   1 
ATOM   690  O O   . GLU A 1 89  ? 0.149   12.494  -0.556  1.00 37.37  ? 89  GLU A O   1 
ATOM   691  C CB  . GLU A 1 89  ? -2.257  14.665  -0.201  1.00 39.79  ? 89  GLU A CB  1 
ATOM   692  C CG  . GLU A 1 89  ? -3.286  15.490  -0.895  1.00 49.77  ? 89  GLU A CG  1 
ATOM   693  C CD  . GLU A 1 89  ? -3.054  15.500  -2.389  1.00 54.16  ? 89  GLU A CD  1 
ATOM   694  O OE1 . GLU A 1 89  ? -3.887  14.908  -3.081  1.00 66.76  ? 89  GLU A OE1 1 
ATOM   695  O OE2 . GLU A 1 89  ? -2.016  16.008  -2.868  1.00 53.95  ? 89  GLU A OE2 1 
ATOM   696  N N   . GLU A 1 90  ? -1.231  12.040  1.116   1.00 30.39  ? 90  GLU A N   1 
ATOM   697  C CA  . GLU A 1 90  ? -0.159  11.375  1.790   1.00 33.40  ? 90  GLU A CA  1 
ATOM   698  C C   . GLU A 1 90  ? 0.201   9.998   1.099   1.00 40.70  ? 90  GLU A C   1 
ATOM   699  O O   . GLU A 1 90  ? 1.393   9.579   1.024   1.00 32.83  ? 90  GLU A O   1 
ATOM   700  C CB  . GLU A 1 90  ? -0.654  11.156  3.220   1.00 34.91  ? 90  GLU A CB  1 
ATOM   701  C CG  . GLU A 1 90  ? 0.508   10.746  4.042   1.00 44.20  ? 90  GLU A CG  1 
ATOM   702  C CD  . GLU A 1 90  ? 0.296   10.885  5.548   1.00 56.52  ? 90  GLU A CD  1 
ATOM   703  O OE1 . GLU A 1 90  ? -0.784  11.424  6.083   1.00 39.95  ? 90  GLU A OE1 1 
ATOM   704  O OE2 . GLU A 1 90  ? 1.286   10.383  6.172   1.00 47.18  ? 90  GLU A OE2 1 
ATOM   705  N N   . ALA A 1 91  ? -0.839  9.269   0.656   1.00 35.46  ? 91  ALA A N   1 
ATOM   706  C CA  . ALA A 1 91  ? -0.601  8.030   -0.172  1.00 39.20  ? 91  ALA A CA  1 
ATOM   707  C C   . ALA A 1 91  ? 0.260   8.334   -1.399  1.00 30.08  ? 91  ALA A C   1 
ATOM   708  O O   . ALA A 1 91  ? 1.251   7.642   -1.665  1.00 31.49  ? 91  ALA A O   1 
ATOM   709  C CB  . ALA A 1 91  ? -1.948  7.374   -0.583  1.00 37.84  ? 91  ALA A CB  1 
ATOM   710  N N   . LEU A 1 92  ? -0.017  9.446   -2.067  1.00 34.58  ? 92  LEU A N   1 
ATOM   711  C CA  . LEU A 1 92  ? 0.802   9.837   -3.258  1.00 35.24  ? 92  LEU A CA  1 
ATOM   712  C C   . LEU A 1 92  ? 2.193   10.204  -2.878  1.00 40.18  ? 92  LEU A C   1 
ATOM   713  O O   . LEU A 1 92  ? 3.186   9.938   -3.602  1.00 34.56  ? 92  LEU A O   1 
ATOM   714  C CB  . LEU A 1 92  ? 0.160   11.023  -3.967  1.00 38.48  ? 92  LEU A CB  1 
ATOM   715  C CG  . LEU A 1 92  ? -1.126  10.519  -4.689  1.00 40.03  ? 92  LEU A CG  1 
ATOM   716  C CD1 . LEU A 1 92  ? -1.989  11.646  -5.177  1.00 40.71  ? 92  LEU A CD1 1 
ATOM   717  C CD2 . LEU A 1 92  ? -0.612  9.774   -5.904  1.00 43.32  ? 92  LEU A CD2 1 
ATOM   718  N N   . GLN A 1 93  ? 2.303   10.851  -1.718  1.00 36.58  ? 93  GLN A N   1 
ATOM   719  C CA  . GLN A 1 93  ? 3.627   11.251  -1.236  1.00 35.19  ? 93  GLN A CA  1 
ATOM   720  C C   . GLN A 1 93  ? 4.451   10.025  -0.914  1.00 33.23  ? 93  GLN A C   1 
ATOM   721  O O   . GLN A 1 93  ? 5.643   9.973   -1.194  1.00 34.51  ? 93  GLN A O   1 
ATOM   722  C CB  . GLN A 1 93  ? 3.443   12.126  0.060   1.00 38.36  ? 93  GLN A CB  1 
ATOM   723  C CG  . GLN A 1 93  ? 4.777   12.617  0.572   1.00 41.67  ? 93  GLN A CG  1 
ATOM   724  C CD  . GLN A 1 93  ? 5.557   13.439  -0.488  1.00 50.87  ? 93  GLN A CD  1 
ATOM   725  O OE1 . GLN A 1 93  ? 5.039   14.399  -1.049  1.00 48.12  ? 93  GLN A OE1 1 
ATOM   726  N NE2 . GLN A 1 93  ? 6.793   13.039  -0.767  1.00 48.14  ? 93  GLN A NE2 1 
ATOM   727  N N   . LEU A 1 94  ? 3.857   9.021   -0.267  1.00 30.78  ? 94  LEU A N   1 
ATOM   728  C CA  . LEU A 1 94  ? 4.667   7.807   -0.009  1.00 31.91  ? 94  LEU A CA  1 
ATOM   729  C C   . LEU A 1 94  ? 5.075   7.062   -1.312  1.00 28.40  ? 94  LEU A C   1 
ATOM   730  O O   . LEU A 1 94  ? 6.112   6.409   -1.358  1.00 36.43  ? 94  LEU A O   1 
ATOM   731  C CB  . LEU A 1 94  ? 3.873   6.788   0.890   1.00 30.76  ? 94  LEU A CB  1 
ATOM   732  C CG  . LEU A 1 94  ? 3.741   7.077   2.355   1.00 45.34  ? 94  LEU A CG  1 
ATOM   733  C CD1 . LEU A 1 94  ? 3.368   5.761   3.012   1.00 44.03  ? 94  LEU A CD1 1 
ATOM   734  C CD2 . LEU A 1 94  ? 5.077   7.611   2.909   1.00 41.85  ? 94  LEU A CD2 1 
ATOM   735  N N   . PHE A 1 95  ? 4.223   7.156   -2.341  1.00 35.34  ? 95  PHE A N   1 
ATOM   736  C CA  . PHE A 1 95  ? 4.438   6.511   -3.665  1.00 36.29  ? 95  PHE A CA  1 
ATOM   737  C C   . PHE A 1 95  ? 5.651   7.167   -4.307  1.00 36.23  ? 95  PHE A C   1 
ATOM   738  O O   . PHE A 1 95  ? 6.590   6.525   -4.727  1.00 37.00  ? 95  PHE A O   1 
ATOM   739  C CB  . PHE A 1 95  ? 3.217   6.792   -4.530  1.00 38.57  ? 95  PHE A CB  1 
ATOM   740  C CG  . PHE A 1 95  ? 3.310   6.303   -5.974  1.00 40.39  ? 95  PHE A CG  1 
ATOM   741  C CD1 . PHE A 1 95  ? 3.437   4.946   -6.272  1.00 42.18  ? 95  PHE A CD1 1 
ATOM   742  C CD2 . PHE A 1 95  ? 3.182   7.219   -7.026  1.00 47.43  ? 95  PHE A CD2 1 
ATOM   743  C CE1 . PHE A 1 95  ? 3.476   4.513   -7.615  1.00 43.49  ? 95  PHE A CE1 1 
ATOM   744  C CE2 . PHE A 1 95  ? 3.191   6.797   -8.370  1.00 46.55  ? 95  PHE A CE2 1 
ATOM   745  C CZ  . PHE A 1 95  ? 3.351   5.438   -8.650  1.00 35.96  ? 95  PHE A CZ  1 
ATOM   746  N N   . GLN A 1 96  ? 5.646   8.479   -4.322  1.00 37.44  ? 96  GLN A N   1 
ATOM   747  C CA  . GLN A 1 96  ? 6.847   9.197   -4.787  1.00 37.65  ? 96  GLN A CA  1 
ATOM   748  C C   . GLN A 1 96  ? 8.099   8.851   -3.958  1.00 42.78  ? 96  GLN A C   1 
ATOM   749  O O   . GLN A 1 96  ? 9.170   8.501   -4.488  1.00 41.83  ? 96  GLN A O   1 
ATOM   750  C CB  . GLN A 1 96  ? 6.437   10.671  -4.650  1.00 38.74  ? 96  GLN A CB  1 
ATOM   751  C CG  . GLN A 1 96  ? 7.579   11.625  -4.686  1.00 52.53  ? 96  GLN A CG  1 
ATOM   752  C CD  . GLN A 1 96  ? 7.787   12.133  -6.083  1.00 71.05  ? 96  GLN A CD  1 
ATOM   753  O OE1 . GLN A 1 96  ? 8.065   11.341  -7.022  1.00 61.63  ? 96  GLN A OE1 1 
ATOM   754  N NE2 . GLN A 1 96  ? 7.619   13.462  -6.257  1.00 76.34  ? 96  GLN A NE2 1 
ATOM   755  N N   . GLU A 1 97  ? 7.971   8.849   -2.625  1.00 38.94  ? 97  GLU A N   1 
ATOM   756  C CA  . GLU A 1 97  ? 9.133   8.427   -1.782  1.00 36.80  ? 97  GLU A CA  1 
ATOM   757  C C   . GLU A 1 97  ? 9.606   7.000   -2.090  1.00 40.26  ? 97  GLU A C   1 
ATOM   758  O O   . GLU A 1 97  ? 10.815  6.731   -2.130  1.00 38.54  ? 97  GLU A O   1 
ATOM   759  C CB  . GLU A 1 97  ? 8.757   8.514   -0.273  1.00 34.69  ? 97  GLU A CB  1 
ATOM   760  C CG  . GLU A 1 97  ? 9.890   8.103   0.665   1.00 40.90  ? 97  GLU A CG  1 
ATOM   761  C CD  . GLU A 1 97  ? 9.419   8.048   2.120   1.00 48.02  ? 97  GLU A CD  1 
ATOM   762  O OE1 . GLU A 1 97  ? 8.706   8.973   2.524   1.00 52.53  ? 97  GLU A OE1 1 
ATOM   763  O OE2 . GLU A 1 97  ? 9.682   7.042   2.820   1.00 51.85  ? 97  GLU A OE2 1 
ATOM   764  N N   . MET A 1 98  ? 8.668   6.055   -2.220  1.00 37.89  ? 98  MET A N   1 
ATOM   765  C CA  . MET A 1 98  ? 9.056   4.658   -2.505  1.00 43.81  ? 98  MET A CA  1 
ATOM   766  C C   . MET A 1 98  ? 9.973   4.707   -3.771  1.00 43.31  ? 98  MET A C   1 
ATOM   767  O O   . MET A 1 98  ? 11.020  4.063   -3.844  1.00 42.71  ? 98  MET A O   1 
ATOM   768  C CB  . MET A 1 98  ? 7.774   3.866   -2.863  1.00 45.10  ? 98  MET A CB  1 
ATOM   769  C CG  . MET A 1 98  ? 7.896   2.345   -2.824  1.00 47.14  ? 98  MET A CG  1 
ATOM   770  S SD  . MET A 1 98  ? 6.317   1.569   -3.372  1.00 54.67  ? 98  MET A SD  1 
ATOM   771  C CE  . MET A 1 98  ? 5.701   3.057   -3.758  1.00 31.16  ? 98  MET A CE  1 
ATOM   772  N N   . LYS A 1 99  ? 9.562   5.504   -4.757  1.00 45.42  ? 99  LYS A N   1 
ATOM   773  C CA  . LYS A 1 99  ? 10.315  5.573   -6.046  1.00 54.14  ? 99  LYS A CA  1 
ATOM   774  C C   . LYS A 1 99  ? 11.660  6.235   -5.901  1.00 52.32  ? 99  LYS A C   1 
ATOM   775  O O   . LYS A 1 99  ? 12.648  5.711   -6.391  1.00 50.51  ? 99  LYS A O   1 
ATOM   776  C CB  . LYS A 1 99  ? 9.563   6.332   -7.109  1.00 47.14  ? 99  LYS A CB  1 
ATOM   777  C CG  . LYS A 1 99  ? 8.326   5.629   -7.558  1.00 50.41  ? 99  LYS A CG  1 
ATOM   778  C CD  . LYS A 1 99  ? 7.899   6.378   -8.783  1.00 48.41  ? 99  LYS A CD  1 
ATOM   779  C CE  . LYS A 1 99  ? 6.430   6.602   -8.784  1.00 50.39  ? 99  LYS A CE  1 
ATOM   780  N NZ  . LYS A 1 99  ? 6.136   7.707   -9.739  1.00 50.42  ? 99  LYS A NZ  1 
ATOM   781  N N   . GLU A 1 100 ? 11.716  7.362   -5.197  1.00 52.93  ? 100 GLU A N   1 
ATOM   782  C CA  . GLU A 1 100 ? 13.015  7.911   -4.861  1.00 51.58  ? 100 GLU A CA  1 
ATOM   783  C C   . GLU A 1 100 ? 13.909  6.960   -4.101  1.00 51.55  ? 100 GLU A C   1 
ATOM   784  O O   . GLU A 1 100 ? 15.090  6.980   -4.344  1.00 58.02  ? 100 GLU A O   1 
ATOM   785  C CB  . GLU A 1 100 ? 12.882  9.210   -4.131  1.00 52.82  ? 100 GLU A CB  1 
ATOM   786  C CG  . GLU A 1 100 ? 12.168  10.180  -5.016  1.00 55.79  ? 100 GLU A CG  1 
ATOM   787  C CD  . GLU A 1 100 ? 11.911  11.496  -4.338  1.00 70.44  ? 100 GLU A CD  1 
ATOM   788  O OE1 . GLU A 1 100 ? 12.178  11.640  -3.117  1.00 87.40  ? 100 GLU A OE1 1 
ATOM   789  O OE2 . GLU A 1 100 ? 11.413  12.397  -5.040  1.00 73.15  ? 100 GLU A OE2 1 
ATOM   790  N N   . LYS A 1 101 ? 13.387  6.135   -3.186  1.00 49.86  ? 101 LYS A N   1 
ATOM   791  C CA  . LYS A 1 101 ? 14.263  5.154   -2.505  1.00 50.67  ? 101 LYS A CA  1 
ATOM   792  C C   . LYS A 1 101 ? 14.672  4.018   -3.424  1.00 46.84  ? 101 LYS A C   1 
ATOM   793  O O   . LYS A 1 101 ? 15.291  3.077   -2.975  1.00 59.75  ? 101 LYS A O   1 
ATOM   794  C CB  . LYS A 1 101 ? 13.615  4.454   -1.272  1.00 55.23  ? 101 LYS A CB  1 
ATOM   795  C CG  . LYS A 1 101 ? 12.972  5.297   -0.189  1.00 54.02  ? 101 LYS A CG  1 
ATOM   796  C CD  . LYS A 1 101 ? 13.882  6.403   0.200   1.00 57.52  ? 101 LYS A CD  1 
ATOM   797  C CE  . LYS A 1 101 ? 13.491  6.890   1.565   1.00 64.25  ? 101 LYS A CE  1 
ATOM   798  N NZ  . LYS A 1 101 ? 14.749  7.565   1.978   1.00 64.04  ? 101 LYS A NZ  1 
ATOM   799  N N   . GLY A 1 102 ? 14.242  4.012   -4.671  1.00 53.80  ? 102 GLY A N   1 
ATOM   800  C CA  . GLY A 1 102 ? 14.558  2.869   -5.516  1.00 55.29  ? 102 GLY A CA  1 
ATOM   801  C C   . GLY A 1 102 ? 13.820  1.607   -5.078  1.00 61.86  ? 102 GLY A C   1 
ATOM   802  O O   . GLY A 1 102 ? 14.233  0.537   -5.425  1.00 59.58  ? 102 GLY A O   1 
ATOM   803  N N   . VAL A 1 103 ? 12.737  1.716   -4.297  1.00 67.35  ? 103 VAL A N   1 
ATOM   804  C CA  . VAL A 1 103 ? 11.871  0.539   -4.006  1.00 63.43  ? 103 VAL A CA  1 
ATOM   805  C C   . VAL A 1 103 ? 10.790  0.588   -5.115  1.00 71.38  ? 103 VAL A C   1 
ATOM   806  O O   . VAL A 1 103 ? 10.200  1.649   -5.341  1.00 71.26  ? 103 VAL A O   1 
ATOM   807  C CB  . VAL A 1 103 ? 11.297  0.563   -2.539  1.00 59.27  ? 103 VAL A CB  1 
ATOM   808  C CG1 . VAL A 1 103 ? 10.479  -0.696  -2.225  1.00 50.64  ? 103 VAL A CG1 1 
ATOM   809  C CG2 . VAL A 1 103 ? 12.425  0.668   -1.507  1.00 47.69  ? 103 VAL A CG2 1 
ATOM   810  N N   . LYS A 1 104 ? 10.542  -0.501  -5.848  1.00 65.30  ? 104 LYS A N   1 
ATOM   811  C CA  . LYS A 1 104 ? 9.717   -0.331  -7.063  1.00 68.64  ? 104 LYS A CA  1 
ATOM   812  C C   . LYS A 1 104 ? 8.182   -0.617  -6.967  1.00 55.99  ? 104 LYS A C   1 
ATOM   813  O O   . LYS A 1 104 ? 7.758   -1.675  -6.510  1.00 58.24  ? 104 LYS A O   1 
ATOM   814  C CB  . LYS A 1 104 ? 10.383  -0.938  -8.327  1.00 78.94  ? 104 LYS A CB  1 
ATOM   815  C CG  . LYS A 1 104 ? 11.541  -0.080  -8.853  1.00 87.64  ? 104 LYS A CG  1 
ATOM   816  C CD  . LYS A 1 104 ? 11.571  0.068   -10.378 1.00 93.37  ? 104 LYS A CD  1 
ATOM   817  C CE  . LYS A 1 104 ? 12.051  -1.201  -11.071 1.00 98.56  ? 104 LYS A CE  1 
ATOM   818  N NZ  . LYS A 1 104 ? 12.993  -1.971  -10.209 1.00 89.09  ? 104 LYS A NZ  1 
ATOM   819  N N   . PRO A 1 105 ? 7.353   0.367   -7.379  1.00 55.12  ? 105 PRO A N   1 
ATOM   820  C CA  . PRO A 1 105 ? 5.916   0.147   -7.387  1.00 59.93  ? 105 PRO A CA  1 
ATOM   821  C C   . PRO A 1 105 ? 5.581   -1.133  -8.205  1.00 62.13  ? 105 PRO A C   1 
ATOM   822  O O   . PRO A 1 105 ? 6.317   -1.482  -9.156  1.00 62.97  ? 105 PRO A O   1 
ATOM   823  C CB  . PRO A 1 105 ? 5.387   1.400   -8.101  1.00 59.53  ? 105 PRO A CB  1 
ATOM   824  C CG  . PRO A 1 105 ? 6.408   2.463   -7.805  1.00 60.25  ? 105 PRO A CG  1 
ATOM   825  C CD  . PRO A 1 105 ? 7.710   1.721   -7.886  1.00 54.46  ? 105 PRO A CD  1 
ATOM   826  N N   . ASP A 1 106 ? 4.512   -1.831  -7.816  1.00 54.45  ? 106 ASP A N   1 
ATOM   827  C CA  . ASP A 1 106 ? 4.010   -3.027  -8.531  1.00 53.89  ? 106 ASP A CA  1 
ATOM   828  C C   . ASP A 1 106 ? 2.503   -2.805  -8.828  1.00 60.53  ? 106 ASP A C   1 
ATOM   829  O O   . ASP A 1 106 ? 1.997   -1.668  -8.579  1.00 56.41  ? 106 ASP A O   1 
ATOM   830  C CB  . ASP A 1 106 ? 4.307   -4.294  -7.741  1.00 50.50  ? 106 ASP A CB  1 
ATOM   831  C CG  . ASP A 1 106 ? 3.475   -4.426  -6.461  1.00 54.57  ? 106 ASP A CG  1 
ATOM   832  O OD1 . ASP A 1 106 ? 2.422   -3.772  -6.342  1.00 52.18  ? 106 ASP A OD1 1 
ATOM   833  O OD2 . ASP A 1 106 ? 3.859   -5.249  -5.582  1.00 61.77  ? 106 ASP A OD2 1 
ATOM   834  N N   . VAL A 1 107 ? 1.796   -3.829  -9.357  1.00 53.43  ? 107 VAL A N   1 
ATOM   835  C CA  . VAL A 1 107 ? 0.405   -3.649  -9.756  1.00 52.34  ? 107 VAL A CA  1 
ATOM   836  C C   . VAL A 1 107 ? -0.500  -3.368  -8.563  1.00 49.24  ? 107 VAL A C   1 
ATOM   837  O O   . VAL A 1 107 ? -1.439  -2.543  -8.677  1.00 50.42  ? 107 VAL A O   1 
ATOM   838  C CB  . VAL A 1 107 ? -0.185  -4.807  -10.645 1.00 58.59  ? 107 VAL A CB  1 
ATOM   839  C CG1 . VAL A 1 107 ? -0.375  -6.091  -9.863  1.00 46.62  ? 107 VAL A CG1 1 
ATOM   840  C CG2 . VAL A 1 107 ? -1.555  -4.416  -11.193 1.00 54.14  ? 107 VAL A CG2 1 
ATOM   841  N N   . VAL A 1 108 ? -0.243  -4.004  -7.419  1.00 51.65  ? 108 VAL A N   1 
ATOM   842  C CA  . VAL A 1 108 ? -1.028  -3.641  -6.212  1.00 59.56  ? 108 VAL A CA  1 
ATOM   843  C C   . VAL A 1 108 ? -0.835  -2.097  -5.896  1.00 47.53  ? 108 VAL A C   1 
ATOM   844  O O   . VAL A 1 108 ? -1.793  -1.353  -5.617  1.00 49.87  ? 108 VAL A O   1 
ATOM   845  C CB  . VAL A 1 108 ? -0.693  -4.592  -5.028  1.00 66.82  ? 108 VAL A CB  1 
ATOM   846  C CG1 . VAL A 1 108 ? -1.390  -4.145  -3.748  1.00 49.45  ? 108 VAL A CG1 1 
ATOM   847  C CG2 . VAL A 1 108 ? -1.076  -6.040  -5.391  1.00 55.65  ? 108 VAL A CG2 1 
ATOM   848  N N   . THR A 1 109 ? 0.389   -1.606  -6.084  1.00 45.36  ? 109 THR A N   1 
ATOM   849  C CA  . THR A 1 109 ? 0.656   -0.172  -5.800  1.00 54.41  ? 109 THR A CA  1 
ATOM   850  C C   . THR A 1 109 ? -0.203  0.706   -6.757  1.00 54.93  ? 109 THR A C   1 
ATOM   851  O O   . THR A 1 109 ? -0.940  1.656   -6.355  1.00 49.34  ? 109 THR A O   1 
ATOM   852  C CB  . THR A 1 109 ? 2.176   0.263   -5.863  1.00 50.41  ? 109 THR A CB  1 
ATOM   853  O OG1 . THR A 1 109 ? 3.103   -0.772  -5.398  1.00 46.71  ? 109 THR A OG1 1 
ATOM   854  C CG2 . THR A 1 109 ? 2.366   1.644   -5.121  1.00 49.57  ? 109 THR A CG2 1 
ATOM   855  N N   . TYR A 1 110 ? -0.132  0.386   -8.042  1.00 50.95  ? 110 TYR A N   1 
ATOM   856  C CA  . TYR A 1 110 ? -0.838  1.244   -8.946  1.00 43.31  ? 110 TYR A CA  1 
ATOM   857  C C   . TYR A 1 110 ? -2.346  1.199   -8.695  1.00 38.48  ? 110 TYR A C   1 
ATOM   858  O O   . TYR A 1 110 ? -3.037  2.271   -8.757  1.00 40.42  ? 110 TYR A O   1 
ATOM   859  C CB  . TYR A 1 110 ? -0.407  0.937   -10.358 1.00 47.23  ? 110 TYR A CB  1 
ATOM   860  C CG  . TYR A 1 110 ? 0.933   1.542   -10.670 1.00 51.87  ? 110 TYR A CG  1 
ATOM   861  C CD1 . TYR A 1 110 ? 1.008   2.846   -11.132 1.00 52.46  ? 110 TYR A CD1 1 
ATOM   862  C CD2 . TYR A 1 110 ? 2.132   0.808   -10.533 1.00 50.90  ? 110 TYR A CD2 1 
ATOM   863  C CE1 . TYR A 1 110 ? 2.229   3.441   -11.421 1.00 53.04  ? 110 TYR A CE1 1 
ATOM   864  C CE2 . TYR A 1 110 ? 3.356   1.395   -10.830 1.00 44.46  ? 110 TYR A CE2 1 
ATOM   865  C CZ  . TYR A 1 110 ? 3.399   2.715   -11.271 1.00 57.06  ? 110 TYR A CZ  1 
ATOM   866  O OH  . TYR A 1 110 ? 4.598   3.365   -11.595 1.00 70.19  ? 110 TYR A OH  1 
ATOM   867  N N   . ASN A 1 111 ? -2.895  0.024   -8.378  1.00 40.78  ? 111 ASN A N   1 
ATOM   868  C CA  . ASN A 1 111 ? -4.407  -0.076  -8.303  1.00 42.70  ? 111 ASN A CA  1 
ATOM   869  C C   . ASN A 1 111 ? -5.002  0.699   -7.194  1.00 42.55  ? 111 ASN A C   1 
ATOM   870  O O   . ASN A 1 111 ? -6.103  1.318   -7.313  1.00 41.40  ? 111 ASN A O   1 
ATOM   871  C CB  . ASN A 1 111 ? -4.920  -1.526  -8.173  1.00 50.22  ? 111 ASN A CB  1 
ATOM   872  C CG  . ASN A 1 111 ? -4.835  -2.316  -9.515  1.00 60.55  ? 111 ASN A CG  1 
ATOM   873  O OD1 . ASN A 1 111 ? -4.549  -1.745  -10.573 1.00 43.65  ? 111 ASN A OD1 1 
ATOM   874  N ND2 . ASN A 1 111 ? -5.017  -3.627  -9.455  1.00 54.33  ? 111 ASN A ND2 1 
ATOM   875  N N   . THR A 1 112 ? -4.310  0.698   -6.051  1.00 45.76  ? 112 THR A N   1 
ATOM   876  C CA  . THR A 1 112 ? -4.947  1.388   -4.895  1.00 39.11  ? 112 THR A CA  1 
ATOM   877  C C   . THR A 1 112 ? -4.974  2.864   -5.156  1.00 34.46  ? 112 THR A C   1 
ATOM   878  O O   . THR A 1 112 ? -5.969  3.568   -4.934  1.00 40.99  ? 112 THR A O   1 
ATOM   879  C CB  . THR A 1 112 ? -4.073  1.196   -3.628  1.00 52.35  ? 112 THR A CB  1 
ATOM   880  O OG1 . THR A 1 112 ? -3.330  -0.019  -3.790  1.00 50.83  ? 112 THR A OG1 1 
ATOM   881  C CG2 . THR A 1 112 ? -4.996  1.141   -2.392  1.00 54.07  ? 112 THR A CG2 1 
ATOM   882  N N   . LEU A 1 113 ? -3.862  3.347   -5.702  1.00 38.75  ? 113 LEU A N   1 
ATOM   883  C CA  . LEU A 1 113 ? -3.769  4.773   -6.022  1.00 39.00  ? 113 LEU A CA  1 
ATOM   884  C C   . LEU A 1 113 ? -4.770  5.142   -7.118  1.00 36.14  ? 113 LEU A C   1 
ATOM   885  O O   . LEU A 1 113 ? -5.502  6.153   -7.038  1.00 39.64  ? 113 LEU A O   1 
ATOM   886  C CB  . LEU A 1 113 ? -2.311  5.083   -6.435  1.00 35.33  ? 113 LEU A CB  1 
ATOM   887  C CG  . LEU A 1 113 ? -1.309  5.014   -5.261  1.00 36.97  ? 113 LEU A CG  1 
ATOM   888  C CD1 . LEU A 1 113 ? 0.105   5.099   -5.814  1.00 35.26  ? 113 LEU A CD1 1 
ATOM   889  C CD2 . LEU A 1 113 ? -1.579  6.173   -4.239  1.00 37.51  ? 113 LEU A CD2 1 
ATOM   890  N N   . ILE A 1 114 ? -4.844  4.318   -8.161  1.00 45.28  ? 114 ILE A N   1 
ATOM   891  C CA  . ILE A 1 114 ? -5.783  4.645   -9.296  1.00 40.22  ? 114 ILE A CA  1 
ATOM   892  C C   . ILE A 1 114 ? -7.183  4.662   -8.731  1.00 37.27  ? 114 ILE A C   1 
ATOM   893  O O   . ILE A 1 114 ? -8.026  5.604   -8.925  1.00 38.39  ? 114 ILE A O   1 
ATOM   894  C CB  . ILE A 1 114 ? -5.648  3.685   -10.510 1.00 39.57  ? 114 ILE A CB  1 
ATOM   895  C CG1 . ILE A 1 114 ? -4.343  4.025   -11.219 1.00 38.62  ? 114 ILE A CG1 1 
ATOM   896  C CG2 . ILE A 1 114 ? -6.819  3.961   -11.477 1.00 40.02  ? 114 ILE A CG2 1 
ATOM   897  C CD1 . ILE A 1 114 ? -3.657  2.872   -11.903 1.00 41.25  ? 114 ILE A CD1 1 
ATOM   898  N N   . ASP A 1 115 ? -7.427  3.648   -7.958  1.00 42.02  ? 115 ASP A N   1 
ATOM   899  C CA  . ASP A 1 115 ? -8.734  3.621   -7.384  1.00 45.57  ? 115 ASP A CA  1 
ATOM   900  C C   . ASP A 1 115 ? -9.034  4.815   -6.461  1.00 54.98  ? 115 ASP A C   1 
ATOM   901  O O   . ASP A 1 115 ? -10.125 5.458   -6.576  1.00 50.11  ? 115 ASP A O   1 
ATOM   902  C CB  . ASP A 1 115 ? -8.882  2.363   -6.580  1.00 54.32  ? 115 ASP A CB  1 
ATOM   903  C CG  . ASP A 1 115 ? -10.223 2.326   -5.944  1.00 70.68  ? 115 ASP A CG  1 
ATOM   904  O OD1 . ASP A 1 115 ? -11.235 2.650   -6.622  1.00 68.48  ? 115 ASP A OD1 1 
ATOM   905  O OD2 . ASP A 1 115 ? -10.266 2.055   -4.746  1.00 99.00  ? 115 ASP A OD2 1 
ATOM   906  N N   . GLY A 1 116 ? -8.085  5.124   -5.543  1.00 48.50  ? 116 GLY A N   1 
ATOM   907  C CA  . GLY A 1 116 ? -8.332  6.259   -4.635  1.00 42.03  ? 116 GLY A CA  1 
ATOM   908  C C   . GLY A 1 116 ? -8.557  7.484   -5.466  1.00 47.58  ? 116 GLY A C   1 
ATOM   909  O O   . GLY A 1 116 ? -9.500  8.258   -5.249  1.00 51.18  ? 116 GLY A O   1 
ATOM   910  N N   . LEU A 1 117 ? -7.731  7.657   -6.488  1.00 42.30  ? 117 LEU A N   1 
ATOM   911  C CA  . LEU A 1 117 ? -7.854  8.884   -7.277  1.00 43.07  ? 117 LEU A CA  1 
ATOM   912  C C   . LEU A 1 117 ? -9.178  8.937   -8.044  1.00 58.23  ? 117 LEU A C   1 
ATOM   913  O O   . LEU A 1 117 ? -9.823  9.993   -8.151  1.00 54.02  ? 117 LEU A O   1 
ATOM   914  C CB  . LEU A 1 117 ? -6.708  8.995   -8.278  1.00 42.34  ? 117 LEU A CB  1 
ATOM   915  C CG  . LEU A 1 117 ? -5.316  9.303   -7.732  1.00 52.91  ? 117 LEU A CG  1 
ATOM   916  C CD1 . LEU A 1 117 ? -4.251  8.943   -8.789  1.00 44.30  ? 117 LEU A CD1 1 
ATOM   917  C CD2 . LEU A 1 117 ? -5.289  10.796  -7.373  1.00 46.50  ? 117 LEU A CD2 1 
ATOM   918  N N   . ALA A 1 118 ? -9.579  7.799   -8.615  1.00 54.40  ? 118 ALA A N   1 
ATOM   919  C CA  . ALA A 1 118 ? -10.847 7.798   -9.335  1.00 55.80  ? 118 ALA A CA  1 
ATOM   920  C C   . ALA A 1 118 ? -12.006 8.115   -8.371  1.00 56.77  ? 118 ALA A C   1 
ATOM   921  O O   . ALA A 1 118 ? -12.907 8.767   -8.778  1.00 63.82  ? 118 ALA A O   1 
ATOM   922  C CB  . ALA A 1 118 ? -11.065 6.490   -10.093 1.00 50.12  ? 118 ALA A CB  1 
ATOM   923  N N   . LYS A 1 119 ? -11.966 7.721   -7.105  1.00 64.02  ? 119 LYS A N   1 
ATOM   924  C CA  . LYS A 1 119 ? -12.882 8.328   -6.093  1.00 71.23  ? 119 LYS A CA  1 
ATOM   925  C C   . LYS A 1 119 ? -12.996 9.871   -6.018  1.00 72.96  ? 119 LYS A C   1 
ATOM   926  O O   . LYS A 1 119 ? -14.099 10.383  -5.992  1.00 86.07  ? 119 LYS A O   1 
ATOM   927  C CB  . LYS A 1 119 ? -12.625 7.773   -4.701  1.00 73.90  ? 119 LYS A CB  1 
ATOM   928  C CG  . LYS A 1 119 ? -13.658 6.757   -4.248  1.00 78.35  ? 119 LYS A CG  1 
ATOM   929  C CD  . LYS A 1 119 ? -14.289 6.072   -5.440  1.00 83.39  ? 119 LYS A CD  1 
ATOM   930  C CE  . LYS A 1 119 ? -13.313 5.112   -6.086  1.00 79.21  ? 119 LYS A CE  1 
ATOM   931  N NZ  . LYS A 1 119 ? -13.158 3.937   -5.202  1.00 88.19  ? 119 LYS A NZ  1 
ATOM   932  N N   . ALA A 1 120 ? -11.898 10.618  -5.950  1.00 70.30  ? 120 ALA A N   1 
ATOM   933  C CA  . ALA A 1 120 ? -11.974 12.075  -6.112  1.00 69.06  ? 120 ALA A CA  1 
ATOM   934  C C   . ALA A 1 120 ? -12.215 12.247  -7.608  1.00 74.20  ? 120 ALA A C   1 
ATOM   935  O O   . ALA A 1 120 ? -12.282 11.261  -8.300  1.00 84.80  ? 120 ALA A O   1 
ATOM   936  C CB  . ALA A 1 120 ? -10.677 12.711  -5.699  1.00 68.08  ? 120 ALA A CB  1 
ATOM   937  N N   . GLY A 1 121 ? -12.328 13.451  -8.149  1.00 68.22  ? 121 GLY A N   1 
ATOM   938  C CA  . GLY A 1 121 ? -12.596 13.541  -9.585  1.00 65.12  ? 121 GLY A CA  1 
ATOM   939  C C   . GLY A 1 121 ? -11.332 13.337  -10.388 1.00 74.33  ? 121 GLY A C   1 
ATOM   940  O O   . GLY A 1 121 ? -11.277 13.673  -11.577 1.00 76.93  ? 121 GLY A O   1 
ATOM   941  N N   . ARG A 1 122 ? -10.326 12.749  -9.739  1.00 67.55  ? 122 ARG A N   1 
ATOM   942  C CA  . ARG A 1 122 ? -8.951  12.854  -10.185 1.00 64.46  ? 122 ARG A CA  1 
ATOM   943  C C   . ARG A 1 122 ? -8.618  11.846  -11.255 1.00 63.93  ? 122 ARG A C   1 
ATOM   944  O O   . ARG A 1 122 ? -7.575  11.129  -11.275 1.00 55.39  ? 122 ARG A O   1 
ATOM   945  C CB  . ARG A 1 122 ? -8.022  12.875  -8.983  1.00 60.79  ? 122 ARG A CB  1 
ATOM   946  C CG  . ARG A 1 122 ? -8.496  13.971  -8.049  1.00 64.55  ? 122 ARG A CG  1 
ATOM   947  C CD  . ARG A 1 122 ? -7.661  14.108  -6.808  1.00 58.49  ? 122 ARG A CD  1 
ATOM   948  N NE  . ARG A 1 122 ? -6.273  14.438  -7.104  1.00 53.28  ? 122 ARG A NE  1 
ATOM   949  C CZ  . ARG A 1 122 ? -5.332  14.437  -6.162  1.00 50.36  ? 122 ARG A CZ  1 
ATOM   950  N NH1 . ARG A 1 122 ? -5.695  14.134  -4.951  1.00 46.71  ? 122 ARG A NH1 1 
ATOM   951  N NH2 . ARG A 1 122 ? -4.046  14.692  -6.422  1.00 46.49  ? 122 ARG A NH2 1 
ATOM   952  N N   . LEU A 1 123 ? -9.487  11.906  -12.242 1.00 64.00  ? 123 LEU A N   1 
ATOM   953  C CA  . LEU A 1 123 ? -9.505  10.933  -13.272 1.00 57.27  ? 123 LEU A CA  1 
ATOM   954  C C   . LEU A 1 123 ? -8.314  11.134  -14.176 1.00 61.72  ? 123 LEU A C   1 
ATOM   955  O O   . LEU A 1 123 ? -7.692  10.168  -14.638 1.00 66.19  ? 123 LEU A O   1 
ATOM   956  C CB  . LEU A 1 123 ? -10.839 11.075  -13.980 1.00 62.14  ? 123 LEU A CB  1 
ATOM   957  C CG  . LEU A 1 123 ? -11.424 9.859   -14.647 1.00 60.89  ? 123 LEU A CG  1 
ATOM   958  C CD1 . LEU A 1 123 ? -11.360 8.560   -13.825 1.00 46.60  ? 123 LEU A CD1 1 
ATOM   959  C CD2 . LEU A 1 123 ? -12.852 10.223  -15.035 1.00 66.76  ? 123 LEU A CD2 1 
ATOM   960  N N   . GLU A 1 124 ? -7.915  12.374  -14.400 1.00 58.93  ? 124 GLU A N   1 
ATOM   961  C CA  . GLU A 1 124 ? -6.750  12.526  -15.288 1.00 58.93  ? 124 GLU A CA  1 
ATOM   962  C C   . GLU A 1 124 ? -5.470  11.957  -14.651 1.00 61.45  ? 124 GLU A C   1 
ATOM   963  O O   . GLU A 1 124 ? -4.613  11.347  -15.333 1.00 58.33  ? 124 GLU A O   1 
ATOM   964  C CB  . GLU A 1 124 ? -6.579  13.986  -15.723 1.00 60.80  ? 124 GLU A CB  1 
ATOM   965  C CG  . GLU A 1 124 ? -7.798  14.530  -16.461 1.00 77.26  ? 124 GLU A CG  1 
ATOM   966  C CD  . GLU A 1 124 ? -8.049  13.778  -17.780 1.00 81.22  ? 124 GLU A CD  1 
ATOM   967  O OE1 . GLU A 1 124 ? -7.251  13.957  -18.719 1.00 77.23  ? 124 GLU A OE1 1 
ATOM   968  O OE2 . GLU A 1 124 ? -9.021  12.981  -17.880 1.00 72.00  ? 124 GLU A OE2 1 
ATOM   969  N N   . GLU A 1 125 ? -5.332  12.165  -13.340 1.00 57.89  ? 125 GLU A N   1 
ATOM   970  C CA  . GLU A 1 125 ? -4.188  11.589  -12.618 1.00 57.59  ? 125 GLU A CA  1 
ATOM   971  C C   . GLU A 1 125 ? -4.349  10.077  -12.503 1.00 43.76  ? 125 GLU A C   1 
ATOM   972  O O   . GLU A 1 125 ? -3.379  9.346   -12.592 1.00 44.80  ? 125 GLU A O   1 
ATOM   973  C CB  . GLU A 1 125 ? -4.071  12.196  -11.213 1.00 52.92  ? 125 GLU A CB  1 
ATOM   974  C CG  . GLU A 1 125 ? -3.869  13.697  -11.224 1.00 58.92  ? 125 GLU A CG  1 
ATOM   975  C CD  . GLU A 1 125 ? -3.896  14.241  -9.825  1.00 60.57  ? 125 GLU A CD  1 
ATOM   976  O OE1 . GLU A 1 125 ? -2.950  13.953  -9.064  1.00 49.91  ? 125 GLU A OE1 1 
ATOM   977  O OE2 . GLU A 1 125 ? -4.890  14.876  -9.474  1.00 54.87  ? 125 GLU A OE2 1 
ATOM   978  N N   . ALA A 1 126 ? -5.574  9.610   -12.297 1.00 45.09  ? 126 ALA A N   1 
ATOM   979  C CA  . ALA A 1 126 ? -5.839  8.137   -12.358 1.00 47.85  ? 126 ALA A CA  1 
ATOM   980  C C   . ALA A 1 126 ? -5.283  7.532   -13.688 1.00 48.33  ? 126 ALA A C   1 
ATOM   981  O O   . ALA A 1 126 ? -4.512  6.527   -13.686 1.00 45.66  ? 126 ALA A O   1 
ATOM   982  C CB  . ALA A 1 126 ? -7.322  7.863   -12.200 1.00 40.81  ? 126 ALA A CB  1 
ATOM   983  N N   . LEU A 1 127 ? -5.541  8.242   -14.797 1.00 48.30  ? 127 LEU A N   1 
ATOM   984  C CA  . LEU A 1 127 ? -5.164  7.771   -16.143 1.00 53.59  ? 127 LEU A CA  1 
ATOM   985  C C   . LEU A 1 127 ? -3.714  7.957   -16.393 1.00 59.17  ? 127 LEU A C   1 
ATOM   986  O O   . LEU A 1 127 ? -3.048  7.148   -17.048 1.00 60.17  ? 127 LEU A O   1 
ATOM   987  C CB  . LEU A 1 127 ? -5.989  8.522   -17.217 1.00 55.57  ? 127 LEU A CB  1 
ATOM   988  C CG  . LEU A 1 127 ? -7.421  7.970   -17.229 1.00 55.57  ? 127 LEU A CG  1 
ATOM   989  C CD1 . LEU A 1 127 ? -8.474  8.994   -17.601 1.00 53.67  ? 127 LEU A CD1 1 
ATOM   990  C CD2 . LEU A 1 127 ? -7.465  6.752   -18.134 1.00 59.07  ? 127 LEU A CD2 1 
ATOM   991  N N   . GLN A 1 128 ? -3.199  9.057   -15.870 1.00 62.93  ? 128 GLN A N   1 
ATOM   992  C CA  . GLN A 1 128 ? -1.785  9.282   -15.962 1.00 61.47  ? 128 GLN A CA  1 
ATOM   993  C C   . GLN A 1 128 ? -1.059  8.155   -15.249 1.00 52.70  ? 128 GLN A C   1 
ATOM   994  O O   . GLN A 1 128 ? -0.021  7.692   -15.688 1.00 57.95  ? 128 GLN A O   1 
ATOM   995  C CB  . GLN A 1 128 ? -1.493  10.614  -15.313 1.00 75.17  ? 128 GLN A CB  1 
ATOM   996  C CG  . GLN A 1 128 ? -0.143  11.196  -15.604 1.00 81.47  ? 128 GLN A CG  1 
ATOM   997  C CD  . GLN A 1 128 ? 0.032   12.478  -14.826 1.00 99.74  ? 128 GLN A CD  1 
ATOM   998  O OE1 . GLN A 1 128 ? -0.929  13.004  -14.240 1.00 101.19 ? 128 GLN A OE1 1 
ATOM   999  N NE2 . GLN A 1 128 ? 1.255   12.986  -14.797 1.00 104.22 ? 128 GLN A NE2 1 
ATOM   1000 N N   . LEU A 1 129 ? -1.605  7.681   -14.140 1.00 47.87  ? 129 LEU A N   1 
ATOM   1001 C CA  . LEU A 1 129 ? -0.875  6.658   -13.413 1.00 45.89  ? 129 LEU A CA  1 
ATOM   1002 C C   . LEU A 1 129 ? -1.035  5.315   -14.126 1.00 44.83  ? 129 LEU A C   1 
ATOM   1003 O O   . LEU A 1 129 ? -0.134  4.481   -14.183 1.00 42.79  ? 129 LEU A O   1 
ATOM   1004 C CB  . LEU A 1 129 ? -1.470  6.606   -12.003 1.00 47.02  ? 129 LEU A CB  1 
ATOM   1005 C CG  . LEU A 1 129 ? -0.533  6.424   -10.839 1.00 54.28  ? 129 LEU A CG  1 
ATOM   1006 C CD1 . LEU A 1 129 ? 0.539   7.538   -10.878 1.00 50.17  ? 129 LEU A CD1 1 
ATOM   1007 C CD2 . LEU A 1 129 ? -1.346  6.517   -9.559  1.00 50.37  ? 129 LEU A CD2 1 
ATOM   1008 N N   . PHE A 1 130 ? -2.232  5.072   -14.617 1.00 46.12  ? 130 PHE A N   1 
ATOM   1009 C CA  . PHE A 1 130 ? -2.483  3.866   -15.442 1.00 52.80  ? 130 PHE A CA  1 
ATOM   1010 C C   . PHE A 1 130 ? -1.524  3.756   -16.632 1.00 46.42  ? 130 PHE A C   1 
ATOM   1011 O O   . PHE A 1 130 ? -0.941  2.700   -16.898 1.00 53.45  ? 130 PHE A O   1 
ATOM   1012 C CB  . PHE A 1 130 ? -3.920  3.925   -15.964 1.00 53.03  ? 130 PHE A CB  1 
ATOM   1013 C CG  . PHE A 1 130 ? -4.317  2.748   -16.823 1.00 56.53  ? 130 PHE A CG  1 
ATOM   1014 C CD1 . PHE A 1 130 ? -4.427  1.462   -16.271 1.00 54.98  ? 130 PHE A CD1 1 
ATOM   1015 C CD2 . PHE A 1 130 ? -4.640  2.933   -18.178 1.00 64.14  ? 130 PHE A CD2 1 
ATOM   1016 C CE1 . PHE A 1 130 ? -4.844  0.381   -17.063 1.00 70.12  ? 130 PHE A CE1 1 
ATOM   1017 C CE2 . PHE A 1 130 ? -5.047  1.853   -18.977 1.00 65.63  ? 130 PHE A CE2 1 
ATOM   1018 C CZ  . PHE A 1 130 ? -5.149  0.568   -18.422 1.00 49.39  ? 130 PHE A CZ  1 
ATOM   1019 N N   . GLN A 1 131 ? -1.351  4.867   -17.329 1.00 51.45  ? 131 GLN A N   1 
ATOM   1020 C CA  . GLN A 1 131 ? -0.296  5.018   -18.339 1.00 63.31  ? 131 GLN A CA  1 
ATOM   1021 C C   . GLN A 1 131 ? 1.102   4.708   -17.814 1.00 74.40  ? 131 GLN A C   1 
ATOM   1022 O O   . GLN A 1 131 ? 1.858   3.918   -18.402 1.00 83.59  ? 131 GLN A O   1 
ATOM   1023 C CB  . GLN A 1 131 ? -0.319  6.440   -18.900 1.00 61.55  ? 131 GLN A CB  1 
ATOM   1024 C CG  . GLN A 1 131 ? -0.096  6.480   -20.411 1.00 86.81  ? 131 GLN A CG  1 
ATOM   1025 C CD  . GLN A 1 131 ? -0.700  5.259   -21.131 1.00 101.57 ? 131 GLN A CD  1 
ATOM   1026 O OE1 . GLN A 1 131 ? -1.931  5.114   -21.241 1.00 100.57 ? 131 GLN A OE1 1 
ATOM   1027 N NE2 . GLN A 1 131 ? 0.175   4.361   -21.606 1.00 96.76  ? 131 GLN A NE2 1 
ATOM   1028 N N   . GLU A 1 132 ? 1.446   5.340   -16.698 1.00 69.60  ? 132 GLU A N   1 
ATOM   1029 C CA  . GLU A 1 132 ? 2.736   5.147   -16.115 1.00 62.61  ? 132 GLU A CA  1 
ATOM   1030 C C   . GLU A 1 132 ? 2.900   3.694   -15.759 1.00 57.06  ? 132 GLU A C   1 
ATOM   1031 O O   . GLU A 1 132 ? 3.959   3.103   -15.942 1.00 55.47  ? 132 GLU A O   1 
ATOM   1032 C CB  . GLU A 1 132 ? 2.860   6.008   -14.852 1.00 67.63  ? 132 GLU A CB  1 
ATOM   1033 C CG  . GLU A 1 132 ? 4.089   5.685   -14.015 1.00 63.91  ? 132 GLU A CG  1 
ATOM   1034 C CD  . GLU A 1 132 ? 4.190   6.564   -12.774 1.00 71.76  ? 132 GLU A CD  1 
ATOM   1035 O OE1 . GLU A 1 132 ? 3.868   7.764   -12.866 1.00 66.70  ? 132 GLU A OE1 1 
ATOM   1036 O OE2 . GLU A 1 132 ? 4.567   6.038   -11.705 1.00 63.06  ? 132 GLU A OE2 1 
ATOM   1037 N N   . MET A 1 133 ? 1.862   3.120   -15.191 1.00 56.31  ? 133 MET A N   1 
ATOM   1038 C CA  . MET A 1 133 ? 1.926   1.720   -14.784 1.00 66.70  ? 133 MET A CA  1 
ATOM   1039 C C   . MET A 1 133 ? 2.478   0.870   -15.933 1.00 78.17  ? 133 MET A C   1 
ATOM   1040 O O   . MET A 1 133 ? 3.417   0.112   -15.751 1.00 85.94  ? 133 MET A O   1 
ATOM   1041 C CB  . MET A 1 133 ? 0.531   1.259   -14.458 1.00 59.29  ? 133 MET A CB  1 
ATOM   1042 C CG  . MET A 1 133 ? 0.474   -0.071  -13.783 1.00 62.02  ? 133 MET A CG  1 
ATOM   1043 S SD  . MET A 1 133 ? -1.302  -0.124  -13.645 1.00 60.32  ? 133 MET A SD  1 
ATOM   1044 C CE  . MET A 1 133 ? -1.403  -1.702  -12.813 1.00 52.84  ? 133 MET A CE  1 
ATOM   1045 N N   . LYS A 1 134 ? 1.903   1.039   -17.122 1.00 77.93  ? 134 LYS A N   1 
ATOM   1046 C CA  . LYS A 1 134 ? 2.307   0.258   -18.292 1.00 82.66  ? 134 LYS A CA  1 
ATOM   1047 C C   . LYS A 1 134 ? 3.745   0.524   -18.715 1.00 86.35  ? 134 LYS A C   1 
ATOM   1048 O O   . LYS A 1 134 ? 4.515   -0.416  -18.910 1.00 85.56  ? 134 LYS A O   1 
ATOM   1049 C CB  . LYS A 1 134 ? 1.387   0.525   -19.469 1.00 67.78  ? 134 LYS A CB  1 
ATOM   1050 C CG  . LYS A 1 134 ? 0.033   -0.099  -19.324 1.00 65.67  ? 134 LYS A CG  1 
ATOM   1051 C CD  . LYS A 1 134 ? -0.874  0.797   -20.120 1.00 69.38  ? 134 LYS A CD  1 
ATOM   1052 C CE  . LYS A 1 134 ? -2.251  0.217   -20.277 1.00 70.47  ? 134 LYS A CE  1 
ATOM   1053 N NZ  . LYS A 1 134 ? -2.960  1.303   -21.003 1.00 81.83  ? 134 LYS A NZ  1 
ATOM   1054 N N   . GLU A 1 135 ? 4.116   1.792   -18.854 1.00 84.91  ? 135 GLU A N   1 
ATOM   1055 C CA  . GLU A 1 135 ? 5.463   2.108   -19.293 1.00 78.86  ? 135 GLU A CA  1 
ATOM   1056 C C   . GLU A 1 135 ? 6.583   1.668   -18.337 1.00 79.42  ? 135 GLU A C   1 
ATOM   1057 O O   . GLU A 1 135 ? 7.734   1.619   -18.747 1.00 94.36  ? 135 GLU A O   1 
ATOM   1058 C CB  . GLU A 1 135 ? 5.595   3.579   -19.643 1.00 80.70  ? 135 GLU A CB  1 
ATOM   1059 C CG  . GLU A 1 135 ? 5.882   4.465   -18.453 1.00 98.27  ? 135 GLU A CG  1 
ATOM   1060 C CD  . GLU A 1 135 ? 5.836   5.931   -18.813 1.00 108.96 ? 135 GLU A CD  1 
ATOM   1061 O OE1 . GLU A 1 135 ? 5.149   6.267   -19.806 1.00 110.13 ? 135 GLU A OE1 1 
ATOM   1062 O OE2 . GLU A 1 135 ? 6.480   6.741   -18.101 1.00 112.20 ? 135 GLU A OE2 1 
ATOM   1063 N N   . LYS A 1 136 ? 6.268   1.381   -17.075 1.00 76.13  ? 136 LYS A N   1 
ATOM   1064 C CA  . LYS A 1 136 ? 7.256   0.810   -16.142 1.00 77.80  ? 136 LYS A CA  1 
ATOM   1065 C C   . LYS A 1 136 ? 7.044   -0.682  -16.116 1.00 85.52  ? 136 LYS A C   1 
ATOM   1066 O O   . LYS A 1 136 ? 7.354   -1.351  -15.130 1.00 97.47  ? 136 LYS A O   1 
ATOM   1067 C CB  . LYS A 1 136 ? 7.166   1.429   -14.725 1.00 80.03  ? 136 LYS A CB  1 
ATOM   1068 C CG  . LYS A 1 136 ? 7.375   2.946   -14.746 1.00 82.11  ? 136 LYS A CG  1 
ATOM   1069 C CD  . LYS A 1 136 ? 7.661   3.556   -13.384 1.00 90.67  ? 136 LYS A CD  1 
ATOM   1070 C CE  . LYS A 1 136 ? 7.893   5.052   -13.548 1.00 90.40  ? 136 LYS A CE  1 
ATOM   1071 N NZ  . LYS A 1 136 ? 8.546   5.626   -12.343 1.00 94.25  ? 136 LYS A NZ  1 
ATOM   1072 N N   . GLY A 1 137 ? 6.473   -1.186  -17.207 1.00 79.87  ? 137 GLY A N   1 
ATOM   1073 C CA  . GLY A 1 137 ? 6.259   -2.604  -17.420 1.00 72.82  ? 137 GLY A CA  1 
ATOM   1074 C C   . GLY A 1 137 ? 5.502   -3.280  -16.323 1.00 72.01  ? 137 GLY A C   1 
ATOM   1075 O O   . GLY A 1 137 ? 5.670   -4.470  -16.110 1.00 69.00  ? 137 GLY A O   1 
ATOM   1076 N N   . VAL A 1 138 ? 4.669   -2.532  -15.607 1.00 77.27  ? 138 VAL A N   1 
ATOM   1077 C CA  . VAL A 1 138 ? 3.753   -3.134  -14.599 1.00 76.72  ? 138 VAL A CA  1 
ATOM   1078 C C   . VAL A 1 138 ? 2.360   -3.323  -15.260 1.00 82.77  ? 138 VAL A C   1 
ATOM   1079 O O   . VAL A 1 138 ? 1.891   -2.434  -16.002 1.00 83.90  ? 138 VAL A O   1 
ATOM   1080 C CB  . VAL A 1 138 ? 3.693   -2.303  -13.266 1.00 72.57  ? 138 VAL A CB  1 
ATOM   1081 C CG1 . VAL A 1 138 ? 2.687   -2.900  -12.309 1.00 59.19  ? 138 VAL A CG1 1 
ATOM   1082 C CG2 . VAL A 1 138 ? 5.062   -2.222  -12.570 1.00 60.67  ? 138 VAL A CG2 1 
ATOM   1083 N N   . LYS A 1 139 ? 1.702   -4.443  -14.930 1.00 86.60  ? 139 LYS A N   1 
ATOM   1084 C CA  . LYS A 1 139 ? 0.633   -5.095  -15.725 1.00 91.66  ? 139 LYS A CA  1 
ATOM   1085 C C   . LYS A 1 139 ? -0.795  -5.020  -15.068 1.00 87.23  ? 139 LYS A C   1 
ATOM   1086 O O   . LYS A 1 139 ? -1.004  -5.640  -14.017 1.00 100.37 ? 139 LYS A O   1 
ATOM   1087 C CB  . LYS A 1 139 ? 1.080   -6.575  -15.864 1.00 98.07  ? 139 LYS A CB  1 
ATOM   1088 C CG  . LYS A 1 139 ? 0.538   -7.434  -16.997 1.00 88.15  ? 139 LYS A CG  1 
ATOM   1089 C CD  . LYS A 1 139 ? 1.606   -8.460  -17.399 1.00 91.26  ? 139 LYS A CD  1 
ATOM   1090 C CE  . LYS A 1 139 ? 1.138   -9.911  -17.268 1.00 95.94  ? 139 LYS A CE  1 
ATOM   1091 N NZ  . LYS A 1 139 ? 0.173   -10.348 -18.321 1.00 85.90  ? 139 LYS A NZ  1 
ATOM   1092 N N   . PRO A 1 140 ? -1.781  -4.294  -15.683 1.00 69.30  ? 140 PRO A N   1 
ATOM   1093 C CA  . PRO A 1 140 ? -3.196  -4.107  -15.163 1.00 66.40  ? 140 PRO A CA  1 
ATOM   1094 C C   . PRO A 1 140 ? -4.142  -5.335  -14.869 1.00 63.41  ? 140 PRO A C   1 
ATOM   1095 O O   . PRO A 1 140 ? -3.704  -6.466  -14.921 1.00 74.43  ? 140 PRO A O   1 
ATOM   1096 C CB  . PRO A 1 140 ? -3.813  -3.174  -16.197 1.00 67.44  ? 140 PRO A CB  1 
ATOM   1097 C CG  . PRO A 1 140 ? -2.640  -2.398  -16.762 1.00 71.77  ? 140 PRO A CG  1 
ATOM   1098 C CD  . PRO A 1 140 ? -1.478  -3.347  -16.786 1.00 70.84  ? 140 PRO A CD  1 
ATOM   1099 N N   . ASP A 1 141 ? -5.426  -5.106  -14.556 1.00 66.61  ? 141 ASP A N   1 
ATOM   1100 C CA  . ASP A 1 141 ? -6.383  -6.167  -14.119 1.00 63.39  ? 141 ASP A CA  1 
ATOM   1101 C C   . ASP A 1 141 ? -7.885  -5.683  -13.885 1.00 72.39  ? 141 ASP A C   1 
ATOM   1102 O O   . ASP A 1 141 ? -8.210  -4.511  -14.049 1.00 73.44  ? 141 ASP A O   1 
ATOM   1103 C CB  . ASP A 1 141 ? -5.789  -7.017  -12.952 1.00 72.02  ? 141 ASP A CB  1 
ATOM   1104 C CG  . ASP A 1 141 ? -6.386  -6.680  -11.558 1.00 93.06  ? 141 ASP A CG  1 
ATOM   1105 O OD1 . ASP A 1 141 ? -6.771  -5.514  -11.291 1.00 79.74  ? 141 ASP A OD1 1 
ATOM   1106 O OD2 . ASP A 1 141 ? -6.483  -7.608  -10.711 1.00 92.82  ? 141 ASP A OD2 1 
ATOM   1107 N N   . VAL A 1 142 ? -8.789  -6.602  -13.540 1.00 76.79  ? 142 VAL A N   1 
ATOM   1108 C CA  . VAL A 1 142 ? -10.242 -6.345  -13.588 1.00 81.27  ? 142 VAL A CA  1 
ATOM   1109 C C   . VAL A 1 142 ? -10.625 -5.192  -12.689 1.00 81.64  ? 142 VAL A C   1 
ATOM   1110 O O   . VAL A 1 142 ? -11.547 -4.405  -12.990 1.00 71.59  ? 142 VAL A O   1 
ATOM   1111 C CB  . VAL A 1 142 ? -11.088 -7.549  -13.089 1.00 73.78  ? 142 VAL A CB  1 
ATOM   1112 C CG1 . VAL A 1 142 ? -12.470 -7.530  -13.737 1.00 77.87  ? 142 VAL A CG1 1 
ATOM   1113 C CG2 . VAL A 1 142 ? -10.360 -8.870  -13.295 1.00 76.47  ? 142 VAL A CG2 1 
ATOM   1114 N N   . VAL A 1 143 ? -9.944  -5.163  -11.545 1.00 83.66  ? 143 VAL A N   1 
ATOM   1115 C CA  . VAL A 1 143 ? -10.127 -4.147  -10.515 1.00 69.30  ? 143 VAL A CA  1 
ATOM   1116 C C   . VAL A 1 143 ? -9.705  -2.811  -11.167 1.00 56.72  ? 143 VAL A C   1 
ATOM   1117 O O   . VAL A 1 143 ? -10.447 -1.815  -11.094 1.00 56.93  ? 143 VAL A O   1 
ATOM   1118 C CB  . VAL A 1 143 ? -9.282  -4.500  -9.242  1.00 63.78  ? 143 VAL A CB  1 
ATOM   1119 C CG1 . VAL A 1 143 ? -8.882  -5.982  -9.228  1.00 66.08  ? 143 VAL A CG1 1 
ATOM   1120 C CG2 . VAL A 1 143 ? -8.022  -3.673  -9.127  1.00 58.15  ? 143 VAL A CG2 1 
ATOM   1121 N N   . THR A 1 144 ? -8.549  -2.837  -11.853 1.00 50.81  ? 144 THR A N   1 
ATOM   1122 C CA  . THR A 1 144 ? -7.921  -1.606  -12.389 1.00 63.44  ? 144 THR A CA  1 
ATOM   1123 C C   . THR A 1 144 ? -8.921  -0.983  -13.430 1.00 65.88  ? 144 THR A C   1 
ATOM   1124 O O   . THR A 1 144 ? -9.748  -0.033  -13.112 1.00 56.16  ? 144 THR A O   1 
ATOM   1125 C CB  . THR A 1 144 ? -6.337  -1.762  -12.671 1.00 55.75  ? 144 THR A CB  1 
ATOM   1126 O OG1 . THR A 1 144 ? -5.850  -1.180  -13.874 1.00 63.13  ? 144 THR A OG1 1 
ATOM   1127 C CG2 . THR A 1 144 ? -5.805  -3.106  -12.606 1.00 48.72  ? 144 THR A CG2 1 
ATOM   1128 N N   . TYR A 1 145 ? -8.940  -1.635  -14.592 1.00 67.66  ? 145 TYR A N   1 
ATOM   1129 C CA  . TYR A 1 145 ? -10.036 -1.533  -15.565 1.00 46.51  ? 145 TYR A CA  1 
ATOM   1130 C C   . TYR A 1 145 ? -11.393 -1.121  -15.040 1.00 40.27  ? 145 TYR A C   1 
ATOM   1131 O O   . TYR A 1 145 ? -11.878 -0.026  -15.416 1.00 47.31  ? 145 TYR A O   1 
ATOM   1132 C CB  . TYR A 1 145 ? -10.033 -2.771  -16.467 1.00 50.77  ? 145 TYR A CB  1 
ATOM   1133 C CG  . TYR A 1 145 ? -8.855  -2.777  -17.444 1.00 41.40  ? 145 TYR A CG  1 
ATOM   1134 C CD1 . TYR A 1 145 ? -8.770  -1.844  -18.476 1.00 45.00  ? 145 TYR A CD1 1 
ATOM   1135 C CD2 . TYR A 1 145 ? -7.899  -3.742  -17.393 1.00 38.29  ? 145 TYR A CD2 1 
ATOM   1136 C CE1 . TYR A 1 145 ? -7.701  -1.861  -19.380 1.00 44.94  ? 145 TYR A CE1 1 
ATOM   1137 C CE2 . TYR A 1 145 ? -6.812  -3.751  -18.259 1.00 38.15  ? 145 TYR A CE2 1 
ATOM   1138 C CZ  . TYR A 1 145 ? -6.705  -2.819  -19.245 1.00 47.04  ? 145 TYR A CZ  1 
ATOM   1139 O OH  . TYR A 1 145 ? -5.613  -2.831  -20.126 1.00 54.27  ? 145 TYR A OH  1 
ATOM   1140 N N   . ASN A 1 146 ? -12.007 -1.820  -14.084 1.00 42.62  ? 146 ASN A N   1 
ATOM   1141 C CA  . ASN A 1 146 ? -13.350 -1.359  -13.677 1.00 39.43  ? 146 ASN A CA  1 
ATOM   1142 C C   . ASN A 1 146 ? -13.474 0.007   -13.002 1.00 55.69  ? 146 ASN A C   1 
ATOM   1143 O O   . ASN A 1 146 ? -14.583 0.673   -12.982 1.00 49.59  ? 146 ASN A O   1 
ATOM   1144 C CB  . ASN A 1 146 ? -14.003 -2.358  -12.668 1.00 54.08  ? 146 ASN A CB  1 
ATOM   1145 C CG  . ASN A 1 146 ? -14.667 -3.597  -13.330 1.00 67.72  ? 146 ASN A CG  1 
ATOM   1146 O OD1 . ASN A 1 146 ? -14.364 -4.013  -14.502 1.00 49.52  ? 146 ASN A OD1 1 
ATOM   1147 N ND2 . ASN A 1 146 ? -15.545 -4.241  -12.542 1.00 56.40  ? 146 ASN A ND2 1 
ATOM   1148 N N   . THR A 1 147 ? -12.409 0.409   -12.309 1.00 57.05  ? 147 THR A N   1 
ATOM   1149 C CA  . THR A 1 147 ? -12.585 1.665   -11.559 1.00 57.58  ? 147 THR A CA  1 
ATOM   1150 C C   . THR A 1 147 ? -12.362 2.758   -12.574 1.00 42.09  ? 147 THR A C   1 
ATOM   1151 O O   . THR A 1 147 ? -13.109 3.718   -12.635 1.00 51.07  ? 147 THR A O   1 
ATOM   1152 C CB  . THR A 1 147 ? -11.694 1.734   -10.300 1.00 65.00  ? 147 THR A CB  1 
ATOM   1153 O OG1 . THR A 1 147 ? -10.458 1.075   -10.570 1.00 61.09  ? 147 THR A OG1 1 
ATOM   1154 C CG2 . THR A 1 147 ? -12.350 0.923   -9.203  1.00 68.18  ? 147 THR A CG2 1 
ATOM   1155 N N   . LEU A 1 148 ? -11.375 2.556   -13.441 1.00 49.00  ? 148 LEU A N   1 
ATOM   1156 C CA  . LEU A 1 148 ? -11.225 3.485   -14.595 1.00 44.10  ? 148 LEU A CA  1 
ATOM   1157 C C   . LEU A 1 148 ? -12.495 3.609   -15.438 1.00 44.36  ? 148 LEU A C   1 
ATOM   1158 O O   . LEU A 1 148 ? -13.014 4.746   -15.717 1.00 39.40  ? 148 LEU A O   1 
ATOM   1159 C CB  . LEU A 1 148 ? -9.989  3.097   -15.391 1.00 42.74  ? 148 LEU A CB  1 
ATOM   1160 C CG  . LEU A 1 148 ? -8.683  3.341   -14.618 1.00 48.85  ? 148 LEU A CG  1 
ATOM   1161 C CD1 . LEU A 1 148 ? -7.532  2.792   -15.421 1.00 46.37  ? 148 LEU A CD1 1 
ATOM   1162 C CD2 . LEU A 1 148 ? -8.457  4.837   -14.389 1.00 41.82  ? 148 LEU A CD2 1 
ATOM   1163 N N   . ILE A 1 149 ? -13.075 2.437   -15.738 1.00 45.85  ? 149 ILE A N   1 
ATOM   1164 C CA  . ILE A 1 149 ? -14.266 2.381   -16.589 1.00 44.83  ? 149 ILE A CA  1 
ATOM   1165 C C   . ILE A 1 149 ? -15.381 3.041   -15.853 1.00 44.18  ? 149 ILE A C   1 
ATOM   1166 O O   . ILE A 1 149 ? -16.111 3.911   -16.420 1.00 45.19  ? 149 ILE A O   1 
ATOM   1167 C CB  . ILE A 1 149 ? -14.615 0.919   -17.018 1.00 38.99  ? 149 ILE A CB  1 
ATOM   1168 C CG1 . ILE A 1 149 ? -13.642 0.515   -18.123 1.00 44.14  ? 149 ILE A CG1 1 
ATOM   1169 C CG2 . ILE A 1 149 ? -16.068 0.875   -17.472 1.00 43.99  ? 149 ILE A CG2 1 
ATOM   1170 C CD1 . ILE A 1 149 ? -13.457 -0.990  -18.262 1.00 41.50  ? 149 ILE A CD1 1 
ATOM   1171 N N   . ASP A 1 150 ? -15.515 2.702   -14.561 1.00 50.31  ? 150 ASP A N   1 
ATOM   1172 C CA  . ASP A 1 150 ? -16.605 3.362   -13.832 1.00 47.60  ? 150 ASP A CA  1 
ATOM   1173 C C   . ASP A 1 150 ? -16.300 4.827   -13.693 1.00 48.76  ? 150 ASP A C   1 
ATOM   1174 O O   . ASP A 1 150 ? -17.189 5.681   -13.930 1.00 53.75  ? 150 ASP A O   1 
ATOM   1175 C CB  . ASP A 1 150 ? -16.877 2.755   -12.471 1.00 67.08  ? 150 ASP A CB  1 
ATOM   1176 C CG  . ASP A 1 150 ? -17.962 3.549   -11.706 1.00 72.48  ? 150 ASP A CG  1 
ATOM   1177 O OD1 . ASP A 1 150 ? -19.140 3.550   -12.119 1.00 72.20  ? 150 ASP A OD1 1 
ATOM   1178 O OD2 . ASP A 1 150 ? -17.631 4.223   -10.720 1.00 81.59  ? 150 ASP A OD2 1 
ATOM   1179 N N   . GLY A 1 151 ? -15.035 5.159   -13.379 1.00 44.68  ? 151 GLY A N   1 
ATOM   1180 C CA  . GLY A 1 151 ? -14.694 6.604   -13.321 1.00 47.02  ? 151 GLY A CA  1 
ATOM   1181 C C   . GLY A 1 151 ? -15.126 7.325   -14.597 1.00 51.61  ? 151 GLY A C   1 
ATOM   1182 O O   . GLY A 1 151 ? -15.878 8.336   -14.579 1.00 49.52  ? 151 GLY A O   1 
ATOM   1183 N N   . LEU A 1 152 ? -14.658 6.816   -15.744 1.00 46.27  ? 152 LEU A N   1 
ATOM   1184 C CA  . LEU A 1 152 ? -14.903 7.539   -16.984 1.00 40.09  ? 152 LEU A CA  1 
ATOM   1185 C C   . LEU A 1 152 ? -16.357 7.627   -17.310 1.00 40.65  ? 152 LEU A C   1 
ATOM   1186 O O   . LEU A 1 152 ? -16.856 8.687   -17.753 1.00 49.88  ? 152 LEU A O   1 
ATOM   1187 C CB  . LEU A 1 152 ? -14.152 6.855   -18.137 1.00 43.39  ? 152 LEU A CB  1 
ATOM   1188 C CG  . LEU A 1 152 ? -12.677 7.011   -18.041 1.00 45.66  ? 152 LEU A CG  1 
ATOM   1189 C CD1 . LEU A 1 152 ? -12.003 5.834   -18.712 1.00 40.64  ? 152 LEU A CD1 1 
ATOM   1190 C CD2 . LEU A 1 152 ? -12.364 8.380   -18.698 1.00 42.52  ? 152 LEU A CD2 1 
ATOM   1191 N N   . ALA A 1 153 ? -17.058 6.506   -17.163 1.00 47.42  ? 153 ALA A N   1 
ATOM   1192 C CA  . ALA A 1 153 ? -18.506 6.538   -17.384 1.00 55.15  ? 153 ALA A CA  1 
ATOM   1193 C C   . ALA A 1 153 ? -19.124 7.625   -16.475 1.00 57.77  ? 153 ALA A C   1 
ATOM   1194 O O   . ALA A 1 153 ? -19.773 8.548   -16.968 1.00 60.54  ? 153 ALA A O   1 
ATOM   1195 C CB  . ALA A 1 153 ? -19.133 5.166   -17.139 1.00 47.34  ? 153 ALA A CB  1 
ATOM   1196 N N   . LYS A 1 154 ? -18.855 7.584   -15.170 1.00 67.01  ? 154 LYS A N   1 
ATOM   1197 C CA  . LYS A 1 154 ? -19.449 8.616   -14.262 1.00 70.43  ? 154 LYS A CA  1 
ATOM   1198 C C   . LYS A 1 154 ? -19.248 10.026  -14.776 1.00 70.70  ? 154 LYS A C   1 
ATOM   1199 O O   . LYS A 1 154 ? -20.175 10.824  -14.694 1.00 65.60  ? 154 LYS A O   1 
ATOM   1200 C CB  . LYS A 1 154 ? -18.948 8.504   -12.825 1.00 71.19  ? 154 LYS A CB  1 
ATOM   1201 C CG  . LYS A 1 154 ? -19.449 7.261   -12.100 1.00 80.19  ? 154 LYS A CG  1 
ATOM   1202 C CD  . LYS A 1 154 ? -20.942 7.340   -11.818 1.00 83.41  ? 154 LYS A CD  1 
ATOM   1203 C CE  . LYS A 1 154 ? -21.307 6.469   -10.626 1.00 80.06  ? 154 LYS A CE  1 
ATOM   1204 N NZ  . LYS A 1 154 ? -21.553 5.061   -11.023 1.00 90.15  ? 154 LYS A NZ  1 
ATOM   1205 N N   . ALA A 1 155 ? -18.062 10.300  -15.347 1.00 64.26  ? 155 ALA A N   1 
ATOM   1206 C CA  . ALA A 1 155 ? -17.690 11.609  -15.873 1.00 52.55  ? 155 ALA A CA  1 
ATOM   1207 C C   . ALA A 1 155 ? -18.111 11.903  -17.306 1.00 61.00  ? 155 ALA A C   1 
ATOM   1208 O O   . ALA A 1 155 ? -17.435 12.665  -18.004 1.00 72.29  ? 155 ALA A O   1 
ATOM   1209 C CB  . ALA A 1 155 ? -16.184 11.780  -15.770 1.00 50.89  ? 155 ALA A CB  1 
ATOM   1210 N N   . GLY A 1 156 ? -19.183 11.298  -17.792 1.00 62.70  ? 156 GLY A N   1 
ATOM   1211 C CA  . GLY A 1 156 ? -19.580 11.575  -19.171 1.00 58.00  ? 156 GLY A CA  1 
ATOM   1212 C C   . GLY A 1 156 ? -18.721 10.942  -20.268 1.00 67.84  ? 156 GLY A C   1 
ATOM   1213 O O   . GLY A 1 156 ? -19.108 10.964  -21.441 1.00 69.92  ? 156 GLY A O   1 
ATOM   1214 N N   . ARG A 1 157 ? -17.578 10.349  -19.908 1.00 57.14  ? 157 ARG A N   1 
ATOM   1215 C CA  . ARG A 1 157 ? -16.594 9.947   -20.906 1.00 49.41  ? 157 ARG A CA  1 
ATOM   1216 C C   . ARG A 1 157 ? -16.726 8.478   -21.353 1.00 49.69  ? 157 ARG A C   1 
ATOM   1217 O O   . ARG A 1 157 ? -15.871 7.617   -21.137 1.00 47.76  ? 157 ARG A O   1 
ATOM   1218 C CB  . ARG A 1 157 ? -15.221 10.308  -20.415 1.00 46.56  ? 157 ARG A CB  1 
ATOM   1219 C CG  . ARG A 1 157 ? -15.192 11.772  -20.012 1.00 46.60  ? 157 ARG A CG  1 
ATOM   1220 C CD  . ARG A 1 157 ? -13.998 12.054  -19.138 1.00 52.02  ? 157 ARG A CD  1 
ATOM   1221 N NE  . ARG A 1 157 ? -12.746 11.763  -19.810 1.00 48.38  ? 157 ARG A NE  1 
ATOM   1222 C CZ  . ARG A 1 157 ? -11.565 12.040  -19.275 1.00 49.39  ? 157 ARG A CZ  1 
ATOM   1223 N NH1 . ARG A 1 157 ? -10.419 11.764  -19.906 1.00 38.63  ? 157 ARG A NH1 1 
ATOM   1224 N NH2 . ARG A 1 157 ? -11.536 12.594  -18.076 1.00 51.97  ? 157 ARG A NH2 1 
ATOM   1225 N N   . LEU A 1 158 ? -17.853 8.257   -21.995 1.00 52.80  ? 158 LEU A N   1 
ATOM   1226 C CA  . LEU A 1 158 ? -18.334 6.996   -22.391 1.00 51.14  ? 158 LEU A CA  1 
ATOM   1227 C C   . LEU A 1 158 ? -17.447 6.423   -23.446 1.00 43.40  ? 158 LEU A C   1 
ATOM   1228 O O   . LEU A 1 158 ? -17.094 5.251   -23.363 1.00 48.53  ? 158 LEU A O   1 
ATOM   1229 C CB  . LEU A 1 158 ? -19.738 7.164   -22.964 1.00 53.78  ? 158 LEU A CB  1 
ATOM   1230 C CG  . LEU A 1 158 ? -20.623 5.952   -22.738 1.00 53.23  ? 158 LEU A CG  1 
ATOM   1231 C CD1 . LEU A 1 158 ? -20.342 5.419   -21.331 1.00 52.87  ? 158 LEU A CD1 1 
ATOM   1232 C CD2 . LEU A 1 158 ? -22.081 6.384   -22.889 1.00 52.99  ? 158 LEU A CD2 1 
ATOM   1233 N N   . GLU A 1 159 ? -17.070 7.241   -24.427 1.00 43.72  ? 159 GLU A N   1 
ATOM   1234 C CA  . GLU A 1 159 ? -16.188 6.766   -25.503 1.00 42.33  ? 159 GLU A CA  1 
ATOM   1235 C C   . GLU A 1 159 ? -14.895 6.203   -24.961 1.00 41.66  ? 159 GLU A C   1 
ATOM   1236 O O   . GLU A 1 159 ? -14.467 5.096   -25.340 1.00 36.48  ? 159 GLU A O   1 
ATOM   1237 C CB  . GLU A 1 159 ? -15.898 7.878   -26.534 1.00 41.97  ? 159 GLU A CB  1 
ATOM   1238 C CG  . GLU A 1 159 ? -17.023 8.115   -27.523 1.00 58.03  ? 159 GLU A CG  1 
ATOM   1239 C CD  . GLU A 1 159 ? -17.614 6.816   -28.092 1.00 57.75  ? 159 GLU A CD  1 
ATOM   1240 O OE1 . GLU A 1 159 ? -18.695 6.416   -27.632 1.00 61.48  ? 159 GLU A OE1 1 
ATOM   1241 O OE2 . GLU A 1 159 ? -16.991 6.177   -28.973 1.00 49.61  ? 159 GLU A OE2 1 
ATOM   1242 N N   . GLU A 1 160 ? -14.249 6.931   -24.050 1.00 39.57  ? 160 GLU A N   1 
ATOM   1243 C CA  . GLU A 1 160 ? -13.007 6.358   -23.490 1.00 37.78  ? 160 GLU A CA  1 
ATOM   1244 C C   . GLU A 1 160 ? -13.284 5.176   -22.588 1.00 36.93  ? 160 GLU A C   1 
ATOM   1245 O O   . GLU A 1 160 ? -12.452 4.268   -22.488 1.00 36.71  ? 160 GLU A O   1 
ATOM   1246 C CB  . GLU A 1 160 ? -12.181 7.379   -22.722 1.00 43.70  ? 160 GLU A CB  1 
ATOM   1247 C CG  . GLU A 1 160 ? -11.780 8.581   -23.551 1.00 55.82  ? 160 GLU A CG  1 
ATOM   1248 C CD  . GLU A 1 160 ? -11.558 9.778   -22.662 1.00 63.30  ? 160 GLU A CD  1 
ATOM   1249 O OE1 . GLU A 1 160 ? -12.497 10.579  -22.501 1.00 58.65  ? 160 GLU A OE1 1 
ATOM   1250 O OE2 . GLU A 1 160 ? -10.477 9.833   -22.050 1.00 59.80  ? 160 GLU A OE2 1 
ATOM   1251 N N   . ALA A 1 161 ? -14.415 5.173   -21.889 1.00 35.93  ? 161 ALA A N   1 
ATOM   1252 C CA  . ALA A 1 161 ? -14.692 3.963   -21.049 1.00 35.73  ? 161 ALA A CA  1 
ATOM   1253 C C   . ALA A 1 161 ? -14.788 2.669   -21.927 1.00 33.17  ? 161 ALA A C   1 
ATOM   1254 O O   . ALA A 1 161 ? -14.254 1.611   -21.592 1.00 34.19  ? 161 ALA A O   1 
ATOM   1255 C CB  . ALA A 1 161 ? -16.012 4.194   -20.311 1.00 35.79  ? 161 ALA A CB  1 
ATOM   1256 N N   . LEU A 1 162 ? -15.574 2.776   -23.008 1.00 34.01  ? 162 LEU A N   1 
ATOM   1257 C CA  . LEU A 1 162 ? -15.831 1.691   -23.988 1.00 36.60  ? 162 LEU A CA  1 
ATOM   1258 C C   . LEU A 1 162 ? -14.547 1.231   -24.628 1.00 34.27  ? 162 LEU A C   1 
ATOM   1259 O O   . LEU A 1 162 ? -14.249 0.051   -24.689 1.00 40.98  ? 162 LEU A O   1 
ATOM   1260 C CB  . LEU A 1 162 ? -16.736 2.207   -25.103 1.00 34.72  ? 162 LEU A CB  1 
ATOM   1261 C CG  . LEU A 1 162 ? -18.166 2.301   -24.599 1.00 44.05  ? 162 LEU A CG  1 
ATOM   1262 C CD1 . LEU A 1 162 ? -18.905 3.108   -25.697 1.00 40.90  ? 162 LEU A CD1 1 
ATOM   1263 C CD2 . LEU A 1 162 ? -18.673 0.843   -24.431 1.00 36.84  ? 162 LEU A CD2 1 
ATOM   1264 N N   . GLN A 1 163 ? -13.714 2.212   -24.936 1.00 37.94  ? 163 GLN A N   1 
ATOM   1265 C CA  . GLN A 1 163 ? -12.403 1.916   -25.447 1.00 43.37  ? 163 GLN A CA  1 
ATOM   1266 C C   . GLN A 1 163 ? -11.478 1.164   -24.461 1.00 45.15  ? 163 GLN A C   1 
ATOM   1267 O O   . GLN A 1 163 ? -10.793 0.199   -24.848 1.00 43.18  ? 163 GLN A O   1 
ATOM   1268 C CB  . GLN A 1 163 ? -11.818 3.224   -25.912 1.00 44.80  ? 163 GLN A CB  1 
ATOM   1269 C CG  . GLN A 1 163 ? -10.339 3.240   -25.911 1.00 59.24  ? 163 GLN A CG  1 
ATOM   1270 C CD  . GLN A 1 163 ? -9.865  4.394   -26.761 1.00 79.38  ? 163 GLN A CD  1 
ATOM   1271 O OE1 . GLN A 1 163 ? -10.666 5.276   -27.125 1.00 88.43  ? 163 GLN A OE1 1 
ATOM   1272 N NE2 . GLN A 1 163 ? -8.579  4.390   -27.111 1.00 68.52  ? 163 GLN A NE2 1 
ATOM   1273 N N   . LEU A 1 164 ? -11.478 1.536   -23.177 1.00 39.01  ? 164 LEU A N   1 
ATOM   1274 C CA  . LEU A 1 164 ? -10.717 0.723   -22.186 1.00 37.24  ? 164 LEU A CA  1 
ATOM   1275 C C   . LEU A 1 164 ? -11.309 -0.671  -22.038 1.00 32.88  ? 164 LEU A C   1 
ATOM   1276 O O   . LEU A 1 164 ? -10.586 -1.645  -21.772 1.00 32.98  ? 164 LEU A O   1 
ATOM   1277 C CB  . LEU A 1 164 ? -10.766 1.317   -20.734 1.00 35.40  ? 164 LEU A CB  1 
ATOM   1278 C CG  . LEU A 1 164 ? -9.835  2.426   -20.368 1.00 50.37  ? 164 LEU A CG  1 
ATOM   1279 C CD1 . LEU A 1 164 ? -9.900  2.650   -18.841 1.00 48.73  ? 164 LEU A CD1 1 
ATOM   1280 C CD2 . LEU A 1 164 ? -8.427  2.155   -20.909 1.00 52.16  ? 164 LEU A CD2 1 
ATOM   1281 N N   . PHE A 1 165 ? -12.643 -0.727  -22.042 1.00 30.15  ? 165 PHE A N   1 
ATOM   1282 C CA  . PHE A 1 165 ? -13.351 -2.010  -22.088 1.00 34.16  ? 165 PHE A CA  1 
ATOM   1283 C C   . PHE A 1 165 ? -12.812 -2.949  -23.195 1.00 33.25  ? 165 PHE A C   1 
ATOM   1284 O O   . PHE A 1 165 ? -12.505 -4.119  -22.924 1.00 34.09  ? 165 PHE A O   1 
ATOM   1285 C CB  . PHE A 1 165 ? -14.800 -1.726  -22.331 1.00 37.41  ? 165 PHE A CB  1 
ATOM   1286 C CG  . PHE A 1 165 ? -15.655 -2.937  -22.393 1.00 38.01  ? 165 PHE A CG  1 
ATOM   1287 C CD1 . PHE A 1 165 ? -15.770 -3.758  -21.320 1.00 39.44  ? 165 PHE A CD1 1 
ATOM   1288 C CD2 . PHE A 1 165 ? -16.374 -3.229  -23.569 1.00 41.41  ? 165 PHE A CD2 1 
ATOM   1289 C CE1 . PHE A 1 165 ? -16.582 -4.895  -21.369 1.00 40.39  ? 165 PHE A CE1 1 
ATOM   1290 C CE2 . PHE A 1 165 ? -17.191 -4.344  -23.631 1.00 45.71  ? 165 PHE A CE2 1 
ATOM   1291 C CZ  . PHE A 1 165 ? -17.297 -5.180  -22.520 1.00 41.93  ? 165 PHE A CZ  1 
ATOM   1292 N N   . GLN A 1 166 ? -12.601 -2.429  -24.393 1.00 34.25  ? 166 GLN A N   1 
ATOM   1293 C CA  . GLN A 1 166 ? -12.137 -3.335  -25.509 1.00 38.14  ? 166 GLN A CA  1 
ATOM   1294 C C   . GLN A 1 166 ? -10.678 -3.745  -25.241 1.00 40.51  ? 166 GLN A C   1 
ATOM   1295 O O   . GLN A 1 166 ? -10.255 -4.953  -25.380 1.00 39.87  ? 166 GLN A O   1 
ATOM   1296 C CB  . GLN A 1 166 ? -12.292 -2.644  -26.897 1.00 35.26  ? 166 GLN A CB  1 
ATOM   1297 C CG  . GLN A 1 166 ? -13.769 -2.358  -27.395 1.00 47.73  ? 166 GLN A CG  1 
ATOM   1298 C CD  . GLN A 1 166 ? -14.761 -3.584  -27.284 1.00 50.73  ? 166 GLN A CD  1 
ATOM   1299 O OE1 . GLN A 1 166 ? -14.404 -4.647  -26.799 1.00 61.24  ? 166 GLN A OE1 1 
ATOM   1300 N NE2 . GLN A 1 166 ? -15.982 -3.413  -27.710 1.00 45.26  ? 166 GLN A NE2 1 
ATOM   1301 N N   . GLU A 1 167 ? -9.908  -2.765  -24.773 1.00 42.47  ? 167 GLU A N   1 
ATOM   1302 C CA  . GLU A 1 167 ? -8.484  -2.998  -24.421 1.00 43.98  ? 167 GLU A CA  1 
ATOM   1303 C C   . GLU A 1 167 ? -8.430  -4.052  -23.387 1.00 42.58  ? 167 GLU A C   1 
ATOM   1304 O O   . GLU A 1 167 ? -7.694  -5.027  -23.480 1.00 44.50  ? 167 GLU A O   1 
ATOM   1305 C CB  . GLU A 1 167 ? -7.840  -1.740  -23.871 1.00 43.55  ? 167 GLU A CB  1 
ATOM   1306 C CG  . GLU A 1 167 ? -6.340  -1.885  -23.618 1.00 51.49  ? 167 GLU A CG  1 
ATOM   1307 C CD  . GLU A 1 167 ? -5.763  -0.609  -22.997 1.00 57.06  ? 167 GLU A CD  1 
ATOM   1308 O OE1 . GLU A 1 167 ? -6.035  0.474   -23.562 1.00 61.75  ? 167 GLU A OE1 1 
ATOM   1309 O OE2 . GLU A 1 167 ? -5.132  -0.680  -21.915 1.00 60.90  ? 167 GLU A OE2 1 
ATOM   1310 N N   . MET A 1 168 ? -9.287  -3.905  -22.405 1.00 41.51  ? 168 MET A N   1 
ATOM   1311 C CA  . MET A 1 168 ? -9.336  -4.905  -21.336 1.00 45.80  ? 168 MET A CA  1 
ATOM   1312 C C   . MET A 1 168 ? -9.501  -6.378  -21.926 1.00 53.71  ? 168 MET A C   1 
ATOM   1313 O O   . MET A 1 168 ? -8.810  -7.347  -21.514 1.00 42.81  ? 168 MET A O   1 
ATOM   1314 C CB  . MET A 1 168 ? -10.510 -4.493  -20.441 1.00 46.58  ? 168 MET A CB  1 
ATOM   1315 C CG  . MET A 1 168 ? -10.824 -5.398  -19.297 1.00 49.54  ? 168 MET A CG  1 
ATOM   1316 S SD  . MET A 1 168 ? -12.378 -4.806  -18.576 1.00 52.83  ? 168 MET A SD  1 
ATOM   1317 C CE  . MET A 1 168 ? -12.197 -5.885  -17.199 1.00 46.37  ? 168 MET A CE  1 
ATOM   1318 N N   . LYS A 1 169 ? -10.395 -6.541  -22.908 1.00 48.84  ? 169 LYS A N   1 
ATOM   1319 C CA  . LYS A 1 169 ? -10.706 -7.891  -23.420 1.00 45.38  ? 169 LYS A CA  1 
ATOM   1320 C C   . LYS A 1 169 ? -9.567  -8.423  -24.264 1.00 47.76  ? 169 LYS A C   1 
ATOM   1321 O O   . LYS A 1 169 ? -9.223  -9.587  -24.119 1.00 45.76  ? 169 LYS A O   1 
ATOM   1322 C CB  . LYS A 1 169 ? -12.034 -7.896  -24.179 1.00 47.14  ? 169 LYS A CB  1 
ATOM   1323 C CG  . LYS A 1 169 ? -13.227 -7.774  -23.226 1.00 45.73  ? 169 LYS A CG  1 
ATOM   1324 C CD  . LYS A 1 169 ? -14.572 -7.920  -23.947 1.00 46.77  ? 169 LYS A CD  1 
ATOM   1325 C CE  . LYS A 1 169 ? -14.856 -6.589  -24.609 1.00 48.65  ? 169 LYS A CE  1 
ATOM   1326 N NZ  . LYS A 1 169 ? -15.973 -6.690  -25.570 1.00 55.73  ? 169 LYS A NZ  1 
ATOM   1327 N N   . GLU A 1 170 ? -8.944  -7.553  -25.070 1.00 40.10  ? 170 GLU A N   1 
ATOM   1328 C CA  . GLU A 1 170 ? -7.710  -7.902  -25.756 1.00 43.26  ? 170 GLU A CA  1 
ATOM   1329 C C   . GLU A 1 170 ? -6.635  -8.385  -24.803 1.00 56.52  ? 170 GLU A C   1 
ATOM   1330 O O   . GLU A 1 170 ? -5.983  -9.343  -25.105 1.00 58.93  ? 170 GLU A O   1 
ATOM   1331 C CB  . GLU A 1 170 ? -7.176  -6.742  -26.562 1.00 37.52  ? 170 GLU A CB  1 
ATOM   1332 C CG  . GLU A 1 170 ? -8.184  -6.183  -27.567 1.00 42.33  ? 170 GLU A CG  1 
ATOM   1333 C CD  . GLU A 1 170 ? -8.642  -7.216  -28.598 1.00 44.18  ? 170 GLU A CD  1 
ATOM   1334 O OE1 . GLU A 1 170 ? -8.092  -8.348  -28.593 1.00 43.17  ? 170 GLU A OE1 1 
ATOM   1335 O OE2 . GLU A 1 170 ? -9.509  -6.872  -29.439 1.00 44.36  ? 170 GLU A OE2 1 
ATOM   1336 N N   . LYS A 1 171 ? -6.444  -7.732  -23.651 1.00 58.07  ? 171 LYS A N   1 
ATOM   1337 C CA  . LYS A 1 171 ? -5.402  -8.180  -22.716 1.00 59.82  ? 171 LYS A CA  1 
ATOM   1338 C C   . LYS A 1 171 ? -5.769  -9.475  -22.020 1.00 60.77  ? 171 LYS A C   1 
ATOM   1339 O O   . LYS A 1 171 ? -4.984  -9.942  -21.230 1.00 61.46  ? 171 LYS A O   1 
ATOM   1340 C CB  . LYS A 1 171 ? -5.088  -7.145  -21.611 1.00 52.76  ? 171 LYS A CB  1 
ATOM   1341 C CG  . LYS A 1 171 ? -4.773  -5.759  -22.071 1.00 55.01  ? 171 LYS A CG  1 
ATOM   1342 C CD  . LYS A 1 171 ? -3.449  -5.669  -22.738 1.00 62.99  ? 171 LYS A CD  1 
ATOM   1343 C CE  . LYS A 1 171 ? -3.120  -4.191  -22.771 1.00 70.79  ? 171 LYS A CE  1 
ATOM   1344 N NZ  . LYS A 1 171 ? -2.005  -4.023  -23.725 1.00 80.15  ? 171 LYS A NZ  1 
ATOM   1345 N N   . GLY A 1 172 ? -6.947  -10.053 -22.267 1.00 55.80  ? 172 GLY A N   1 
ATOM   1346 C CA  . GLY A 1 172 ? -7.303  -11.283 -21.561 1.00 58.64  ? 172 GLY A CA  1 
ATOM   1347 C C   . GLY A 1 172 ? -7.766  -11.028 -20.125 1.00 72.32  ? 172 GLY A C   1 
ATOM   1348 O O   . GLY A 1 172 ? -7.969  -11.980 -19.352 1.00 76.83  ? 172 GLY A O   1 
ATOM   1349 N N   . VAL A 1 173 ? -7.951  -9.747  -19.758 1.00 70.42  ? 173 VAL A N   1 
ATOM   1350 C CA  . VAL A 1 173 ? -8.606  -9.406  -18.485 1.00 66.95  ? 173 VAL A CA  1 
ATOM   1351 C C   . VAL A 1 173 ? -10.160 -9.523  -18.599 1.00 70.38  ? 173 VAL A C   1 
ATOM   1352 O O   . VAL A 1 173 ? -10.781 -8.783  -19.352 1.00 79.08  ? 173 VAL A O   1 
ATOM   1353 C CB  . VAL A 1 173 ? -8.123  -8.023  -17.893 1.00 67.10  ? 173 VAL A CB  1 
ATOM   1354 C CG1 . VAL A 1 173 ? -8.719  -7.849  -16.501 1.00 56.04  ? 173 VAL A CG1 1 
ATOM   1355 C CG2 . VAL A 1 173 ? -6.573  -7.873  -17.851 1.00 51.53  ? 173 VAL A CG2 1 
ATOM   1356 N N   . LYS A 1 174 ? -10.772 -10.449 -17.846 1.00 82.69  ? 174 LYS A N   1 
ATOM   1357 C CA  . LYS A 1 174 ? -12.201 -10.821 -18.016 1.00 78.41  ? 174 LYS A CA  1 
ATOM   1358 C C   . LYS A 1 174 ? -13.123 -9.795  -17.406 1.00 75.74  ? 174 LYS A C   1 
ATOM   1359 O O   . LYS A 1 174 ? -13.153 -9.633  -16.169 1.00 68.16  ? 174 LYS A O   1 
ATOM   1360 C CB  . LYS A 1 174 ? -12.564 -12.247 -17.483 1.00 74.31  ? 174 LYS A CB  1 
ATOM   1361 C CG  . LYS A 1 174 ? -11.822 -13.398 -18.165 1.00 79.46  ? 174 LYS A CG  1 
ATOM   1362 C CD  . LYS A 1 174 ? -11.448 -13.004 -19.600 1.00 78.71  ? 174 LYS A CD  1 
ATOM   1363 C CE  . LYS A 1 174 ? -10.404 -13.923 -20.192 1.00 83.20  ? 174 LYS A CE  1 
ATOM   1364 N NZ  . LYS A 1 174 ? -11.056 -15.222 -20.475 1.00 94.72  ? 174 LYS A NZ  1 
ATOM   1365 N N   . PRO A 1 175 ? -13.894 -9.098  -18.266 1.00 65.34  ? 175 PRO A N   1 
ATOM   1366 C CA  . PRO A 1 175 ? -14.879 -8.172  -17.726 1.00 65.97  ? 175 PRO A CA  1 
ATOM   1367 C C   . PRO A 1 175 ? -15.757 -8.850  -16.694 1.00 60.59  ? 175 PRO A C   1 
ATOM   1368 O O   . PRO A 1 175 ? -16.162 -10.011 -16.906 1.00 62.20  ? 175 PRO A O   1 
ATOM   1369 C CB  . PRO A 1 175 ? -15.680 -7.803  -18.965 1.00 62.06  ? 175 PRO A CB  1 
ATOM   1370 C CG  . PRO A 1 175 ? -14.612 -7.733  -20.011 1.00 64.95  ? 175 PRO A CG  1 
ATOM   1371 C CD  . PRO A 1 175 ? -13.788 -8.967  -19.732 1.00 70.80  ? 175 PRO A CD  1 
HETATM 1372 O O   . HOH B 2 .   ? 1.053   2.194   18.854  1.00 52.84  ? 201 HOH A O   1 
HETATM 1373 O O   . HOH B 2 .   ? -1.193  12.570  -9.064  1.00 64.29  ? 202 HOH A O   1 
HETATM 1374 O O   . HOH B 2 .   ? -2.766  12.225  5.199   1.00 35.91  ? 203 HOH A O   1 
HETATM 1375 O O   . HOH B 2 .   ? -10.850 10.105  -3.729  1.00 68.78  ? 204 HOH A O   1 
HETATM 1376 O O   . HOH B 2 .   ? 11.682  -2.729  -5.645  1.00 61.85  ? 205 HOH A O   1 
HETATM 1377 O O   . HOH B 2 .   ? 8.475   0.419   21.475  1.00 59.33  ? 206 HOH A O   1 
HETATM 1378 O O   . HOH B 2 .   ? -1.538  15.802  -5.343  1.00 57.82  ? 207 HOH A O   1 
HETATM 1379 O O   . HOH B 2 .   ? 6.535   -10.383 28.239  1.00 41.29  ? 208 HOH A O   1 
HETATM 1380 O O   . HOH B 2 .   ? 3.571   9.642   -11.089 1.00 54.91  ? 209 HOH A O   1 
HETATM 1381 O O   . HOH B 2 .   ? -5.125  -11.598 24.641  1.00 43.20  ? 210 HOH A O   1 
HETATM 1382 O O   . HOH B 2 .   ? 2.852   -6.880  -3.698  1.00 64.58  ? 211 HOH A O   1 
HETATM 1383 O O   . HOH B 2 .   ? 7.341   9.664   4.786   1.00 48.36  ? 212 HOH A O   1 
HETATM 1384 O O   . HOH B 2 .   ? 1.861   -13.738 27.499  1.00 58.74  ? 213 HOH A O   1 
HETATM 1385 O O   . HOH B 2 .   ? 2.348   10.698  8.693   1.00 53.68  ? 214 HOH A O   1 
HETATM 1386 O O   . HOH B 2 .   ? 7.316   2.917   19.185  1.00 61.24  ? 215 HOH A O   1 
HETATM 1387 O O   . HOH B 2 .   ? 1.002   14.221  -2.537  1.00 53.99  ? 216 HOH A O   1 
HETATM 1388 O O   . HOH B 2 .   ? 3.847   -6.123  -14.448 1.00 76.83  ? 217 HOH A O   1 
HETATM 1389 O O   . HOH B 2 .   ? 5.967   11.818  6.559   1.00 61.21  ? 218 HOH A O   1 
HETATM 1390 O O   . HOH B 2 .   ? 1.270   -8.684  10.581  1.00 70.35  ? 219 HOH A O   1 
HETATM 1391 O O   . HOH B 2 .   ? -3.438  -1.496  4.482   1.00 66.88  ? 220 HOH A O   1 
HETATM 1392 O O   . HOH B 2 .   ? -0.625  12.001  10.334  1.00 44.12  ? 221 HOH A O   1 
HETATM 1393 O O   . HOH B 2 .   ? 4.536   10.491  8.344   1.00 51.07  ? 222 HOH A O   1 
HETATM 1394 O O   . HOH B 2 .   ? -18.419 3.979   -30.073 1.00 47.27  ? 223 HOH A O   1 
HETATM 1395 O O   . HOH B 2 .   ? -3.432  4.817   15.034  1.00 48.79  ? 224 HOH A O   1 
HETATM 1396 O O   . HOH B 2 .   ? -9.816  -0.177  -27.541 1.00 53.12  ? 225 HOH A O   1 
HETATM 1397 O O   . HOH B 2 .   ? -14.949 9.833   -23.852 1.00 50.24  ? 226 HOH A O   1 
HETATM 1398 O O   . HOH B 2 .   ? 3.248   13.968  -3.327  1.00 61.89  ? 227 HOH A O   1 
HETATM 1399 O O   . HOH B 2 .   ? -6.891  14.412  -12.229 1.00 69.16  ? 228 HOH A O   1 
HETATM 1400 O O   . HOH B 2 .   ? 0.878   -2.343  24.089  1.00 56.88  ? 229 HOH A O   1 
HETATM 1401 O O   . HOH B 2 .   ? 1.959   -5.802  -1.178  1.00 60.90  ? 230 HOH A O   1 
HETATM 1402 O O   . HOH B 2 .   ? -18.360 9.996   -24.477 1.00 65.60  ? 231 HOH A O   1 
HETATM 1403 O O   . HOH B 2 .   ? -6.270  -3.036  17.492  1.00 60.75  ? 232 HOH A O   1 
HETATM 1404 O O   . HOH B 2 .   ? -9.610  14.907  -14.057 1.00 70.32  ? 233 HOH A O   1 
HETATM 1405 O O   . HOH B 2 .   ? -16.363 -6.408  -28.943 1.00 58.46  ? 234 HOH A O   1 
HETATM 1406 O O   . HOH B 2 .   ? -8.720  -2.705  -27.846 1.00 45.06  ? 235 HOH A O   1 
HETATM 1407 O O   . HOH B 2 .   ? -7.743  5.104   14.750  1.00 65.46  ? 236 HOH A O   1 
HETATM 1408 O O   . HOH B 2 .   ? -13.654 3.639   -9.336  1.00 72.46  ? 237 HOH A O   1 
HETATM 1409 O O   . HOH B 2 .   ? -5.589  6.123   13.889  1.00 58.14  ? 238 HOH A O   1 
HETATM 1410 O O   . HOH B 2 .   ? 4.774   -8.760  28.736  1.00 57.54  ? 239 HOH A O   1 
HETATM 1411 O O   . HOH B 2 .   ? 12.350  3.015   26.103  1.00 69.03  ? 240 HOH A O   1 
HETATM 1412 O O   . HOH B 2 .   ? -14.954 -0.537  -9.277  1.00 64.90  ? 241 HOH A O   1 
HETATM 1413 O O   . HOH B 2 .   ? -14.675 0.862   -28.542 1.00 57.86  ? 242 HOH A O   1 
HETATM 1414 O O   . HOH B 2 .   ? -16.910 11.485  -24.815 1.00 58.61  ? 243 HOH A O   1 
HETATM 1415 O O   . HOH B 2 .   ? -7.195  -11.596 23.163  1.00 68.15  ? 244 HOH A O   1 
HETATM 1416 O O   . HOH B 2 .   ? -6.693  14.118  7.184   1.00 57.40  ? 245 HOH A O   1 
# 
